data_1ECO
# 
_entry.id   1ECO 
# 
_audit_conform.dict_name       mmcif_pdbx.dic 
_audit_conform.dict_version    5.385 
_audit_conform.dict_location   http://mmcif.pdb.org/dictionaries/ascii/mmcif_pdbx.dic 
# 
loop_
_database_2.database_id 
_database_2.database_code 
_database_2.pdbx_database_accession 
_database_2.pdbx_DOI 
PDB   1ECO         pdb_00001eco 10.2210/pdb1eco/pdb 
WWPDB D_1000173013 ?            ?                   
# 
loop_
_pdbx_audit_revision_history.ordinal 
_pdbx_audit_revision_history.data_content_type 
_pdbx_audit_revision_history.major_revision 
_pdbx_audit_revision_history.minor_revision 
_pdbx_audit_revision_history.revision_date 
1 'Structure model' 1 0 1979-07-05 
2 'Structure model' 1 1 2008-03-24 
3 'Structure model' 1 2 2011-07-13 
4 'Structure model' 1 3 2024-02-07 
# 
_pdbx_audit_revision_details.ordinal             1 
_pdbx_audit_revision_details.revision_ordinal    1 
_pdbx_audit_revision_details.data_content_type   'Structure model' 
_pdbx_audit_revision_details.provider            repository 
_pdbx_audit_revision_details.type                'Initial release' 
_pdbx_audit_revision_details.description         ? 
_pdbx_audit_revision_details.details             ? 
# 
loop_
_pdbx_audit_revision_group.ordinal 
_pdbx_audit_revision_group.revision_ordinal 
_pdbx_audit_revision_group.data_content_type 
_pdbx_audit_revision_group.group 
1 2 'Structure model' 'Version format compliance' 
2 3 'Structure model' 'Version format compliance' 
3 4 'Structure model' 'Data collection'           
4 4 'Structure model' 'Database references'       
5 4 'Structure model' 'Derived calculations'      
6 4 'Structure model' Other                       
# 
loop_
_pdbx_audit_revision_category.ordinal 
_pdbx_audit_revision_category.revision_ordinal 
_pdbx_audit_revision_category.data_content_type 
_pdbx_audit_revision_category.category 
1 4 'Structure model' chem_comp_atom         
2 4 'Structure model' chem_comp_bond         
3 4 'Structure model' database_2             
4 4 'Structure model' pdbx_database_status   
5 4 'Structure model' pdbx_struct_conn_angle 
6 4 'Structure model' struct_conn            
7 4 'Structure model' struct_site            
# 
loop_
_pdbx_audit_revision_item.ordinal 
_pdbx_audit_revision_item.revision_ordinal 
_pdbx_audit_revision_item.data_content_type 
_pdbx_audit_revision_item.item 
1  4 'Structure model' '_database_2.pdbx_DOI'                        
2  4 'Structure model' '_database_2.pdbx_database_accession'         
3  4 'Structure model' '_pdbx_database_status.process_site'          
4  4 'Structure model' '_pdbx_struct_conn_angle.ptnr1_auth_comp_id'  
5  4 'Structure model' '_pdbx_struct_conn_angle.ptnr1_auth_seq_id'   
6  4 'Structure model' '_pdbx_struct_conn_angle.ptnr1_label_asym_id' 
7  4 'Structure model' '_pdbx_struct_conn_angle.ptnr1_label_atom_id' 
8  4 'Structure model' '_pdbx_struct_conn_angle.ptnr1_label_comp_id' 
9  4 'Structure model' '_pdbx_struct_conn_angle.ptnr1_label_seq_id'  
10 4 'Structure model' '_pdbx_struct_conn_angle.ptnr3_auth_comp_id'  
11 4 'Structure model' '_pdbx_struct_conn_angle.ptnr3_auth_seq_id'   
12 4 'Structure model' '_pdbx_struct_conn_angle.ptnr3_label_asym_id' 
13 4 'Structure model' '_pdbx_struct_conn_angle.ptnr3_label_atom_id' 
14 4 'Structure model' '_pdbx_struct_conn_angle.ptnr3_label_comp_id' 
15 4 'Structure model' '_pdbx_struct_conn_angle.ptnr3_label_seq_id'  
16 4 'Structure model' '_pdbx_struct_conn_angle.value'               
17 4 'Structure model' '_struct_conn.pdbx_dist_value'                
18 4 'Structure model' '_struct_conn.ptnr1_auth_comp_id'             
19 4 'Structure model' '_struct_conn.ptnr1_auth_seq_id'              
20 4 'Structure model' '_struct_conn.ptnr1_label_asym_id'            
21 4 'Structure model' '_struct_conn.ptnr1_label_atom_id'            
22 4 'Structure model' '_struct_conn.ptnr1_label_comp_id'            
23 4 'Structure model' '_struct_conn.ptnr1_label_seq_id'             
24 4 'Structure model' '_struct_conn.ptnr2_auth_comp_id'             
25 4 'Structure model' '_struct_conn.ptnr2_auth_seq_id'              
26 4 'Structure model' '_struct_conn.ptnr2_label_asym_id'            
27 4 'Structure model' '_struct_conn.ptnr2_label_atom_id'            
28 4 'Structure model' '_struct_conn.ptnr2_label_comp_id'            
29 4 'Structure model' '_struct_conn.ptnr2_label_seq_id'             
30 4 'Structure model' '_struct_site.pdbx_auth_asym_id'              
31 4 'Structure model' '_struct_site.pdbx_auth_comp_id'              
32 4 'Structure model' '_struct_site.pdbx_auth_seq_id'               
# 
_pdbx_database_status.status_code                     REL 
_pdbx_database_status.entry_id                        1ECO 
_pdbx_database_status.recvd_initial_deposition_date   1979-03-07 
_pdbx_database_status.deposit_site                    ? 
_pdbx_database_status.process_site                    BNL 
_pdbx_database_status.SG_entry                        . 
_pdbx_database_status.pdb_format_compatible           Y 
_pdbx_database_status.status_code_mr                  ? 
_pdbx_database_status.status_code_sf                  ? 
_pdbx_database_status.status_code_cs                  ? 
_pdbx_database_status.status_code_nmr_data            ? 
_pdbx_database_status.methods_development_category    ? 
# 
loop_
_audit_author.name 
_audit_author.pdbx_ordinal 
'Steigemann, W.' 1 
'Weber, E.'      2 
# 
loop_
_citation.id 
_citation.title 
_citation.journal_abbrev 
_citation.journal_volume 
_citation.page_first 
_citation.page_last 
_citation.year 
_citation.journal_id_ASTM 
_citation.country 
_citation.journal_id_ISSN 
_citation.journal_id_CSD 
_citation.book_publisher 
_citation.pdbx_database_id_PubMed 
_citation.pdbx_database_id_DOI 
primary 'Structure of erythrocruorin in different ligand states refined at 1.4 A resolution.'                            
J.Mol.Biol.    127 309 338 1979 JMOBAK UK 0022-2836 0070 ? 430568 '10.1016/0022-2836(79)90332-2' 
1       'The Structure of Oxy-Erythrocruorin at 1.4 Angstroms Resolution'                                                
J.Mol.Biol.    120 327 ?   1978 JMOBAK UK 0022-2836 0070 ? ?      ?                              
2       'The Atomic Structure of Erythrocruorin in the Light of the Chemical Sequence and its Comparison with Myoglobin' 
Eur.J.Biochem. 19  42  ?   1971 EJBCAI IX 0014-2956 0262 ? ?      ?                              
3       'Structures of Deoxy-and Carbomonoxy-Erythrocruorin'                                                             
J.Mol.Biol.    52  349 ?   1970 JMOBAK UK 0022-2836 0070 ? ?      ?                              
# 
loop_
_citation_author.citation_id 
_citation_author.name 
_citation_author.ordinal 
_citation_author.identifier_ORCID 
primary 'Steigemann, W.' 1  ? 
primary 'Weber, E.'      2  ? 
1       'Weber, E.'      3  ? 
1       'Steigemann, W.' 4  ? 
1       'Jones, T.A.'    5  ? 
1       'Huber, R.'      6  ? 
2       'Huber, R.'      7  ? 
2       'Epp, O.'        8  ? 
2       'Steigemann, W.' 9  ? 
2       'Formanek, H.'   10 ? 
3       'Huber, R.'      11 ? 
3       'Epp, O.'        12 ? 
3       'Formanek, H.'   13 ? 
# 
loop_
_entity.id 
_entity.type 
_entity.src_method 
_entity.pdbx_description 
_entity.formula_weight 
_entity.pdbx_number_of_molecules 
_entity.pdbx_ec 
_entity.pdbx_mutation 
_entity.pdbx_fragment 
_entity.details 
1 polymer     man 'ERYTHROCRUORIN (CARBONMONOXY)'   14800.792 1  ? ? ? ? 
2 non-polymer syn 'PROTOPORPHYRIN IX CONTAINING FE' 616.487   1  ? ? ? ? 
3 non-polymer syn 'CARBON MONOXIDE'                 28.010    1  ? ? ? ? 
4 water       nat water                             18.015    94 ? ? ? ? 
# 
_entity_poly.entity_id                      1 
_entity_poly.type                           'polypeptide(L)' 
_entity_poly.nstd_linkage                   no 
_entity_poly.nstd_monomer                   no 
_entity_poly.pdbx_seq_one_letter_code       
;LSADQISTVQASFDKVKGDPVGILYAVFKADPSIMAKFTQFAGKDLESIKGTAPFETHANRIVGFFSKIIGELPNIEADV
NTFVASHKPRGVTHDQLNNFRAGFVSYMKAHTDFAGAEAAWGATLDTFFGMIFSKM
;
_entity_poly.pdbx_seq_one_letter_code_can   
;LSADQISTVQASFDKVKGDPVGILYAVFKADPSIMAKFTQFAGKDLESIKGTAPFETHANRIVGFFSKIIGELPNIEADV
NTFVASHKPRGVTHDQLNNFRAGFVSYMKAHTDFAGAEAAWGATLDTFFGMIFSKM
;
_entity_poly.pdbx_strand_id                 A 
_entity_poly.pdbx_target_identifier         ? 
# 
loop_
_pdbx_entity_nonpoly.entity_id 
_pdbx_entity_nonpoly.name 
_pdbx_entity_nonpoly.comp_id 
2 'PROTOPORPHYRIN IX CONTAINING FE' HEM 
3 'CARBON MONOXIDE'                 CMO 
4 water                             HOH 
# 
loop_
_entity_poly_seq.entity_id 
_entity_poly_seq.num 
_entity_poly_seq.mon_id 
_entity_poly_seq.hetero 
1 1   LEU n 
1 2   SER n 
1 3   ALA n 
1 4   ASP n 
1 5   GLN n 
1 6   ILE n 
1 7   SER n 
1 8   THR n 
1 9   VAL n 
1 10  GLN n 
1 11  ALA n 
1 12  SER n 
1 13  PHE n 
1 14  ASP n 
1 15  LYS n 
1 16  VAL n 
1 17  LYS n 
1 18  GLY n 
1 19  ASP n 
1 20  PRO n 
1 21  VAL n 
1 22  GLY n 
1 23  ILE n 
1 24  LEU n 
1 25  TYR n 
1 26  ALA n 
1 27  VAL n 
1 28  PHE n 
1 29  LYS n 
1 30  ALA n 
1 31  ASP n 
1 32  PRO n 
1 33  SER n 
1 34  ILE n 
1 35  MET n 
1 36  ALA n 
1 37  LYS n 
1 38  PHE n 
1 39  THR n 
1 40  GLN n 
1 41  PHE n 
1 42  ALA n 
1 43  GLY n 
1 44  LYS n 
1 45  ASP n 
1 46  LEU n 
1 47  GLU n 
1 48  SER n 
1 49  ILE n 
1 50  LYS n 
1 51  GLY n 
1 52  THR n 
1 53  ALA n 
1 54  PRO n 
1 55  PHE n 
1 56  GLU n 
1 57  THR n 
1 58  HIS n 
1 59  ALA n 
1 60  ASN n 
1 61  ARG n 
1 62  ILE n 
1 63  VAL n 
1 64  GLY n 
1 65  PHE n 
1 66  PHE n 
1 67  SER n 
1 68  LYS n 
1 69  ILE n 
1 70  ILE n 
1 71  GLY n 
1 72  GLU n 
1 73  LEU n 
1 74  PRO n 
1 75  ASN n 
1 76  ILE n 
1 77  GLU n 
1 78  ALA n 
1 79  ASP n 
1 80  VAL n 
1 81  ASN n 
1 82  THR n 
1 83  PHE n 
1 84  VAL n 
1 85  ALA n 
1 86  SER n 
1 87  HIS n 
1 88  LYS n 
1 89  PRO n 
1 90  ARG n 
1 91  GLY n 
1 92  VAL n 
1 93  THR n 
1 94  HIS n 
1 95  ASP n 
1 96  GLN n 
1 97  LEU n 
1 98  ASN n 
1 99  ASN n 
1 100 PHE n 
1 101 ARG n 
1 102 ALA n 
1 103 GLY n 
1 104 PHE n 
1 105 VAL n 
1 106 SER n 
1 107 TYR n 
1 108 MET n 
1 109 LYS n 
1 110 ALA n 
1 111 HIS n 
1 112 THR n 
1 113 ASP n 
1 114 PHE n 
1 115 ALA n 
1 116 GLY n 
1 117 ALA n 
1 118 GLU n 
1 119 ALA n 
1 120 ALA n 
1 121 TRP n 
1 122 GLY n 
1 123 ALA n 
1 124 THR n 
1 125 LEU n 
1 126 ASP n 
1 127 THR n 
1 128 PHE n 
1 129 PHE n 
1 130 GLY n 
1 131 MET n 
1 132 ILE n 
1 133 PHE n 
1 134 SER n 
1 135 LYS n 
1 136 MET n 
# 
_entity_src_gen.entity_id                          1 
_entity_src_gen.pdbx_src_id                        1 
_entity_src_gen.pdbx_alt_source_flag               sample 
_entity_src_gen.pdbx_seq_type                      ? 
_entity_src_gen.pdbx_beg_seq_num                   ? 
_entity_src_gen.pdbx_end_seq_num                   ? 
_entity_src_gen.gene_src_common_name               ? 
_entity_src_gen.gene_src_genus                     Chironomus 
_entity_src_gen.pdbx_gene_src_gene                 ? 
_entity_src_gen.gene_src_species                   'Chironomus thummi' 
_entity_src_gen.gene_src_strain                    thummi 
_entity_src_gen.gene_src_tissue                    ? 
_entity_src_gen.gene_src_tissue_fraction           ? 
_entity_src_gen.gene_src_details                   ? 
_entity_src_gen.pdbx_gene_src_fragment             ? 
_entity_src_gen.pdbx_gene_src_scientific_name      'Chironomus thummi thummi' 
_entity_src_gen.pdbx_gene_src_ncbi_taxonomy_id     7155 
_entity_src_gen.pdbx_gene_src_variant              ? 
_entity_src_gen.pdbx_gene_src_cell_line            ? 
_entity_src_gen.pdbx_gene_src_atcc                 ? 
_entity_src_gen.pdbx_gene_src_organ                ? 
_entity_src_gen.pdbx_gene_src_organelle            ? 
_entity_src_gen.pdbx_gene_src_cell                 ? 
_entity_src_gen.pdbx_gene_src_cellular_location    ? 
_entity_src_gen.host_org_common_name               ? 
_entity_src_gen.pdbx_host_org_scientific_name      ? 
_entity_src_gen.pdbx_host_org_ncbi_taxonomy_id     ? 
_entity_src_gen.host_org_genus                     ? 
_entity_src_gen.pdbx_host_org_gene                 ? 
_entity_src_gen.pdbx_host_org_organ                ? 
_entity_src_gen.host_org_species                   ? 
_entity_src_gen.pdbx_host_org_tissue               ? 
_entity_src_gen.pdbx_host_org_tissue_fraction      ? 
_entity_src_gen.pdbx_host_org_strain               ? 
_entity_src_gen.pdbx_host_org_variant              ? 
_entity_src_gen.pdbx_host_org_cell_line            ? 
_entity_src_gen.pdbx_host_org_atcc                 ? 
_entity_src_gen.pdbx_host_org_culture_collection   ? 
_entity_src_gen.pdbx_host_org_cell                 ? 
_entity_src_gen.pdbx_host_org_organelle            ? 
_entity_src_gen.pdbx_host_org_cellular_location    ? 
_entity_src_gen.pdbx_host_org_vector_type          ? 
_entity_src_gen.pdbx_host_org_vector               ? 
_entity_src_gen.host_org_details                   ? 
_entity_src_gen.expression_system_id               ? 
_entity_src_gen.plasmid_name                       ? 
_entity_src_gen.plasmid_details                    ? 
_entity_src_gen.pdbx_description                   ? 
# 
loop_
_chem_comp.id 
_chem_comp.type 
_chem_comp.mon_nstd_flag 
_chem_comp.name 
_chem_comp.pdbx_synonyms 
_chem_comp.formula 
_chem_comp.formula_weight 
ALA 'L-peptide linking' y ALANINE                           ?    'C3 H7 N O2'       89.093  
ARG 'L-peptide linking' y ARGININE                          ?    'C6 H15 N4 O2 1'   175.209 
ASN 'L-peptide linking' y ASPARAGINE                        ?    'C4 H8 N2 O3'      132.118 
ASP 'L-peptide linking' y 'ASPARTIC ACID'                   ?    'C4 H7 N O4'       133.103 
CMO non-polymer         . 'CARBON MONOXIDE'                 ?    'C O'              28.010  
GLN 'L-peptide linking' y GLUTAMINE                         ?    'C5 H10 N2 O3'     146.144 
GLU 'L-peptide linking' y 'GLUTAMIC ACID'                   ?    'C5 H9 N O4'       147.129 
GLY 'peptide linking'   y GLYCINE                           ?    'C2 H5 N O2'       75.067  
HEM non-polymer         . 'PROTOPORPHYRIN IX CONTAINING FE' HEME 'C34 H32 Fe N4 O4' 616.487 
HIS 'L-peptide linking' y HISTIDINE                         ?    'C6 H10 N3 O2 1'   156.162 
HOH non-polymer         . WATER                             ?    'H2 O'             18.015  
ILE 'L-peptide linking' y ISOLEUCINE                        ?    'C6 H13 N O2'      131.173 
LEU 'L-peptide linking' y LEUCINE                           ?    'C6 H13 N O2'      131.173 
LYS 'L-peptide linking' y LYSINE                            ?    'C6 H15 N2 O2 1'   147.195 
MET 'L-peptide linking' y METHIONINE                        ?    'C5 H11 N O2 S'    149.211 
PHE 'L-peptide linking' y PHENYLALANINE                     ?    'C9 H11 N O2'      165.189 
PRO 'L-peptide linking' y PROLINE                           ?    'C5 H9 N O2'       115.130 
SER 'L-peptide linking' y SERINE                            ?    'C3 H7 N O3'       105.093 
THR 'L-peptide linking' y THREONINE                         ?    'C4 H9 N O3'       119.119 
TRP 'L-peptide linking' y TRYPTOPHAN                        ?    'C11 H12 N2 O2'    204.225 
TYR 'L-peptide linking' y TYROSINE                          ?    'C9 H11 N O3'      181.189 
VAL 'L-peptide linking' y VALINE                            ?    'C5 H11 N O2'      117.146 
# 
loop_
_pdbx_poly_seq_scheme.asym_id 
_pdbx_poly_seq_scheme.entity_id 
_pdbx_poly_seq_scheme.seq_id 
_pdbx_poly_seq_scheme.mon_id 
_pdbx_poly_seq_scheme.ndb_seq_num 
_pdbx_poly_seq_scheme.pdb_seq_num 
_pdbx_poly_seq_scheme.auth_seq_num 
_pdbx_poly_seq_scheme.pdb_mon_id 
_pdbx_poly_seq_scheme.auth_mon_id 
_pdbx_poly_seq_scheme.pdb_strand_id 
_pdbx_poly_seq_scheme.pdb_ins_code 
_pdbx_poly_seq_scheme.hetero 
A 1 1   LEU 1   1   1   LEU LEU A . n 
A 1 2   SER 2   2   2   SER SER A . n 
A 1 3   ALA 3   3   3   ALA ALA A . n 
A 1 4   ASP 4   4   4   ASP ASP A . n 
A 1 5   GLN 5   5   5   GLN GLN A . n 
A 1 6   ILE 6   6   6   ILE ILE A . n 
A 1 7   SER 7   7   7   SER SER A . n 
A 1 8   THR 8   8   8   THR THR A . n 
A 1 9   VAL 9   9   9   VAL VAL A . n 
A 1 10  GLN 10  10  10  GLN GLN A . n 
A 1 11  ALA 11  11  11  ALA ALA A . n 
A 1 12  SER 12  12  12  SER SER A . n 
A 1 13  PHE 13  13  13  PHE PHE A . n 
A 1 14  ASP 14  14  14  ASP ASP A . n 
A 1 15  LYS 15  15  15  LYS LYS A . n 
A 1 16  VAL 16  16  16  VAL VAL A . n 
A 1 17  LYS 17  17  17  LYS LYS A . n 
A 1 18  GLY 18  18  18  GLY GLY A . n 
A 1 19  ASP 19  19  19  ASP ASP A . n 
A 1 20  PRO 20  20  20  PRO PRO A . n 
A 1 21  VAL 21  21  21  VAL VAL A . n 
A 1 22  GLY 22  22  22  GLY GLY A . n 
A 1 23  ILE 23  23  23  ILE ILE A . n 
A 1 24  LEU 24  24  24  LEU LEU A . n 
A 1 25  TYR 25  25  25  TYR TYR A . n 
A 1 26  ALA 26  26  26  ALA ALA A . n 
A 1 27  VAL 27  27  27  VAL VAL A . n 
A 1 28  PHE 28  28  28  PHE PHE A . n 
A 1 29  LYS 29  29  29  LYS LYS A . n 
A 1 30  ALA 30  30  30  ALA ALA A . n 
A 1 31  ASP 31  31  31  ASP ASP A . n 
A 1 32  PRO 32  32  32  PRO PRO A . n 
A 1 33  SER 33  33  33  SER SER A . n 
A 1 34  ILE 34  34  34  ILE ILE A . n 
A 1 35  MET 35  35  35  MET MET A . n 
A 1 36  ALA 36  36  36  ALA ALA A . n 
A 1 37  LYS 37  37  37  LYS LYS A . n 
A 1 38  PHE 38  38  38  PHE PHE A . n 
A 1 39  THR 39  39  39  THR THR A . n 
A 1 40  GLN 40  40  40  GLN GLN A . n 
A 1 41  PHE 41  41  41  PHE PHE A . n 
A 1 42  ALA 42  42  42  ALA ALA A . n 
A 1 43  GLY 43  43  43  GLY GLY A . n 
A 1 44  LYS 44  44  44  LYS LYS A . n 
A 1 45  ASP 45  45  45  ASP ASP A . n 
A 1 46  LEU 46  46  46  LEU LEU A . n 
A 1 47  GLU 47  47  47  GLU GLU A . n 
A 1 48  SER 48  48  48  SER SER A . n 
A 1 49  ILE 49  49  49  ILE ILE A . n 
A 1 50  LYS 50  50  50  LYS LYS A . n 
A 1 51  GLY 51  51  51  GLY GLY A . n 
A 1 52  THR 52  52  52  THR THR A . n 
A 1 53  ALA 53  53  53  ALA ALA A . n 
A 1 54  PRO 54  54  54  PRO PRO A . n 
A 1 55  PHE 55  55  55  PHE PHE A . n 
A 1 56  GLU 56  56  56  GLU GLU A . n 
A 1 57  THR 57  57  57  THR THR A . n 
A 1 58  HIS 58  58  58  HIS HIS A . n 
A 1 59  ALA 59  59  59  ALA ALA A . n 
A 1 60  ASN 60  60  60  ASN ASN A . n 
A 1 61  ARG 61  61  61  ARG ARG A . n 
A 1 62  ILE 62  62  62  ILE ILE A . n 
A 1 63  VAL 63  63  63  VAL VAL A . n 
A 1 64  GLY 64  64  64  GLY GLY A . n 
A 1 65  PHE 65  65  65  PHE PHE A . n 
A 1 66  PHE 66  66  66  PHE PHE A . n 
A 1 67  SER 67  67  67  SER SER A . n 
A 1 68  LYS 68  68  68  LYS LYS A . n 
A 1 69  ILE 69  69  69  ILE ILE A . n 
A 1 70  ILE 70  70  70  ILE ILE A . n 
A 1 71  GLY 71  71  71  GLY GLY A . n 
A 1 72  GLU 72  72  72  GLU GLU A . n 
A 1 73  LEU 73  73  73  LEU LEU A . n 
A 1 74  PRO 74  74  74  PRO PRO A . n 
A 1 75  ASN 75  75  75  ASN ASN A . n 
A 1 76  ILE 76  76  76  ILE ILE A . n 
A 1 77  GLU 77  77  77  GLU GLU A . n 
A 1 78  ALA 78  78  78  ALA ALA A . n 
A 1 79  ASP 79  79  79  ASP ASP A . n 
A 1 80  VAL 80  80  80  VAL VAL A . n 
A 1 81  ASN 81  81  81  ASN ASN A . n 
A 1 82  THR 82  82  82  THR THR A . n 
A 1 83  PHE 83  83  83  PHE PHE A . n 
A 1 84  VAL 84  84  84  VAL VAL A . n 
A 1 85  ALA 85  85  85  ALA ALA A . n 
A 1 86  SER 86  86  86  SER SER A . n 
A 1 87  HIS 87  87  87  HIS HIS A . n 
A 1 88  LYS 88  88  88  LYS LYS A . n 
A 1 89  PRO 89  89  89  PRO PRO A . n 
A 1 90  ARG 90  90  90  ARG ARG A . n 
A 1 91  GLY 91  91  91  GLY GLY A . n 
A 1 92  VAL 92  92  92  VAL VAL A . n 
A 1 93  THR 93  93  93  THR THR A . n 
A 1 94  HIS 94  94  94  HIS HIS A . n 
A 1 95  ASP 95  95  95  ASP ASP A . n 
A 1 96  GLN 96  96  96  GLN GLN A . n 
A 1 97  LEU 97  97  97  LEU LEU A . n 
A 1 98  ASN 98  98  98  ASN ASN A . n 
A 1 99  ASN 99  99  99  ASN ASN A . n 
A 1 100 PHE 100 100 100 PHE PHE A . n 
A 1 101 ARG 101 101 101 ARG ARG A . n 
A 1 102 ALA 102 102 102 ALA ALA A . n 
A 1 103 GLY 103 103 103 GLY GLY A . n 
A 1 104 PHE 104 104 104 PHE PHE A . n 
A 1 105 VAL 105 105 105 VAL VAL A . n 
A 1 106 SER 106 106 106 SER SER A . n 
A 1 107 TYR 107 107 107 TYR TYR A . n 
A 1 108 MET 108 108 108 MET MET A . n 
A 1 109 LYS 109 109 109 LYS LYS A . n 
A 1 110 ALA 110 110 110 ALA ALA A . n 
A 1 111 HIS 111 111 111 HIS HIS A . n 
A 1 112 THR 112 112 112 THR THR A . n 
A 1 113 ASP 113 113 113 ASP ASP A . n 
A 1 114 PHE 114 114 114 PHE PHE A . n 
A 1 115 ALA 115 115 115 ALA ALA A . n 
A 1 116 GLY 116 116 116 GLY GLY A . n 
A 1 117 ALA 117 117 117 ALA ALA A . n 
A 1 118 GLU 118 118 118 GLU GLU A . n 
A 1 119 ALA 119 119 119 ALA ALA A . n 
A 1 120 ALA 120 120 120 ALA ALA A . n 
A 1 121 TRP 121 121 121 TRP TRP A . n 
A 1 122 GLY 122 122 122 GLY GLY A . n 
A 1 123 ALA 123 123 123 ALA ALA A . n 
A 1 124 THR 124 124 124 THR THR A . n 
A 1 125 LEU 125 125 125 LEU LEU A . n 
A 1 126 ASP 126 126 126 ASP ASP A . n 
A 1 127 THR 127 127 127 THR THR A . n 
A 1 128 PHE 128 128 128 PHE PHE A . n 
A 1 129 PHE 129 129 129 PHE PHE A . n 
A 1 130 GLY 130 130 130 GLY GLY A . n 
A 1 131 MET 131 131 131 MET MET A . n 
A 1 132 ILE 132 132 132 ILE ILE A . n 
A 1 133 PHE 133 133 133 PHE PHE A . n 
A 1 134 SER 134 134 134 SER SER A . n 
A 1 135 LYS 135 135 135 LYS LYS A . n 
A 1 136 MET 136 136 136 MET MET A . n 
# 
loop_
_pdbx_nonpoly_scheme.asym_id 
_pdbx_nonpoly_scheme.entity_id 
_pdbx_nonpoly_scheme.mon_id 
_pdbx_nonpoly_scheme.ndb_seq_num 
_pdbx_nonpoly_scheme.pdb_seq_num 
_pdbx_nonpoly_scheme.auth_seq_num 
_pdbx_nonpoly_scheme.pdb_mon_id 
_pdbx_nonpoly_scheme.auth_mon_id 
_pdbx_nonpoly_scheme.pdb_strand_id 
_pdbx_nonpoly_scheme.pdb_ins_code 
B 2 HEM 1  137 1  HEM HEM A . 
C 3 CMO 1  138 1  CMO HEM A . 
D 4 HOH 1  139 2  HOH HOH A . 
D 4 HOH 2  140 3  HOH HOH A . 
D 4 HOH 3  141 4  HOH HOH A . 
D 4 HOH 4  142 5  HOH HOH A . 
D 4 HOH 5  143 6  HOH HOH A . 
D 4 HOH 6  144 7  HOH HOH A . 
D 4 HOH 7  145 8  HOH HOH A . 
D 4 HOH 8  146 9  HOH HOH A . 
D 4 HOH 9  147 10 HOH HOH A . 
D 4 HOH 10 148 11 HOH HOH A . 
D 4 HOH 11 149 12 HOH HOH A . 
D 4 HOH 12 150 13 HOH HOH A . 
D 4 HOH 13 151 14 HOH HOH A . 
D 4 HOH 14 152 15 HOH HOH A . 
D 4 HOH 15 153 16 HOH HOH A . 
D 4 HOH 16 154 17 HOH HOH A . 
D 4 HOH 17 155 18 HOH HOH A . 
D 4 HOH 18 156 19 HOH HOH A . 
D 4 HOH 19 157 20 HOH HOH A . 
D 4 HOH 20 158 21 HOH HOH A . 
D 4 HOH 21 159 22 HOH HOH A . 
D 4 HOH 22 160 23 HOH HOH A . 
D 4 HOH 23 161 24 HOH HOH A . 
D 4 HOH 24 162 25 HOH HOH A . 
D 4 HOH 25 163 26 HOH HOH A . 
D 4 HOH 26 164 27 HOH HOH A . 
D 4 HOH 27 165 28 HOH HOH A . 
D 4 HOH 28 166 29 HOH HOH A . 
D 4 HOH 29 167 30 HOH HOH A . 
D 4 HOH 30 168 31 HOH HOH A . 
D 4 HOH 31 169 32 HOH HOH A . 
D 4 HOH 32 170 33 HOH HOH A . 
D 4 HOH 33 171 34 HOH HOH A . 
D 4 HOH 34 172 35 HOH HOH A . 
D 4 HOH 35 173 36 HOH HOH A . 
D 4 HOH 36 174 37 HOH HOH A . 
D 4 HOH 37 175 38 HOH HOH A . 
D 4 HOH 38 176 39 HOH HOH A . 
D 4 HOH 39 177 40 HOH HOH A . 
D 4 HOH 40 178 41 HOH HOH A . 
D 4 HOH 41 179 42 HOH HOH A . 
D 4 HOH 42 180 43 HOH HOH A . 
D 4 HOH 43 181 44 HOH HOH A . 
D 4 HOH 44 182 45 HOH HOH A . 
D 4 HOH 45 183 46 HOH HOH A . 
D 4 HOH 46 184 47 HOH HOH A . 
D 4 HOH 47 185 48 HOH HOH A . 
D 4 HOH 48 186 49 HOH HOH A . 
D 4 HOH 49 187 50 HOH HOH A . 
D 4 HOH 50 188 51 HOH HOH A . 
D 4 HOH 51 189 52 HOH HOH A . 
D 4 HOH 52 190 53 HOH HOH A . 
D 4 HOH 53 191 54 HOH HOH A . 
D 4 HOH 54 192 55 HOH HOH A . 
D 4 HOH 55 193 56 HOH HOH A . 
D 4 HOH 56 194 57 HOH HOH A . 
D 4 HOH 57 195 58 HOH HOH A . 
D 4 HOH 58 196 59 HOH HOH A . 
D 4 HOH 59 197 60 HOH HOH A . 
D 4 HOH 60 198 61 HOH HOH A . 
D 4 HOH 61 199 62 HOH HOH A . 
D 4 HOH 62 200 63 HOH HOH A . 
D 4 HOH 63 201 64 HOH HOH A . 
D 4 HOH 64 202 65 HOH HOH A . 
D 4 HOH 65 203 66 HOH HOH A . 
D 4 HOH 66 204 67 HOH HOH A . 
D 4 HOH 67 205 68 HOH HOH A . 
D 4 HOH 68 206 69 HOH HOH A . 
D 4 HOH 69 207 70 HOH HOH A . 
D 4 HOH 70 208 71 HOH HOH A . 
D 4 HOH 71 209 72 HOH HOH A . 
D 4 HOH 72 210 73 HOH HOH A . 
D 4 HOH 73 211 74 HOH HOH A . 
D 4 HOH 74 212 75 HOH HOH A . 
D 4 HOH 75 213 76 HOH HOH A . 
D 4 HOH 76 214 77 HOH HOH A . 
D 4 HOH 77 215 78 HOH HOH A . 
D 4 HOH 78 216 79 HOH HOH A . 
D 4 HOH 79 217 80 HOH HOH A . 
D 4 HOH 80 218 81 HOH HOH A . 
D 4 HOH 81 219 82 HOH HOH A . 
D 4 HOH 82 220 83 HOH HOH A . 
D 4 HOH 83 221 84 HOH HOH A . 
D 4 HOH 84 222 85 HOH HOH A . 
D 4 HOH 85 223 86 HOH HOH A . 
D 4 HOH 86 224 87 HOH HOH A . 
D 4 HOH 87 225 88 HOH HOH A . 
D 4 HOH 88 226 89 HOH HOH A . 
D 4 HOH 89 227 90 HOH HOH A . 
D 4 HOH 90 228 91 HOH HOH A . 
D 4 HOH 91 229 92 HOH HOH A . 
D 4 HOH 92 230 93 HOH HOH A . 
D 4 HOH 93 231 94 HOH HOH A . 
D 4 HOH 94 232 95 HOH HOH A . 
# 
loop_
_pdbx_unobs_or_zero_occ_atoms.id 
_pdbx_unobs_or_zero_occ_atoms.PDB_model_num 
_pdbx_unobs_or_zero_occ_atoms.polymer_flag 
_pdbx_unobs_or_zero_occ_atoms.occupancy_flag 
_pdbx_unobs_or_zero_occ_atoms.auth_asym_id 
_pdbx_unobs_or_zero_occ_atoms.auth_comp_id 
_pdbx_unobs_or_zero_occ_atoms.auth_seq_id 
_pdbx_unobs_or_zero_occ_atoms.PDB_ins_code 
_pdbx_unobs_or_zero_occ_atoms.auth_atom_id 
_pdbx_unobs_or_zero_occ_atoms.label_alt_id 
_pdbx_unobs_or_zero_occ_atoms.label_asym_id 
_pdbx_unobs_or_zero_occ_atoms.label_comp_id 
_pdbx_unobs_or_zero_occ_atoms.label_seq_id 
_pdbx_unobs_or_zero_occ_atoms.label_atom_id 
1  1 Y 0 A LYS 15  ? CD  ? A LYS 15  CD  
2  1 Y 0 A LYS 15  ? CE  ? A LYS 15  CE  
3  1 Y 0 A LYS 15  ? NZ  ? A LYS 15  NZ  
4  1 Y 0 A LYS 29  ? CE  ? A LYS 29  CE  
5  1 Y 0 A LYS 29  ? NZ  ? A LYS 29  NZ  
6  1 Y 0 A LYS 37  ? CE  ? A LYS 37  CE  
7  1 Y 0 A LYS 37  ? NZ  ? A LYS 37  NZ  
8  1 Y 0 A GLN 40  ? CG  ? A GLN 40  CG  
9  1 Y 0 A GLN 40  ? CD  ? A GLN 40  CD  
10 1 Y 0 A GLN 40  ? OE1 ? A GLN 40  OE1 
11 1 Y 0 A GLN 40  ? NE2 ? A GLN 40  NE2 
12 1 Y 0 A LYS 44  ? CE  ? A LYS 44  CE  
13 1 Y 0 A LYS 44  ? NZ  ? A LYS 44  NZ  
14 1 Y 0 A LYS 50  ? NZ  ? A LYS 50  NZ  
15 1 Y 0 A GLU 77  ? OE1 ? A GLU 77  OE1 
16 1 Y 0 A LYS 88  ? CE  ? A LYS 88  CE  
17 1 Y 0 A LYS 88  ? NZ  ? A LYS 88  NZ  
18 1 Y 0 A ASP 95  ? OD1 ? A ASP 95  OD1 
19 1 Y 0 A LYS 109 ? CE  ? A LYS 109 CE  
20 1 Y 0 A LYS 109 ? NZ  ? A LYS 109 NZ  
21 1 Y 1 A ALA 115 ? CB  ? A ALA 115 CB  
22 1 N 0 A HEM 137 ? CBC ? B HEM ?   CBC 
# 
_cell.entry_id           1ECO 
_cell.length_a           54.300 
_cell.length_b           54.300 
_cell.length_c           35.600 
_cell.angle_alpha        90.00 
_cell.angle_beta         90.00 
_cell.angle_gamma        120.00 
_cell.Z_PDB              3 
_cell.pdbx_unique_axis   ? 
# 
_symmetry.entry_id                         1ECO 
_symmetry.space_group_name_H-M             'P 32' 
_symmetry.pdbx_full_space_group_name_H-M   ? 
_symmetry.cell_setting                     ? 
_symmetry.Int_Tables_number                145 
# 
_exptl.entry_id          1ECO 
_exptl.method            'X-RAY DIFFRACTION' 
_exptl.crystals_number   ? 
# 
_exptl_crystal.id                    1 
_exptl_crystal.density_meas          ? 
_exptl_crystal.density_Matthews      2.05 
_exptl_crystal.density_percent_sol   39.90 
_exptl_crystal.description           ? 
# 
_diffrn.id                     1 
_diffrn.crystal_id             1 
_diffrn.ambient_temp           ? 
_diffrn.ambient_temp_details   ? 
# 
_diffrn_radiation.diffrn_id                        1 
_diffrn_radiation.wavelength_id                    1 
_diffrn_radiation.pdbx_monochromatic_or_laue_m_l   ? 
_diffrn_radiation.monochromator                    ? 
_diffrn_radiation.pdbx_diffrn_protocol             ? 
_diffrn_radiation.pdbx_scattering_type             x-ray 
# 
_diffrn_radiation_wavelength.id           1 
_diffrn_radiation_wavelength.wavelength   . 
_diffrn_radiation_wavelength.wt           1.0 
# 
_refine.entry_id                                 1ECO 
_refine.ls_number_reflns_obs                     ? 
_refine.ls_number_reflns_all                     ? 
_refine.pdbx_ls_sigma_I                          ? 
_refine.pdbx_ls_sigma_F                          ? 
_refine.pdbx_data_cutoff_high_absF               ? 
_refine.pdbx_data_cutoff_low_absF                ? 
_refine.pdbx_data_cutoff_high_rms_absF           ? 
_refine.ls_d_res_low                             ? 
_refine.ls_d_res_high                            1.4 
_refine.ls_percent_reflns_obs                    ? 
_refine.ls_R_factor_obs                          ? 
_refine.ls_R_factor_all                          ? 
_refine.ls_R_factor_R_work                       ? 
_refine.ls_R_factor_R_free                       ? 
_refine.ls_R_factor_R_free_error                 ? 
_refine.ls_R_factor_R_free_error_details         ? 
_refine.ls_percent_reflns_R_free                 ? 
_refine.ls_number_reflns_R_free                  ? 
_refine.ls_number_parameters                     ? 
_refine.ls_number_restraints                     ? 
_refine.occupancy_min                            ? 
_refine.occupancy_max                            ? 
_refine.B_iso_mean                               ? 
_refine.aniso_B[1][1]                            ? 
_refine.aniso_B[2][2]                            ? 
_refine.aniso_B[3][3]                            ? 
_refine.aniso_B[1][2]                            ? 
_refine.aniso_B[1][3]                            ? 
_refine.aniso_B[2][3]                            ? 
_refine.solvent_model_details                    ? 
_refine.solvent_model_param_ksol                 ? 
_refine.solvent_model_param_bsol                 ? 
_refine.pdbx_ls_cross_valid_method               ? 
_refine.details                                  ? 
_refine.pdbx_starting_model                      ? 
_refine.pdbx_method_to_determine_struct          ? 
_refine.pdbx_isotropic_thermal_model             ? 
_refine.pdbx_stereochemistry_target_values       ? 
_refine.pdbx_stereochem_target_val_spec_case     ? 
_refine.pdbx_R_Free_selection_details            ? 
_refine.pdbx_overall_ESU_R                       ? 
_refine.pdbx_overall_ESU_R_Free                  ? 
_refine.overall_SU_ML                            ? 
_refine.overall_SU_B                             ? 
_refine.pdbx_refine_id                           'X-RAY DIFFRACTION' 
_refine.pdbx_diffrn_id                           1 
_refine.pdbx_TLS_residual_ADP_flag               ? 
_refine.correlation_coeff_Fo_to_Fc               ? 
_refine.correlation_coeff_Fo_to_Fc_free          ? 
_refine.pdbx_solvent_vdw_probe_radii             ? 
_refine.pdbx_solvent_ion_probe_radii             ? 
_refine.pdbx_solvent_shrinkage_radii             ? 
_refine.pdbx_overall_phase_error                 ? 
_refine.overall_SU_R_Cruickshank_DPI             ? 
_refine.pdbx_overall_SU_R_free_Cruickshank_DPI   ? 
_refine.pdbx_overall_SU_R_Blow_DPI               ? 
_refine.pdbx_overall_SU_R_free_Blow_DPI          ? 
# 
_refine_hist.pdbx_refine_id                   'X-RAY DIFFRACTION' 
_refine_hist.cycle_id                         LAST 
_refine_hist.pdbx_number_atoms_protein        1048 
_refine_hist.pdbx_number_atoms_nucleic_acid   0 
_refine_hist.pdbx_number_atoms_ligand         45 
_refine_hist.number_atoms_solvent             94 
_refine_hist.number_atoms_total               1187 
_refine_hist.d_res_high                       1.4 
_refine_hist.d_res_low                        . 
# 
_struct.entry_id                  1ECO 
_struct.title                     'STRUCTURE OF ERYTHROCRUORIN IN DIFFERENT LIGAND STATES REFINED AT 1.4 ANGSTROMS RESOLUTION' 
_struct.pdbx_model_details        ? 
_struct.pdbx_CASP_flag            ? 
_struct.pdbx_model_type_details   ? 
# 
_struct_keywords.entry_id        1ECO 
_struct_keywords.pdbx_keywords   'OXYGEN TRANSPORT' 
_struct_keywords.text            'OXYGEN TRANSPORT' 
# 
loop_
_struct_asym.id 
_struct_asym.pdbx_blank_PDB_chainid_flag 
_struct_asym.pdbx_modified 
_struct_asym.entity_id 
_struct_asym.details 
A N N 1 ? 
B N N 2 ? 
C N N 3 ? 
D N N 4 ? 
# 
_struct_ref.id                         1 
_struct_ref.db_name                    UNP 
_struct_ref.db_code                    GLB3_CHITH 
_struct_ref.pdbx_db_accession          P02229 
_struct_ref.entity_id                  1 
_struct_ref.pdbx_align_begin           16 
_struct_ref.pdbx_db_isoform            ? 
_struct_ref.pdbx_seq_one_letter_code   ? 
# 
_struct_ref_seq.align_id                      1 
_struct_ref_seq.ref_id                        1 
_struct_ref_seq.pdbx_PDB_id_code              1ECO 
_struct_ref_seq.pdbx_strand_id                A 
_struct_ref_seq.seq_align_beg                 1 
_struct_ref_seq.pdbx_seq_align_beg_ins_code   ? 
_struct_ref_seq.seq_align_end                 136 
_struct_ref_seq.pdbx_seq_align_end_ins_code   ? 
_struct_ref_seq.pdbx_db_accession             P02229 
_struct_ref_seq.db_align_beg                  16 
_struct_ref_seq.pdbx_db_align_beg_ins_code    ? 
_struct_ref_seq.db_align_end                  151 
_struct_ref_seq.pdbx_db_align_end_ins_code    ? 
_struct_ref_seq.pdbx_auth_seq_align_beg       1 
_struct_ref_seq.pdbx_auth_seq_align_end       136 
# 
_pdbx_struct_assembly.id                   1 
_pdbx_struct_assembly.details              author_defined_assembly 
_pdbx_struct_assembly.method_details       ? 
_pdbx_struct_assembly.oligomeric_details   monomeric 
_pdbx_struct_assembly.oligomeric_count     1 
# 
_pdbx_struct_assembly_gen.assembly_id       1 
_pdbx_struct_assembly_gen.oper_expression   1 
_pdbx_struct_assembly_gen.asym_id_list      A,B,C,D 
# 
_pdbx_struct_oper_list.id                   1 
_pdbx_struct_oper_list.type                 'identity operation' 
_pdbx_struct_oper_list.name                 1_555 
_pdbx_struct_oper_list.symmetry_operation   x,y,z 
_pdbx_struct_oper_list.matrix[1][1]         1.0000000000 
_pdbx_struct_oper_list.matrix[1][2]         0.0000000000 
_pdbx_struct_oper_list.matrix[1][3]         0.0000000000 
_pdbx_struct_oper_list.vector[1]            0.0000000000 
_pdbx_struct_oper_list.matrix[2][1]         0.0000000000 
_pdbx_struct_oper_list.matrix[2][2]         1.0000000000 
_pdbx_struct_oper_list.matrix[2][3]         0.0000000000 
_pdbx_struct_oper_list.vector[2]            0.0000000000 
_pdbx_struct_oper_list.matrix[3][1]         0.0000000000 
_pdbx_struct_oper_list.matrix[3][2]         0.0000000000 
_pdbx_struct_oper_list.matrix[3][3]         1.0000000000 
_pdbx_struct_oper_list.vector[3]            0.0000000000 
# 
_struct_biol.id   1 
# 
loop_
_struct_conf.conf_type_id 
_struct_conf.id 
_struct_conf.pdbx_PDB_helix_id 
_struct_conf.beg_label_comp_id 
_struct_conf.beg_label_asym_id 
_struct_conf.beg_label_seq_id 
_struct_conf.pdbx_beg_PDB_ins_code 
_struct_conf.end_label_comp_id 
_struct_conf.end_label_asym_id 
_struct_conf.end_label_seq_id 
_struct_conf.pdbx_end_PDB_ins_code 
_struct_conf.beg_auth_comp_id 
_struct_conf.beg_auth_asym_id 
_struct_conf.beg_auth_seq_id 
_struct_conf.end_auth_comp_id 
_struct_conf.end_auth_asym_id 
_struct_conf.end_auth_seq_id 
_struct_conf.pdbx_PDB_helix_class 
_struct_conf.details 
_struct_conf.pdbx_PDB_helix_length 
HELX_P HELX_P1 A  SER A 2   ? LYS A 17  ? SER A 2   LYS A 17  1 'FROM SER 12 ON DISTORTED TO 5' 16 
HELX_P HELX_P2 B  ASP A 19  ? ASP A 31  ? ASP A 19  ASP A 31  1 ?                               13 
HELX_P HELX_P3 C  ASP A 31  ? PHE A 38  ? ASP A 31  PHE A 38  5 ?                               8  
HELX_P HELX_P4 D  ASP A 45  ? LYS A 50  ? ASP A 45  LYS A 50  1 'DISTORTION TO TYPE 5'          6  
HELX_P HELX_P5 E  THR A 52  ? GLU A 72  ? THR A 52  GLU A 72  1 ?                               21 
HELX_P HELX_P6 F  ILE A 76  ? LYS A 88  ? ILE A 76  LYS A 88  1 'INCLUDES EF-REGION'            13 
HELX_P HELX_P7 FG HIS A 87  ? GLY A 91  ? HIS A 87  GLY A 91  5 ?                               5  
HELX_P HELX_P8 G  THR A 93  ? THR A 112 ? THR A 93  THR A 112 1 ?                               20 
HELX_P HELX_P9 H  ALA A 117 ? PHE A 133 ? ALA A 117 PHE A 133 1 ?                               17 
# 
_struct_conf_type.id          HELX_P 
_struct_conf_type.criteria    ? 
_struct_conf_type.reference   ? 
# 
loop_
_struct_conn.id 
_struct_conn.conn_type_id 
_struct_conn.pdbx_leaving_atom_flag 
_struct_conn.pdbx_PDB_id 
_struct_conn.ptnr1_label_asym_id 
_struct_conn.ptnr1_label_comp_id 
_struct_conn.ptnr1_label_seq_id 
_struct_conn.ptnr1_label_atom_id 
_struct_conn.pdbx_ptnr1_label_alt_id 
_struct_conn.pdbx_ptnr1_PDB_ins_code 
_struct_conn.pdbx_ptnr1_standard_comp_id 
_struct_conn.ptnr1_symmetry 
_struct_conn.ptnr2_label_asym_id 
_struct_conn.ptnr2_label_comp_id 
_struct_conn.ptnr2_label_seq_id 
_struct_conn.ptnr2_label_atom_id 
_struct_conn.pdbx_ptnr2_label_alt_id 
_struct_conn.pdbx_ptnr2_PDB_ins_code 
_struct_conn.ptnr1_auth_asym_id 
_struct_conn.ptnr1_auth_comp_id 
_struct_conn.ptnr1_auth_seq_id 
_struct_conn.ptnr2_auth_asym_id 
_struct_conn.ptnr2_auth_comp_id 
_struct_conn.ptnr2_auth_seq_id 
_struct_conn.ptnr2_symmetry 
_struct_conn.pdbx_ptnr3_label_atom_id 
_struct_conn.pdbx_ptnr3_label_seq_id 
_struct_conn.pdbx_ptnr3_label_comp_id 
_struct_conn.pdbx_ptnr3_label_asym_id 
_struct_conn.pdbx_ptnr3_label_alt_id 
_struct_conn.pdbx_ptnr3_PDB_ins_code 
_struct_conn.details 
_struct_conn.pdbx_dist_value 
_struct_conn.pdbx_value_order 
_struct_conn.pdbx_role 
metalc1 metalc ? ? A HIS 87 NE2 ? ? ? 1_555 B HEM . FE ? ? A HIS 87  A HEM 137 1_555 ? ? ? ? ? ? ? 2.118 ? ? 
metalc2 metalc ? ? B HEM .  FE  ? ? ? 1_555 C CMO . C  ? ? A HEM 137 A CMO 138 1_555 ? ? ? ? ? ? ? 2.401 ? ? 
# 
_struct_conn_type.id          metalc 
_struct_conn_type.criteria    ? 
_struct_conn_type.reference   ? 
# 
loop_
_pdbx_struct_conn_angle.id 
_pdbx_struct_conn_angle.ptnr1_label_atom_id 
_pdbx_struct_conn_angle.ptnr1_label_alt_id 
_pdbx_struct_conn_angle.ptnr1_label_asym_id 
_pdbx_struct_conn_angle.ptnr1_label_comp_id 
_pdbx_struct_conn_angle.ptnr1_label_seq_id 
_pdbx_struct_conn_angle.ptnr1_auth_atom_id 
_pdbx_struct_conn_angle.ptnr1_auth_asym_id 
_pdbx_struct_conn_angle.ptnr1_auth_comp_id 
_pdbx_struct_conn_angle.ptnr1_auth_seq_id 
_pdbx_struct_conn_angle.ptnr1_PDB_ins_code 
_pdbx_struct_conn_angle.ptnr1_symmetry 
_pdbx_struct_conn_angle.ptnr2_label_atom_id 
_pdbx_struct_conn_angle.ptnr2_label_alt_id 
_pdbx_struct_conn_angle.ptnr2_label_asym_id 
_pdbx_struct_conn_angle.ptnr2_label_comp_id 
_pdbx_struct_conn_angle.ptnr2_label_seq_id 
_pdbx_struct_conn_angle.ptnr2_auth_atom_id 
_pdbx_struct_conn_angle.ptnr2_auth_asym_id 
_pdbx_struct_conn_angle.ptnr2_auth_comp_id 
_pdbx_struct_conn_angle.ptnr2_auth_seq_id 
_pdbx_struct_conn_angle.ptnr2_PDB_ins_code 
_pdbx_struct_conn_angle.ptnr2_symmetry 
_pdbx_struct_conn_angle.ptnr3_label_atom_id 
_pdbx_struct_conn_angle.ptnr3_label_alt_id 
_pdbx_struct_conn_angle.ptnr3_label_asym_id 
_pdbx_struct_conn_angle.ptnr3_label_comp_id 
_pdbx_struct_conn_angle.ptnr3_label_seq_id 
_pdbx_struct_conn_angle.ptnr3_auth_atom_id 
_pdbx_struct_conn_angle.ptnr3_auth_asym_id 
_pdbx_struct_conn_angle.ptnr3_auth_comp_id 
_pdbx_struct_conn_angle.ptnr3_auth_seq_id 
_pdbx_struct_conn_angle.ptnr3_PDB_ins_code 
_pdbx_struct_conn_angle.ptnr3_symmetry 
_pdbx_struct_conn_angle.value 
_pdbx_struct_conn_angle.value_esd 
1  NE2 ? A HIS 87 ? A HIS 87  ? 1_555 FE ? B HEM . ? A HEM 137 ? 1_555 NA ? B HEM . ? A HEM 137 ? 1_555 98.3  ? 
2  NE2 ? A HIS 87 ? A HIS 87  ? 1_555 FE ? B HEM . ? A HEM 137 ? 1_555 NB ? B HEM . ? A HEM 137 ? 1_555 94.0  ? 
3  NA  ? B HEM .  ? A HEM 137 ? 1_555 FE ? B HEM . ? A HEM 137 ? 1_555 NB ? B HEM . ? A HEM 137 ? 1_555 90.2  ? 
4  NE2 ? A HIS 87 ? A HIS 87  ? 1_555 FE ? B HEM . ? A HEM 137 ? 1_555 NC ? B HEM . ? A HEM 137 ? 1_555 88.8  ? 
5  NA  ? B HEM .  ? A HEM 137 ? 1_555 FE ? B HEM . ? A HEM 137 ? 1_555 NC ? B HEM . ? A HEM 137 ? 1_555 172.8 ? 
6  NB  ? B HEM .  ? A HEM 137 ? 1_555 FE ? B HEM . ? A HEM 137 ? 1_555 NC ? B HEM . ? A HEM 137 ? 1_555 90.7  ? 
7  NE2 ? A HIS 87 ? A HIS 87  ? 1_555 FE ? B HEM . ? A HEM 137 ? 1_555 ND ? B HEM . ? A HEM 137 ? 1_555 92.3  ? 
8  NA  ? B HEM .  ? A HEM 137 ? 1_555 FE ? B HEM . ? A HEM 137 ? 1_555 ND ? B HEM . ? A HEM 137 ? 1_555 89.3  ? 
9  NB  ? B HEM .  ? A HEM 137 ? 1_555 FE ? B HEM . ? A HEM 137 ? 1_555 ND ? B HEM . ? A HEM 137 ? 1_555 173.7 ? 
10 NC  ? B HEM .  ? A HEM 137 ? 1_555 FE ? B HEM . ? A HEM 137 ? 1_555 ND ? B HEM . ? A HEM 137 ? 1_555 89.0  ? 
11 NE2 ? A HIS 87 ? A HIS 87  ? 1_555 FE ? B HEM . ? A HEM 137 ? 1_555 C  ? C CMO . ? A CMO 138 ? 1_555 171.7 ? 
12 NA  ? B HEM .  ? A HEM 137 ? 1_555 FE ? B HEM . ? A HEM 137 ? 1_555 C  ? C CMO . ? A CMO 138 ? 1_555 86.0  ? 
13 NB  ? B HEM .  ? A HEM 137 ? 1_555 FE ? B HEM . ? A HEM 137 ? 1_555 C  ? C CMO . ? A CMO 138 ? 1_555 78.9  ? 
14 NC  ? B HEM .  ? A HEM 137 ? 1_555 FE ? B HEM . ? A HEM 137 ? 1_555 C  ? C CMO . ? A CMO 138 ? 1_555 87.1  ? 
15 ND  ? B HEM .  ? A HEM 137 ? 1_555 FE ? B HEM . ? A HEM 137 ? 1_555 C  ? C CMO . ? A CMO 138 ? 1_555 94.8  ? 
# 
_struct_mon_prot_cis.pdbx_id                1 
_struct_mon_prot_cis.label_comp_id          LEU 
_struct_mon_prot_cis.label_seq_id           73 
_struct_mon_prot_cis.label_asym_id          A 
_struct_mon_prot_cis.label_alt_id           . 
_struct_mon_prot_cis.pdbx_PDB_ins_code      ? 
_struct_mon_prot_cis.auth_comp_id           LEU 
_struct_mon_prot_cis.auth_seq_id            73 
_struct_mon_prot_cis.auth_asym_id           A 
_struct_mon_prot_cis.pdbx_label_comp_id_2   PRO 
_struct_mon_prot_cis.pdbx_label_seq_id_2    74 
_struct_mon_prot_cis.pdbx_label_asym_id_2   A 
_struct_mon_prot_cis.pdbx_PDB_ins_code_2    ? 
_struct_mon_prot_cis.pdbx_auth_comp_id_2    PRO 
_struct_mon_prot_cis.pdbx_auth_seq_id_2     74 
_struct_mon_prot_cis.pdbx_auth_asym_id_2    A 
_struct_mon_prot_cis.pdbx_PDB_model_num     1 
_struct_mon_prot_cis.pdbx_omega_angle       -2.54 
# 
loop_
_struct_site.id 
_struct_site.pdbx_evidence_code 
_struct_site.pdbx_auth_asym_id 
_struct_site.pdbx_auth_comp_id 
_struct_site.pdbx_auth_seq_id 
_struct_site.pdbx_auth_ins_code 
_struct_site.pdbx_num_residues 
_struct_site.details 
AC1 Software A HEM 137 ? 20 'BINDING SITE FOR RESIDUE HEM A 137' 
AC2 Software A CMO 138 ? 3  'BINDING SITE FOR RESIDUE CMO A 138' 
# 
loop_
_struct_site_gen.id 
_struct_site_gen.site_id 
_struct_site_gen.pdbx_num_res 
_struct_site_gen.label_comp_id 
_struct_site_gen.label_asym_id 
_struct_site_gen.label_seq_id 
_struct_site_gen.pdbx_auth_ins_code 
_struct_site_gen.auth_comp_id 
_struct_site_gen.auth_asym_id 
_struct_site_gen.auth_seq_id 
_struct_site_gen.label_atom_id 
_struct_site_gen.label_alt_id 
_struct_site_gen.symmetry 
_struct_site_gen.details 
1  AC1 20 ASP A 4   ? ASP A 4   . ? 3_555 ? 
2  AC1 20 SER A 7   ? SER A 7   . ? 3_555 ? 
3  AC1 20 THR A 8   ? THR A 8   . ? 3_555 ? 
4  AC1 20 ILE A 34  ? ILE A 34  . ? 1_555 ? 
5  AC1 20 LYS A 37  ? LYS A 37  . ? 1_555 ? 
6  AC1 20 PHE A 38  ? PHE A 38  . ? 1_555 ? 
7  AC1 20 HIS A 58  ? HIS A 58  . ? 1_555 ? 
8  AC1 20 ARG A 61  ? ARG A 61  . ? 1_555 ? 
9  AC1 20 ILE A 62  ? ILE A 62  . ? 1_555 ? 
10 AC1 20 PHE A 65  ? PHE A 65  . ? 1_555 ? 
11 AC1 20 PHE A 83  ? PHE A 83  . ? 1_555 ? 
12 AC1 20 HIS A 87  ? HIS A 87  . ? 1_555 ? 
13 AC1 20 ARG A 90  ? ARG A 90  . ? 1_555 ? 
14 AC1 20 VAL A 92  ? VAL A 92  . ? 1_555 ? 
15 AC1 20 GLN A 96  ? GLN A 96  . ? 1_555 ? 
16 AC1 20 LEU A 97  ? LEU A 97  . ? 1_555 ? 
17 AC1 20 PHE A 100 ? PHE A 100 . ? 1_555 ? 
18 AC1 20 CMO C .   ? CMO A 138 . ? 1_555 ? 
19 AC1 20 HOH D .   ? HOH A 140 . ? 1_555 ? 
20 AC1 20 HOH D .   ? HOH A 199 . ? 1_555 ? 
21 AC2 3  PHE A 38  ? PHE A 38  . ? 1_555 ? 
22 AC2 3  ILE A 62  ? ILE A 62  . ? 1_555 ? 
23 AC2 3  HEM B .   ? HEM A 137 . ? 1_555 ? 
# 
loop_
_pdbx_validate_rmsd_bond.id 
_pdbx_validate_rmsd_bond.PDB_model_num 
_pdbx_validate_rmsd_bond.auth_atom_id_1 
_pdbx_validate_rmsd_bond.auth_asym_id_1 
_pdbx_validate_rmsd_bond.auth_comp_id_1 
_pdbx_validate_rmsd_bond.auth_seq_id_1 
_pdbx_validate_rmsd_bond.PDB_ins_code_1 
_pdbx_validate_rmsd_bond.label_alt_id_1 
_pdbx_validate_rmsd_bond.auth_atom_id_2 
_pdbx_validate_rmsd_bond.auth_asym_id_2 
_pdbx_validate_rmsd_bond.auth_comp_id_2 
_pdbx_validate_rmsd_bond.auth_seq_id_2 
_pdbx_validate_rmsd_bond.PDB_ins_code_2 
_pdbx_validate_rmsd_bond.label_alt_id_2 
_pdbx_validate_rmsd_bond.bond_value 
_pdbx_validate_rmsd_bond.bond_target_value 
_pdbx_validate_rmsd_bond.bond_deviation 
_pdbx_validate_rmsd_bond.bond_standard_deviation 
_pdbx_validate_rmsd_bond.linker_flag 
1 1 CG  A ASP 95  ? ? OD2 A ASP 95  ? ? 1.389 1.249 0.140  0.023 N 
2 1 NE1 A TRP 121 ? ? CE2 A TRP 121 ? ? 1.275 1.371 -0.096 0.013 N 
# 
loop_
_pdbx_validate_rmsd_angle.id 
_pdbx_validate_rmsd_angle.PDB_model_num 
_pdbx_validate_rmsd_angle.auth_atom_id_1 
_pdbx_validate_rmsd_angle.auth_asym_id_1 
_pdbx_validate_rmsd_angle.auth_comp_id_1 
_pdbx_validate_rmsd_angle.auth_seq_id_1 
_pdbx_validate_rmsd_angle.PDB_ins_code_1 
_pdbx_validate_rmsd_angle.label_alt_id_1 
_pdbx_validate_rmsd_angle.auth_atom_id_2 
_pdbx_validate_rmsd_angle.auth_asym_id_2 
_pdbx_validate_rmsd_angle.auth_comp_id_2 
_pdbx_validate_rmsd_angle.auth_seq_id_2 
_pdbx_validate_rmsd_angle.PDB_ins_code_2 
_pdbx_validate_rmsd_angle.label_alt_id_2 
_pdbx_validate_rmsd_angle.auth_atom_id_3 
_pdbx_validate_rmsd_angle.auth_asym_id_3 
_pdbx_validate_rmsd_angle.auth_comp_id_3 
_pdbx_validate_rmsd_angle.auth_seq_id_3 
_pdbx_validate_rmsd_angle.PDB_ins_code_3 
_pdbx_validate_rmsd_angle.label_alt_id_3 
_pdbx_validate_rmsd_angle.angle_value 
_pdbx_validate_rmsd_angle.angle_target_value 
_pdbx_validate_rmsd_angle.angle_deviation 
_pdbx_validate_rmsd_angle.angle_standard_deviation 
_pdbx_validate_rmsd_angle.linker_flag 
1  1 CB  A ASP 4   ? ? CG A ASP 4   ? ? OD1 A ASP 4   ? ? 124.88 118.30 6.58 0.90 N 
2  1 CB  A ASP 14  ? ? CG A ASP 14  ? ? OD1 A ASP 14  ? ? 125.00 118.30 6.70 0.90 N 
3  1 CB  A ASP 19  ? ? CG A ASP 19  ? ? OD1 A ASP 19  ? ? 124.75 118.30 6.45 0.90 N 
4  1 CB  A ASP 31  ? ? CG A ASP 31  ? ? OD1 A ASP 31  ? ? 124.76 118.30 6.46 0.90 N 
5  1 CB  A ASP 45  ? ? CG A ASP 45  ? ? OD1 A ASP 45  ? ? 124.89 118.30 6.59 0.90 N 
6  1 OE1 A GLU 72  ? ? CD A GLU 72  ? ? OE2 A GLU 72  ? ? 130.57 123.30 7.27 1.20 N 
7  1 CB  A ASP 79  ? ? CG A ASP 79  ? ? OD1 A ASP 79  ? ? 124.75 118.30 6.45 0.90 N 
8  1 CB  A ASP 95  ? ? CG A ASP 95  ? ? OD1 A ASP 95  ? ? 124.72 118.30 6.42 0.90 N 
9  1 CB  A ASP 113 ? ? CG A ASP 113 ? ? OD1 A ASP 113 ? ? 124.91 118.30 6.61 0.90 N 
10 1 CB  A ASP 126 ? ? CG A ASP 126 ? ? OD1 A ASP 126 ? ? 124.99 118.30 6.69 0.90 N 
# 
loop_
_chem_comp_atom.comp_id 
_chem_comp_atom.atom_id 
_chem_comp_atom.type_symbol 
_chem_comp_atom.pdbx_aromatic_flag 
_chem_comp_atom.pdbx_stereo_config 
_chem_comp_atom.pdbx_ordinal 
ALA N    N  N N 1   
ALA CA   C  N S 2   
ALA C    C  N N 3   
ALA O    O  N N 4   
ALA CB   C  N N 5   
ALA OXT  O  N N 6   
ALA H    H  N N 7   
ALA H2   H  N N 8   
ALA HA   H  N N 9   
ALA HB1  H  N N 10  
ALA HB2  H  N N 11  
ALA HB3  H  N N 12  
ALA HXT  H  N N 13  
ARG N    N  N N 14  
ARG CA   C  N S 15  
ARG C    C  N N 16  
ARG O    O  N N 17  
ARG CB   C  N N 18  
ARG CG   C  N N 19  
ARG CD   C  N N 20  
ARG NE   N  N N 21  
ARG CZ   C  N N 22  
ARG NH1  N  N N 23  
ARG NH2  N  N N 24  
ARG OXT  O  N N 25  
ARG H    H  N N 26  
ARG H2   H  N N 27  
ARG HA   H  N N 28  
ARG HB2  H  N N 29  
ARG HB3  H  N N 30  
ARG HG2  H  N N 31  
ARG HG3  H  N N 32  
ARG HD2  H  N N 33  
ARG HD3  H  N N 34  
ARG HE   H  N N 35  
ARG HH11 H  N N 36  
ARG HH12 H  N N 37  
ARG HH21 H  N N 38  
ARG HH22 H  N N 39  
ARG HXT  H  N N 40  
ASN N    N  N N 41  
ASN CA   C  N S 42  
ASN C    C  N N 43  
ASN O    O  N N 44  
ASN CB   C  N N 45  
ASN CG   C  N N 46  
ASN OD1  O  N N 47  
ASN ND2  N  N N 48  
ASN OXT  O  N N 49  
ASN H    H  N N 50  
ASN H2   H  N N 51  
ASN HA   H  N N 52  
ASN HB2  H  N N 53  
ASN HB3  H  N N 54  
ASN HD21 H  N N 55  
ASN HD22 H  N N 56  
ASN HXT  H  N N 57  
ASP N    N  N N 58  
ASP CA   C  N S 59  
ASP C    C  N N 60  
ASP O    O  N N 61  
ASP CB   C  N N 62  
ASP CG   C  N N 63  
ASP OD1  O  N N 64  
ASP OD2  O  N N 65  
ASP OXT  O  N N 66  
ASP H    H  N N 67  
ASP H2   H  N N 68  
ASP HA   H  N N 69  
ASP HB2  H  N N 70  
ASP HB3  H  N N 71  
ASP HD2  H  N N 72  
ASP HXT  H  N N 73  
CMO C    C  N N 74  
CMO O    O  N N 75  
GLN N    N  N N 76  
GLN CA   C  N S 77  
GLN C    C  N N 78  
GLN O    O  N N 79  
GLN CB   C  N N 80  
GLN CG   C  N N 81  
GLN CD   C  N N 82  
GLN OE1  O  N N 83  
GLN NE2  N  N N 84  
GLN OXT  O  N N 85  
GLN H    H  N N 86  
GLN H2   H  N N 87  
GLN HA   H  N N 88  
GLN HB2  H  N N 89  
GLN HB3  H  N N 90  
GLN HG2  H  N N 91  
GLN HG3  H  N N 92  
GLN HE21 H  N N 93  
GLN HE22 H  N N 94  
GLN HXT  H  N N 95  
GLU N    N  N N 96  
GLU CA   C  N S 97  
GLU C    C  N N 98  
GLU O    O  N N 99  
GLU CB   C  N N 100 
GLU CG   C  N N 101 
GLU CD   C  N N 102 
GLU OE1  O  N N 103 
GLU OE2  O  N N 104 
GLU OXT  O  N N 105 
GLU H    H  N N 106 
GLU H2   H  N N 107 
GLU HA   H  N N 108 
GLU HB2  H  N N 109 
GLU HB3  H  N N 110 
GLU HG2  H  N N 111 
GLU HG3  H  N N 112 
GLU HE2  H  N N 113 
GLU HXT  H  N N 114 
GLY N    N  N N 115 
GLY CA   C  N N 116 
GLY C    C  N N 117 
GLY O    O  N N 118 
GLY OXT  O  N N 119 
GLY H    H  N N 120 
GLY H2   H  N N 121 
GLY HA2  H  N N 122 
GLY HA3  H  N N 123 
GLY HXT  H  N N 124 
HEM CHA  C  N N 125 
HEM CHB  C  N N 126 
HEM CHC  C  N N 127 
HEM CHD  C  N N 128 
HEM C1A  C  Y N 129 
HEM C2A  C  Y N 130 
HEM C3A  C  Y N 131 
HEM C4A  C  Y N 132 
HEM CMA  C  N N 133 
HEM CAA  C  N N 134 
HEM CBA  C  N N 135 
HEM CGA  C  N N 136 
HEM O1A  O  N N 137 
HEM O2A  O  N N 138 
HEM C1B  C  N N 139 
HEM C2B  C  N N 140 
HEM C3B  C  N N 141 
HEM C4B  C  N N 142 
HEM CMB  C  N N 143 
HEM CAB  C  N N 144 
HEM CBB  C  N N 145 
HEM C1C  C  Y N 146 
HEM C2C  C  Y N 147 
HEM C3C  C  Y N 148 
HEM C4C  C  Y N 149 
HEM CMC  C  N N 150 
HEM CAC  C  N N 151 
HEM CBC  C  N N 152 
HEM C1D  C  N N 153 
HEM C2D  C  N N 154 
HEM C3D  C  N N 155 
HEM C4D  C  N N 156 
HEM CMD  C  N N 157 
HEM CAD  C  N N 158 
HEM CBD  C  N N 159 
HEM CGD  C  N N 160 
HEM O1D  O  N N 161 
HEM O2D  O  N N 162 
HEM NA   N  Y N 163 
HEM NB   N  N N 164 
HEM NC   N  Y N 165 
HEM ND   N  N N 166 
HEM FE   FE N N 167 
HEM HHB  H  N N 168 
HEM HHC  H  N N 169 
HEM HHD  H  N N 170 
HEM HMA  H  N N 171 
HEM HMAA H  N N 172 
HEM HMAB H  N N 173 
HEM HAA  H  N N 174 
HEM HAAA H  N N 175 
HEM HBA  H  N N 176 
HEM HBAA H  N N 177 
HEM HMB  H  N N 178 
HEM HMBA H  N N 179 
HEM HMBB H  N N 180 
HEM HAB  H  N N 181 
HEM HBB  H  N N 182 
HEM HBBA H  N N 183 
HEM HMC  H  N N 184 
HEM HMCA H  N N 185 
HEM HMCB H  N N 186 
HEM HAC  H  N N 187 
HEM HBC  H  N N 188 
HEM HBCA H  N N 189 
HEM HMD  H  N N 190 
HEM HMDA H  N N 191 
HEM HMDB H  N N 192 
HEM HAD  H  N N 193 
HEM HADA H  N N 194 
HEM HBD  H  N N 195 
HEM HBDA H  N N 196 
HEM H2A  H  N N 197 
HEM H2D  H  N N 198 
HEM HHA  H  N N 199 
HIS N    N  N N 200 
HIS CA   C  N S 201 
HIS C    C  N N 202 
HIS O    O  N N 203 
HIS CB   C  N N 204 
HIS CG   C  Y N 205 
HIS ND1  N  Y N 206 
HIS CD2  C  Y N 207 
HIS CE1  C  Y N 208 
HIS NE2  N  Y N 209 
HIS OXT  O  N N 210 
HIS H    H  N N 211 
HIS H2   H  N N 212 
HIS HA   H  N N 213 
HIS HB2  H  N N 214 
HIS HB3  H  N N 215 
HIS HD1  H  N N 216 
HIS HD2  H  N N 217 
HIS HE1  H  N N 218 
HIS HE2  H  N N 219 
HIS HXT  H  N N 220 
HOH O    O  N N 221 
HOH H1   H  N N 222 
HOH H2   H  N N 223 
ILE N    N  N N 224 
ILE CA   C  N S 225 
ILE C    C  N N 226 
ILE O    O  N N 227 
ILE CB   C  N S 228 
ILE CG1  C  N N 229 
ILE CG2  C  N N 230 
ILE CD1  C  N N 231 
ILE OXT  O  N N 232 
ILE H    H  N N 233 
ILE H2   H  N N 234 
ILE HA   H  N N 235 
ILE HB   H  N N 236 
ILE HG12 H  N N 237 
ILE HG13 H  N N 238 
ILE HG21 H  N N 239 
ILE HG22 H  N N 240 
ILE HG23 H  N N 241 
ILE HD11 H  N N 242 
ILE HD12 H  N N 243 
ILE HD13 H  N N 244 
ILE HXT  H  N N 245 
LEU N    N  N N 246 
LEU CA   C  N S 247 
LEU C    C  N N 248 
LEU O    O  N N 249 
LEU CB   C  N N 250 
LEU CG   C  N N 251 
LEU CD1  C  N N 252 
LEU CD2  C  N N 253 
LEU OXT  O  N N 254 
LEU H    H  N N 255 
LEU H2   H  N N 256 
LEU HA   H  N N 257 
LEU HB2  H  N N 258 
LEU HB3  H  N N 259 
LEU HG   H  N N 260 
LEU HD11 H  N N 261 
LEU HD12 H  N N 262 
LEU HD13 H  N N 263 
LEU HD21 H  N N 264 
LEU HD22 H  N N 265 
LEU HD23 H  N N 266 
LEU HXT  H  N N 267 
LYS N    N  N N 268 
LYS CA   C  N S 269 
LYS C    C  N N 270 
LYS O    O  N N 271 
LYS CB   C  N N 272 
LYS CG   C  N N 273 
LYS CD   C  N N 274 
LYS CE   C  N N 275 
LYS NZ   N  N N 276 
LYS OXT  O  N N 277 
LYS H    H  N N 278 
LYS H2   H  N N 279 
LYS HA   H  N N 280 
LYS HB2  H  N N 281 
LYS HB3  H  N N 282 
LYS HG2  H  N N 283 
LYS HG3  H  N N 284 
LYS HD2  H  N N 285 
LYS HD3  H  N N 286 
LYS HE2  H  N N 287 
LYS HE3  H  N N 288 
LYS HZ1  H  N N 289 
LYS HZ2  H  N N 290 
LYS HZ3  H  N N 291 
LYS HXT  H  N N 292 
MET N    N  N N 293 
MET CA   C  N S 294 
MET C    C  N N 295 
MET O    O  N N 296 
MET CB   C  N N 297 
MET CG   C  N N 298 
MET SD   S  N N 299 
MET CE   C  N N 300 
MET OXT  O  N N 301 
MET H    H  N N 302 
MET H2   H  N N 303 
MET HA   H  N N 304 
MET HB2  H  N N 305 
MET HB3  H  N N 306 
MET HG2  H  N N 307 
MET HG3  H  N N 308 
MET HE1  H  N N 309 
MET HE2  H  N N 310 
MET HE3  H  N N 311 
MET HXT  H  N N 312 
PHE N    N  N N 313 
PHE CA   C  N S 314 
PHE C    C  N N 315 
PHE O    O  N N 316 
PHE CB   C  N N 317 
PHE CG   C  Y N 318 
PHE CD1  C  Y N 319 
PHE CD2  C  Y N 320 
PHE CE1  C  Y N 321 
PHE CE2  C  Y N 322 
PHE CZ   C  Y N 323 
PHE OXT  O  N N 324 
PHE H    H  N N 325 
PHE H2   H  N N 326 
PHE HA   H  N N 327 
PHE HB2  H  N N 328 
PHE HB3  H  N N 329 
PHE HD1  H  N N 330 
PHE HD2  H  N N 331 
PHE HE1  H  N N 332 
PHE HE2  H  N N 333 
PHE HZ   H  N N 334 
PHE HXT  H  N N 335 
PRO N    N  N N 336 
PRO CA   C  N S 337 
PRO C    C  N N 338 
PRO O    O  N N 339 
PRO CB   C  N N 340 
PRO CG   C  N N 341 
PRO CD   C  N N 342 
PRO OXT  O  N N 343 
PRO H    H  N N 344 
PRO HA   H  N N 345 
PRO HB2  H  N N 346 
PRO HB3  H  N N 347 
PRO HG2  H  N N 348 
PRO HG3  H  N N 349 
PRO HD2  H  N N 350 
PRO HD3  H  N N 351 
PRO HXT  H  N N 352 
SER N    N  N N 353 
SER CA   C  N S 354 
SER C    C  N N 355 
SER O    O  N N 356 
SER CB   C  N N 357 
SER OG   O  N N 358 
SER OXT  O  N N 359 
SER H    H  N N 360 
SER H2   H  N N 361 
SER HA   H  N N 362 
SER HB2  H  N N 363 
SER HB3  H  N N 364 
SER HG   H  N N 365 
SER HXT  H  N N 366 
THR N    N  N N 367 
THR CA   C  N S 368 
THR C    C  N N 369 
THR O    O  N N 370 
THR CB   C  N R 371 
THR OG1  O  N N 372 
THR CG2  C  N N 373 
THR OXT  O  N N 374 
THR H    H  N N 375 
THR H2   H  N N 376 
THR HA   H  N N 377 
THR HB   H  N N 378 
THR HG1  H  N N 379 
THR HG21 H  N N 380 
THR HG22 H  N N 381 
THR HG23 H  N N 382 
THR HXT  H  N N 383 
TRP N    N  N N 384 
TRP CA   C  N S 385 
TRP C    C  N N 386 
TRP O    O  N N 387 
TRP CB   C  N N 388 
TRP CG   C  Y N 389 
TRP CD1  C  Y N 390 
TRP CD2  C  Y N 391 
TRP NE1  N  Y N 392 
TRP CE2  C  Y N 393 
TRP CE3  C  Y N 394 
TRP CZ2  C  Y N 395 
TRP CZ3  C  Y N 396 
TRP CH2  C  Y N 397 
TRP OXT  O  N N 398 
TRP H    H  N N 399 
TRP H2   H  N N 400 
TRP HA   H  N N 401 
TRP HB2  H  N N 402 
TRP HB3  H  N N 403 
TRP HD1  H  N N 404 
TRP HE1  H  N N 405 
TRP HE3  H  N N 406 
TRP HZ2  H  N N 407 
TRP HZ3  H  N N 408 
TRP HH2  H  N N 409 
TRP HXT  H  N N 410 
TYR N    N  N N 411 
TYR CA   C  N S 412 
TYR C    C  N N 413 
TYR O    O  N N 414 
TYR CB   C  N N 415 
TYR CG   C  Y N 416 
TYR CD1  C  Y N 417 
TYR CD2  C  Y N 418 
TYR CE1  C  Y N 419 
TYR CE2  C  Y N 420 
TYR CZ   C  Y N 421 
TYR OH   O  N N 422 
TYR OXT  O  N N 423 
TYR H    H  N N 424 
TYR H2   H  N N 425 
TYR HA   H  N N 426 
TYR HB2  H  N N 427 
TYR HB3  H  N N 428 
TYR HD1  H  N N 429 
TYR HD2  H  N N 430 
TYR HE1  H  N N 431 
TYR HE2  H  N N 432 
TYR HH   H  N N 433 
TYR HXT  H  N N 434 
VAL N    N  N N 435 
VAL CA   C  N S 436 
VAL C    C  N N 437 
VAL O    O  N N 438 
VAL CB   C  N N 439 
VAL CG1  C  N N 440 
VAL CG2  C  N N 441 
VAL OXT  O  N N 442 
VAL H    H  N N 443 
VAL H2   H  N N 444 
VAL HA   H  N N 445 
VAL HB   H  N N 446 
VAL HG11 H  N N 447 
VAL HG12 H  N N 448 
VAL HG13 H  N N 449 
VAL HG21 H  N N 450 
VAL HG22 H  N N 451 
VAL HG23 H  N N 452 
VAL HXT  H  N N 453 
# 
loop_
_chem_comp_bond.comp_id 
_chem_comp_bond.atom_id_1 
_chem_comp_bond.atom_id_2 
_chem_comp_bond.value_order 
_chem_comp_bond.pdbx_aromatic_flag 
_chem_comp_bond.pdbx_stereo_config 
_chem_comp_bond.pdbx_ordinal 
ALA N   CA   sing N N 1   
ALA N   H    sing N N 2   
ALA N   H2   sing N N 3   
ALA CA  C    sing N N 4   
ALA CA  CB   sing N N 5   
ALA CA  HA   sing N N 6   
ALA C   O    doub N N 7   
ALA C   OXT  sing N N 8   
ALA CB  HB1  sing N N 9   
ALA CB  HB2  sing N N 10  
ALA CB  HB3  sing N N 11  
ALA OXT HXT  sing N N 12  
ARG N   CA   sing N N 13  
ARG N   H    sing N N 14  
ARG N   H2   sing N N 15  
ARG CA  C    sing N N 16  
ARG CA  CB   sing N N 17  
ARG CA  HA   sing N N 18  
ARG C   O    doub N N 19  
ARG C   OXT  sing N N 20  
ARG CB  CG   sing N N 21  
ARG CB  HB2  sing N N 22  
ARG CB  HB3  sing N N 23  
ARG CG  CD   sing N N 24  
ARG CG  HG2  sing N N 25  
ARG CG  HG3  sing N N 26  
ARG CD  NE   sing N N 27  
ARG CD  HD2  sing N N 28  
ARG CD  HD3  sing N N 29  
ARG NE  CZ   sing N N 30  
ARG NE  HE   sing N N 31  
ARG CZ  NH1  sing N N 32  
ARG CZ  NH2  doub N N 33  
ARG NH1 HH11 sing N N 34  
ARG NH1 HH12 sing N N 35  
ARG NH2 HH21 sing N N 36  
ARG NH2 HH22 sing N N 37  
ARG OXT HXT  sing N N 38  
ASN N   CA   sing N N 39  
ASN N   H    sing N N 40  
ASN N   H2   sing N N 41  
ASN CA  C    sing N N 42  
ASN CA  CB   sing N N 43  
ASN CA  HA   sing N N 44  
ASN C   O    doub N N 45  
ASN C   OXT  sing N N 46  
ASN CB  CG   sing N N 47  
ASN CB  HB2  sing N N 48  
ASN CB  HB3  sing N N 49  
ASN CG  OD1  doub N N 50  
ASN CG  ND2  sing N N 51  
ASN ND2 HD21 sing N N 52  
ASN ND2 HD22 sing N N 53  
ASN OXT HXT  sing N N 54  
ASP N   CA   sing N N 55  
ASP N   H    sing N N 56  
ASP N   H2   sing N N 57  
ASP CA  C    sing N N 58  
ASP CA  CB   sing N N 59  
ASP CA  HA   sing N N 60  
ASP C   O    doub N N 61  
ASP C   OXT  sing N N 62  
ASP CB  CG   sing N N 63  
ASP CB  HB2  sing N N 64  
ASP CB  HB3  sing N N 65  
ASP CG  OD1  doub N N 66  
ASP CG  OD2  sing N N 67  
ASP OD2 HD2  sing N N 68  
ASP OXT HXT  sing N N 69  
CMO C   O    trip N N 70  
GLN N   CA   sing N N 71  
GLN N   H    sing N N 72  
GLN N   H2   sing N N 73  
GLN CA  C    sing N N 74  
GLN CA  CB   sing N N 75  
GLN CA  HA   sing N N 76  
GLN C   O    doub N N 77  
GLN C   OXT  sing N N 78  
GLN CB  CG   sing N N 79  
GLN CB  HB2  sing N N 80  
GLN CB  HB3  sing N N 81  
GLN CG  CD   sing N N 82  
GLN CG  HG2  sing N N 83  
GLN CG  HG3  sing N N 84  
GLN CD  OE1  doub N N 85  
GLN CD  NE2  sing N N 86  
GLN NE2 HE21 sing N N 87  
GLN NE2 HE22 sing N N 88  
GLN OXT HXT  sing N N 89  
GLU N   CA   sing N N 90  
GLU N   H    sing N N 91  
GLU N   H2   sing N N 92  
GLU CA  C    sing N N 93  
GLU CA  CB   sing N N 94  
GLU CA  HA   sing N N 95  
GLU C   O    doub N N 96  
GLU C   OXT  sing N N 97  
GLU CB  CG   sing N N 98  
GLU CB  HB2  sing N N 99  
GLU CB  HB3  sing N N 100 
GLU CG  CD   sing N N 101 
GLU CG  HG2  sing N N 102 
GLU CG  HG3  sing N N 103 
GLU CD  OE1  doub N N 104 
GLU CD  OE2  sing N N 105 
GLU OE2 HE2  sing N N 106 
GLU OXT HXT  sing N N 107 
GLY N   CA   sing N N 108 
GLY N   H    sing N N 109 
GLY N   H2   sing N N 110 
GLY CA  C    sing N N 111 
GLY CA  HA2  sing N N 112 
GLY CA  HA3  sing N N 113 
GLY C   O    doub N N 114 
GLY C   OXT  sing N N 115 
GLY OXT HXT  sing N N 116 
HEM CHA C1A  sing N N 117 
HEM CHA C4D  doub N N 118 
HEM CHA HHA  sing N N 119 
HEM CHB C4A  sing N N 120 
HEM CHB C1B  doub N N 121 
HEM CHB HHB  sing N N 122 
HEM CHC C4B  sing N N 123 
HEM CHC C1C  doub N N 124 
HEM CHC HHC  sing N N 125 
HEM CHD C4C  doub N N 126 
HEM CHD C1D  sing N N 127 
HEM CHD HHD  sing N N 128 
HEM C1A C2A  doub Y N 129 
HEM C1A NA   sing Y N 130 
HEM C2A C3A  sing Y N 131 
HEM C2A CAA  sing N N 132 
HEM C3A C4A  doub Y N 133 
HEM C3A CMA  sing N N 134 
HEM C4A NA   sing Y N 135 
HEM CMA HMA  sing N N 136 
HEM CMA HMAA sing N N 137 
HEM CMA HMAB sing N N 138 
HEM CAA CBA  sing N N 139 
HEM CAA HAA  sing N N 140 
HEM CAA HAAA sing N N 141 
HEM CBA CGA  sing N N 142 
HEM CBA HBA  sing N N 143 
HEM CBA HBAA sing N N 144 
HEM CGA O1A  doub N N 145 
HEM CGA O2A  sing N N 146 
HEM C1B C2B  sing N N 147 
HEM C1B NB   sing N N 148 
HEM C2B C3B  doub N N 149 
HEM C2B CMB  sing N N 150 
HEM C3B C4B  sing N N 151 
HEM C3B CAB  sing N N 152 
HEM C4B NB   doub N N 153 
HEM CMB HMB  sing N N 154 
HEM CMB HMBA sing N N 155 
HEM CMB HMBB sing N N 156 
HEM CAB CBB  doub N N 157 
HEM CAB HAB  sing N N 158 
HEM CBB HBB  sing N N 159 
HEM CBB HBBA sing N N 160 
HEM C1C C2C  sing Y N 161 
HEM C1C NC   sing Y N 162 
HEM C2C C3C  doub Y N 163 
HEM C2C CMC  sing N N 164 
HEM C3C C4C  sing Y N 165 
HEM C3C CAC  sing N N 166 
HEM C4C NC   sing Y N 167 
HEM CMC HMC  sing N N 168 
HEM CMC HMCA sing N N 169 
HEM CMC HMCB sing N N 170 
HEM CAC CBC  doub N N 171 
HEM CAC HAC  sing N N 172 
HEM CBC HBC  sing N N 173 
HEM CBC HBCA sing N N 174 
HEM C1D C2D  sing N N 175 
HEM C1D ND   doub N N 176 
HEM C2D C3D  doub N N 177 
HEM C2D CMD  sing N N 178 
HEM C3D C4D  sing N N 179 
HEM C3D CAD  sing N N 180 
HEM C4D ND   sing N N 181 
HEM CMD HMD  sing N N 182 
HEM CMD HMDA sing N N 183 
HEM CMD HMDB sing N N 184 
HEM CAD CBD  sing N N 185 
HEM CAD HAD  sing N N 186 
HEM CAD HADA sing N N 187 
HEM CBD CGD  sing N N 188 
HEM CBD HBD  sing N N 189 
HEM CBD HBDA sing N N 190 
HEM CGD O1D  doub N N 191 
HEM CGD O2D  sing N N 192 
HEM O2A H2A  sing N N 193 
HEM O2D H2D  sing N N 194 
HEM FE  NA   sing N N 195 
HEM FE  NB   sing N N 196 
HEM FE  NC   sing N N 197 
HEM FE  ND   sing N N 198 
HIS N   CA   sing N N 199 
HIS N   H    sing N N 200 
HIS N   H2   sing N N 201 
HIS CA  C    sing N N 202 
HIS CA  CB   sing N N 203 
HIS CA  HA   sing N N 204 
HIS C   O    doub N N 205 
HIS C   OXT  sing N N 206 
HIS CB  CG   sing N N 207 
HIS CB  HB2  sing N N 208 
HIS CB  HB3  sing N N 209 
HIS CG  ND1  sing Y N 210 
HIS CG  CD2  doub Y N 211 
HIS ND1 CE1  doub Y N 212 
HIS ND1 HD1  sing N N 213 
HIS CD2 NE2  sing Y N 214 
HIS CD2 HD2  sing N N 215 
HIS CE1 NE2  sing Y N 216 
HIS CE1 HE1  sing N N 217 
HIS NE2 HE2  sing N N 218 
HIS OXT HXT  sing N N 219 
HOH O   H1   sing N N 220 
HOH O   H2   sing N N 221 
ILE N   CA   sing N N 222 
ILE N   H    sing N N 223 
ILE N   H2   sing N N 224 
ILE CA  C    sing N N 225 
ILE CA  CB   sing N N 226 
ILE CA  HA   sing N N 227 
ILE C   O    doub N N 228 
ILE C   OXT  sing N N 229 
ILE CB  CG1  sing N N 230 
ILE CB  CG2  sing N N 231 
ILE CB  HB   sing N N 232 
ILE CG1 CD1  sing N N 233 
ILE CG1 HG12 sing N N 234 
ILE CG1 HG13 sing N N 235 
ILE CG2 HG21 sing N N 236 
ILE CG2 HG22 sing N N 237 
ILE CG2 HG23 sing N N 238 
ILE CD1 HD11 sing N N 239 
ILE CD1 HD12 sing N N 240 
ILE CD1 HD13 sing N N 241 
ILE OXT HXT  sing N N 242 
LEU N   CA   sing N N 243 
LEU N   H    sing N N 244 
LEU N   H2   sing N N 245 
LEU CA  C    sing N N 246 
LEU CA  CB   sing N N 247 
LEU CA  HA   sing N N 248 
LEU C   O    doub N N 249 
LEU C   OXT  sing N N 250 
LEU CB  CG   sing N N 251 
LEU CB  HB2  sing N N 252 
LEU CB  HB3  sing N N 253 
LEU CG  CD1  sing N N 254 
LEU CG  CD2  sing N N 255 
LEU CG  HG   sing N N 256 
LEU CD1 HD11 sing N N 257 
LEU CD1 HD12 sing N N 258 
LEU CD1 HD13 sing N N 259 
LEU CD2 HD21 sing N N 260 
LEU CD2 HD22 sing N N 261 
LEU CD2 HD23 sing N N 262 
LEU OXT HXT  sing N N 263 
LYS N   CA   sing N N 264 
LYS N   H    sing N N 265 
LYS N   H2   sing N N 266 
LYS CA  C    sing N N 267 
LYS CA  CB   sing N N 268 
LYS CA  HA   sing N N 269 
LYS C   O    doub N N 270 
LYS C   OXT  sing N N 271 
LYS CB  CG   sing N N 272 
LYS CB  HB2  sing N N 273 
LYS CB  HB3  sing N N 274 
LYS CG  CD   sing N N 275 
LYS CG  HG2  sing N N 276 
LYS CG  HG3  sing N N 277 
LYS CD  CE   sing N N 278 
LYS CD  HD2  sing N N 279 
LYS CD  HD3  sing N N 280 
LYS CE  NZ   sing N N 281 
LYS CE  HE2  sing N N 282 
LYS CE  HE3  sing N N 283 
LYS NZ  HZ1  sing N N 284 
LYS NZ  HZ2  sing N N 285 
LYS NZ  HZ3  sing N N 286 
LYS OXT HXT  sing N N 287 
MET N   CA   sing N N 288 
MET N   H    sing N N 289 
MET N   H2   sing N N 290 
MET CA  C    sing N N 291 
MET CA  CB   sing N N 292 
MET CA  HA   sing N N 293 
MET C   O    doub N N 294 
MET C   OXT  sing N N 295 
MET CB  CG   sing N N 296 
MET CB  HB2  sing N N 297 
MET CB  HB3  sing N N 298 
MET CG  SD   sing N N 299 
MET CG  HG2  sing N N 300 
MET CG  HG3  sing N N 301 
MET SD  CE   sing N N 302 
MET CE  HE1  sing N N 303 
MET CE  HE2  sing N N 304 
MET CE  HE3  sing N N 305 
MET OXT HXT  sing N N 306 
PHE N   CA   sing N N 307 
PHE N   H    sing N N 308 
PHE N   H2   sing N N 309 
PHE CA  C    sing N N 310 
PHE CA  CB   sing N N 311 
PHE CA  HA   sing N N 312 
PHE C   O    doub N N 313 
PHE C   OXT  sing N N 314 
PHE CB  CG   sing N N 315 
PHE CB  HB2  sing N N 316 
PHE CB  HB3  sing N N 317 
PHE CG  CD1  doub Y N 318 
PHE CG  CD2  sing Y N 319 
PHE CD1 CE1  sing Y N 320 
PHE CD1 HD1  sing N N 321 
PHE CD2 CE2  doub Y N 322 
PHE CD2 HD2  sing N N 323 
PHE CE1 CZ   doub Y N 324 
PHE CE1 HE1  sing N N 325 
PHE CE2 CZ   sing Y N 326 
PHE CE2 HE2  sing N N 327 
PHE CZ  HZ   sing N N 328 
PHE OXT HXT  sing N N 329 
PRO N   CA   sing N N 330 
PRO N   CD   sing N N 331 
PRO N   H    sing N N 332 
PRO CA  C    sing N N 333 
PRO CA  CB   sing N N 334 
PRO CA  HA   sing N N 335 
PRO C   O    doub N N 336 
PRO C   OXT  sing N N 337 
PRO CB  CG   sing N N 338 
PRO CB  HB2  sing N N 339 
PRO CB  HB3  sing N N 340 
PRO CG  CD   sing N N 341 
PRO CG  HG2  sing N N 342 
PRO CG  HG3  sing N N 343 
PRO CD  HD2  sing N N 344 
PRO CD  HD3  sing N N 345 
PRO OXT HXT  sing N N 346 
SER N   CA   sing N N 347 
SER N   H    sing N N 348 
SER N   H2   sing N N 349 
SER CA  C    sing N N 350 
SER CA  CB   sing N N 351 
SER CA  HA   sing N N 352 
SER C   O    doub N N 353 
SER C   OXT  sing N N 354 
SER CB  OG   sing N N 355 
SER CB  HB2  sing N N 356 
SER CB  HB3  sing N N 357 
SER OG  HG   sing N N 358 
SER OXT HXT  sing N N 359 
THR N   CA   sing N N 360 
THR N   H    sing N N 361 
THR N   H2   sing N N 362 
THR CA  C    sing N N 363 
THR CA  CB   sing N N 364 
THR CA  HA   sing N N 365 
THR C   O    doub N N 366 
THR C   OXT  sing N N 367 
THR CB  OG1  sing N N 368 
THR CB  CG2  sing N N 369 
THR CB  HB   sing N N 370 
THR OG1 HG1  sing N N 371 
THR CG2 HG21 sing N N 372 
THR CG2 HG22 sing N N 373 
THR CG2 HG23 sing N N 374 
THR OXT HXT  sing N N 375 
TRP N   CA   sing N N 376 
TRP N   H    sing N N 377 
TRP N   H2   sing N N 378 
TRP CA  C    sing N N 379 
TRP CA  CB   sing N N 380 
TRP CA  HA   sing N N 381 
TRP C   O    doub N N 382 
TRP C   OXT  sing N N 383 
TRP CB  CG   sing N N 384 
TRP CB  HB2  sing N N 385 
TRP CB  HB3  sing N N 386 
TRP CG  CD1  doub Y N 387 
TRP CG  CD2  sing Y N 388 
TRP CD1 NE1  sing Y N 389 
TRP CD1 HD1  sing N N 390 
TRP CD2 CE2  doub Y N 391 
TRP CD2 CE3  sing Y N 392 
TRP NE1 CE2  sing Y N 393 
TRP NE1 HE1  sing N N 394 
TRP CE2 CZ2  sing Y N 395 
TRP CE3 CZ3  doub Y N 396 
TRP CE3 HE3  sing N N 397 
TRP CZ2 CH2  doub Y N 398 
TRP CZ2 HZ2  sing N N 399 
TRP CZ3 CH2  sing Y N 400 
TRP CZ3 HZ3  sing N N 401 
TRP CH2 HH2  sing N N 402 
TRP OXT HXT  sing N N 403 
TYR N   CA   sing N N 404 
TYR N   H    sing N N 405 
TYR N   H2   sing N N 406 
TYR CA  C    sing N N 407 
TYR CA  CB   sing N N 408 
TYR CA  HA   sing N N 409 
TYR C   O    doub N N 410 
TYR C   OXT  sing N N 411 
TYR CB  CG   sing N N 412 
TYR CB  HB2  sing N N 413 
TYR CB  HB3  sing N N 414 
TYR CG  CD1  doub Y N 415 
TYR CG  CD2  sing Y N 416 
TYR CD1 CE1  sing Y N 417 
TYR CD1 HD1  sing N N 418 
TYR CD2 CE2  doub Y N 419 
TYR CD2 HD2  sing N N 420 
TYR CE1 CZ   doub Y N 421 
TYR CE1 HE1  sing N N 422 
TYR CE2 CZ   sing Y N 423 
TYR CE2 HE2  sing N N 424 
TYR CZ  OH   sing N N 425 
TYR OH  HH   sing N N 426 
TYR OXT HXT  sing N N 427 
VAL N   CA   sing N N 428 
VAL N   H    sing N N 429 
VAL N   H2   sing N N 430 
VAL CA  C    sing N N 431 
VAL CA  CB   sing N N 432 
VAL CA  HA   sing N N 433 
VAL C   O    doub N N 434 
VAL C   OXT  sing N N 435 
VAL CB  CG1  sing N N 436 
VAL CB  CG2  sing N N 437 
VAL CB  HB   sing N N 438 
VAL CG1 HG11 sing N N 439 
VAL CG1 HG12 sing N N 440 
VAL CG1 HG13 sing N N 441 
VAL CG2 HG21 sing N N 442 
VAL CG2 HG22 sing N N 443 
VAL CG2 HG23 sing N N 444 
VAL OXT HXT  sing N N 445 
# 
_atom_sites.entry_id                    1ECO 
_atom_sites.fract_transf_matrix[1][1]   0.01929520 
_atom_sites.fract_transf_matrix[1][2]   0.00379012 
_atom_sites.fract_transf_matrix[1][3]   0.00810082 
_atom_sites.fract_transf_matrix[2][1]   0.01223063 
_atom_sites.fract_transf_matrix[2][2]   0.01526140 
_atom_sites.fract_transf_matrix[2][3]   -0.00836149 
_atom_sites.fract_transf_matrix[3][1]   -0.01113588 
_atom_sites.fract_transf_matrix[3][2]   0.01867068 
_atom_sites.fract_transf_matrix[3][3]   0.01778893 
_atom_sites.fract_transf_vector[1]      0.214681 
_atom_sites.fract_transf_vector[2]      0.333497 
_atom_sites.fract_transf_vector[3]      0.580624 
# 
loop_
_atom_sites_footnote.id 
_atom_sites_footnote.text 
1 'RESIDUE PRO 74 IS A CIS-PROLINE.'                                                        
2 'AN OCCUPANCY OF 0.0 DENOTES ATOMS THAT HAVE NOT BEEN LOCALIZED IN THE ELECTRON DENSITY.' 
# 
loop_
_atom_type.symbol 
C  
FE 
N  
O  
S  
# 
loop_
_atom_site.group_PDB 
_atom_site.id 
_atom_site.type_symbol 
_atom_site.label_atom_id 
_atom_site.label_alt_id 
_atom_site.label_comp_id 
_atom_site.label_asym_id 
_atom_site.label_entity_id 
_atom_site.label_seq_id 
_atom_site.pdbx_PDB_ins_code 
_atom_site.Cartn_x 
_atom_site.Cartn_y 
_atom_site.Cartn_z 
_atom_site.occupancy 
_atom_site.B_iso_or_equiv 
_atom_site.pdbx_formal_charge 
_atom_site.auth_seq_id 
_atom_site.auth_comp_id 
_atom_site.auth_asym_id 
_atom_site.auth_atom_id 
_atom_site.pdbx_PDB_model_num 
ATOM   1    N  N   . LEU A 1 1   ? -17.525 5.006   -6.141  1.00 20.47 ? 1   LEU A N   1 
ATOM   2    C  CA  . LEU A 1 1   ? -17.139 3.647   -5.740  1.00 13.63 ? 1   LEU A CA  1 
ATOM   3    C  C   . LEU A 1 1   ? -18.386 2.825   -5.430  1.00 12.46 ? 1   LEU A C   1 
ATOM   4    O  O   . LEU A 1 1   ? -19.008 2.992   -4.376  1.00 15.07 ? 1   LEU A O   1 
ATOM   5    C  CB  . LEU A 1 1   ? -16.216 3.697   -4.506  1.00 17.55 ? 1   LEU A CB  1 
ATOM   6    C  CG  . LEU A 1 1   ? -15.335 2.496   -4.236  1.00 13.90 ? 1   LEU A CG  1 
ATOM   7    C  CD1 . LEU A 1 1   ? -14.487 2.210   -5.452  1.00 17.84 ? 1   LEU A CD1 1 
ATOM   8    C  CD2 . LEU A 1 1   ? -14.448 2.742   -3.042  1.00 15.61 ? 1   LEU A CD2 1 
ATOM   9    N  N   . SER A 1 2   ? -18.735 1.950   -6.350  1.00 15.42 ? 2   SER A N   1 
ATOM   10   C  CA  . SER A 1 2   ? -19.990 1.198   -6.247  1.00 15.28 ? 2   SER A CA  1 
ATOM   11   C  C   . SER A 1 2   ? -19.620 -0.272  -6.079  1.00 12.47 ? 2   SER A C   1 
ATOM   12   O  O   . SER A 1 2   ? -18.453 -0.654  -6.239  1.00 9.72  ? 2   SER A O   1 
ATOM   13   C  CB  . SER A 1 2   ? -20.840 1.410   -7.477  1.00 12.87 ? 2   SER A CB  1 
ATOM   14   O  OG  . SER A 1 2   ? -20.100 1.203   -8.677  1.00 22.09 ? 2   SER A OG  1 
ATOM   15   N  N   . ALA A 1 3   ? -20.615 -1.074  -5.754  1.00 15.32 ? 3   ALA A N   1 
ATOM   16   C  CA  . ALA A 1 3   ? -20.379 -2.496  -5.473  1.00 10.94 ? 3   ALA A CA  1 
ATOM   17   C  C   . ALA A 1 3   ? -19.658 -3.299  -6.552  1.00 9.48  ? 3   ALA A C   1 
ATOM   18   O  O   . ALA A 1 3   ? -18.894 -4.227  -6.250  1.00 9.67  ? 3   ALA A O   1 
ATOM   19   C  CB  . ALA A 1 3   ? -21.762 -3.143  -5.310  1.00 12.70 ? 3   ALA A CB  1 
ATOM   20   N  N   . ASP A 1 4   ? -19.909 -2.934  -7.791  1.00 10.63 ? 4   ASP A N   1 
ATOM   21   C  CA  . ASP A 1 4   ? -19.322 -3.662  -8.926  1.00 12.84 ? 4   ASP A CA  1 
ATOM   22   C  C   . ASP A 1 4   ? -17.811 -3.445  -8.937  1.00 10.74 ? 4   ASP A C   1 
ATOM   23   O  O   . ASP A 1 4   ? -17.039 -4.378  -9.188  1.00 10.99 ? 4   ASP A O   1 
ATOM   24   C  CB  . ASP A 1 4   ? -19.958 -3.173  -10.244 1.00 16.36 ? 4   ASP A CB  1 
ATOM   25   C  CG  . ASP A 1 4   ? -19.734 -1.703  -10.453 1.00 20.52 ? 4   ASP A CG  1 
ATOM   26   O  OD1 . ASP A 1 4   ? -19.227 -1.210  -11.444 1.00 41.40 ? 4   ASP A OD1 1 
ATOM   27   O  OD2 . ASP A 1 4   ? -20.149 -0.991  -9.582  1.00 22.78 ? 4   ASP A OD2 1 
ATOM   28   N  N   . GLN A 1 5   ? -17.413 -2.215  -8.660  1.00 11.80 ? 5   GLN A N   1 
ATOM   29   C  CA  . GLN A 1 5   ? -15.987 -1.858  -8.679  1.00 10.47 ? 5   GLN A CA  1 
ATOM   30   C  C   . GLN A 1 5   ? -15.319 -2.447  -7.437  1.00 10.24 ? 5   GLN A C   1 
ATOM   31   O  O   . GLN A 1 5   ? -14.143 -2.833  -7.473  1.00 9.59  ? 5   GLN A O   1 
ATOM   32   C  CB  . GLN A 1 5   ? -15.771 -0.322  -8.687  1.00 11.11 ? 5   GLN A CB  1 
ATOM   33   C  CG  . GLN A 1 5   ? -16.208 0.428   -9.960  1.00 12.39 ? 5   GLN A CG  1 
ATOM   34   C  CD  . GLN A 1 5   ? -15.959 1.981   -9.931  1.00 11.11 ? 5   GLN A CD  1 
ATOM   35   O  OE1 . GLN A 1 5   ? -15.351 2.538   -10.795 1.00 22.47 ? 5   GLN A OE1 1 
ATOM   36   N  NE2 . GLN A 1 5   ? -16.488 2.430   -8.920  1.00 14.64 ? 5   GLN A NE2 1 
ATOM   37   N  N   . ILE A 1 6   ? -16.078 -2.503  -6.355  1.00 10.41 ? 6   ILE A N   1 
ATOM   38   C  CA  . ILE A 1 6   ? -15.510 -2.941  -5.046  1.00 9.91  ? 6   ILE A CA  1 
ATOM   39   C  C   . ILE A 1 6   ? -15.229 -4.437  -5.166  1.00 9.67  ? 6   ILE A C   1 
ATOM   40   O  O   . ILE A 1 6   ? -14.200 -4.931  -4.683  1.00 9.60  ? 6   ILE A O   1 
ATOM   41   C  CB  . ILE A 1 6   ? -16.519 -2.707  -3.905  1.00 10.93 ? 6   ILE A CB  1 
ATOM   42   C  CG1 . ILE A 1 6   ? -16.598 -1.218  -3.482  1.00 12.54 ? 6   ILE A CG1 1 
ATOM   43   C  CG2 . ILE A 1 6   ? -16.005 -3.687  -2.849  1.00 9.41  ? 6   ILE A CG2 1 
ATOM   44   C  CD1 . ILE A 1 6   ? -17.831 -0.886  -2.619  1.00 15.63 ? 6   ILE A CD1 1 
ATOM   45   N  N   . SER A 1 7   ? -16.146 -5.134  -5.807  1.00 10.66 ? 7   SER A N   1 
ATOM   46   C  CA  . SER A 1 7   ? -16.000 -6.587  -5.977  1.00 10.94 ? 7   SER A CA  1 
ATOM   47   C  C   . SER A 1 7   ? -14.856 -6.941  -6.907  1.00 9.00  ? 7   SER A C   1 
ATOM   48   O  O   . SER A 1 7   ? -14.163 -7.922  -6.678  1.00 10.37 ? 7   SER A O   1 
ATOM   49   C  CB  . SER A 1 7   ? -17.279 -7.179  -6.534  1.00 11.05 ? 7   SER A CB  1 
ATOM   50   O  OG  . SER A 1 7   ? -17.568 -6.699  -7.842  1.00 13.80 ? 7   SER A OG  1 
ATOM   51   N  N   . THR A 1 8   ? -14.681 -6.122  -7.926  1.00 10.28 ? 8   THR A N   1 
ATOM   52   C  CA  . THR A 1 8   ? -13.544 -6.274  -8.826  1.00 11.49 ? 8   THR A CA  1 
ATOM   53   C  C   . THR A 1 8   ? -12.187 -6.107  -8.145  1.00 9.37  ? 8   THR A C   1 
ATOM   54   O  O   . THR A 1 8   ? -11.259 -6.893  -8.379  1.00 9.03  ? 8   THR A O   1 
ATOM   55   C  CB  . THR A 1 8   ? -13.711 -5.243  -9.956  1.00 9.51  ? 8   THR A CB  1 
ATOM   56   O  OG1 . THR A 1 8   ? -14.896 -5.657  -10.628 1.00 12.53 ? 8   THR A OG1 1 
ATOM   57   C  CG2 . THR A 1 8   ? -12.545 -5.237  -10.904 1.00 10.36 ? 8   THR A CG2 1 
ATOM   58   N  N   . VAL A 1 9   ? -12.084 -5.094  -7.324  1.00 10.81 ? 9   VAL A N   1 
ATOM   59   C  CA  . VAL A 1 9   ? -10.819 -4.806  -6.637  1.00 10.87 ? 9   VAL A CA  1 
ATOM   60   C  C   . VAL A 1 9   ? -10.503 -5.917  -5.639  1.00 10.08 ? 9   VAL A C   1 
ATOM   61   O  O   . VAL A 1 9   ? -9.340  -6.273  -5.443  1.00 9.98  ? 9   VAL A O   1 
ATOM   62   C  CB  . VAL A 1 9   ? -10.917 -3.475  -5.930  1.00 12.94 ? 9   VAL A CB  1 
ATOM   63   C  CG1 . VAL A 1 9   ? -10.064 -3.355  -4.660  1.00 16.34 ? 9   VAL A CG1 1 
ATOM   64   C  CG2 . VAL A 1 9   ? -10.718 -2.319  -6.870  1.00 11.45 ? 9   VAL A CG2 1 
ATOM   65   N  N   . GLN A 1 10  ? -11.534 -6.461  -5.039  1.00 10.58 ? 10  GLN A N   1 
ATOM   66   C  CA  . GLN A 1 10  ? -11.356 -7.375  -3.898  1.00 11.14 ? 10  GLN A CA  1 
ATOM   67   C  C   . GLN A 1 10  ? -11.035 -8.739  -4.412  1.00 9.57  ? 10  GLN A C   1 
ATOM   68   O  O   . GLN A 1 10  ? -10.251 -9.480  -3.809  1.00 11.10 ? 10  GLN A O   1 
ATOM   69   C  CB  . GLN A 1 10  ? -12.640 -7.456  -3.024  1.00 11.14 ? 10  GLN A CB  1 
ATOM   70   C  CG  . GLN A 1 10  ? -12.962 -6.232  -2.154  1.00 11.50 ? 10  GLN A CG  1 
ATOM   71   C  CD  . GLN A 1 10  ? -14.356 -6.286  -1.430  1.00 10.30 ? 10  GLN A CD  1 
ATOM   72   O  OE1 . GLN A 1 10  ? -14.573 -5.658  -0.441  1.00 13.61 ? 10  GLN A OE1 1 
ATOM   73   N  NE2 . GLN A 1 10  ? -15.088 -7.043  -2.068  1.00 11.52 ? 10  GLN A NE2 1 
ATOM   74   N  N   . ALA A 1 11  ? -11.633 -9.070  -5.540  1.00 12.16 ? 11  ALA A N   1 
ATOM   75   C  CA  . ALA A 1 11  ? -11.191 -10.236 -6.316  1.00 10.92 ? 11  ALA A CA  1 
ATOM   76   C  C   . ALA A 1 11  ? -9.747  -10.124 -6.803  1.00 12.65 ? 11  ALA A C   1 
ATOM   77   O  O   . ALA A 1 11  ? -8.982  -11.097 -6.751  1.00 10.46 ? 11  ALA A O   1 
ATOM   78   C  CB  . ALA A 1 11  ? -12.061 -10.323 -7.581  1.00 10.70 ? 11  ALA A CB  1 
ATOM   79   N  N   . SER A 1 12  ? -9.394  -8.939  -7.267  1.00 12.07 ? 12  SER A N   1 
ATOM   80   C  CA  . SER A 1 12  ? -8.015  -8.681  -7.714  1.00 13.47 ? 12  SER A CA  1 
ATOM   81   C  C   . SER A 1 12  ? -7.006  -8.795  -6.598  1.00 10.40 ? 12  SER A C   1 
ATOM   82   O  O   . SER A 1 12  ? -5.970  -9.435  -6.763  1.00 11.06 ? 12  SER A O   1 
ATOM   83   C  CB  . SER A 1 12  ? -7.909  -7.298  -8.317  1.00 11.11 ? 12  SER A CB  1 
ATOM   84   O  OG  . SER A 1 12  ? -6.576  -6.959  -8.625  1.00 11.65 ? 12  SER A OG  1 
ATOM   85   N  N   . PHE A 1 13  ? -7.317  -8.168  -5.479  1.00 10.86 ? 13  PHE A N   1 
ATOM   86   C  CA  . PHE A 1 13  ? -6.436  -8.217  -4.314  1.00 13.09 ? 13  PHE A CA  1 
ATOM   87   C  C   . PHE A 1 13  ? -6.259  -9.595  -3.679  1.00 13.24 ? 13  PHE A C   1 
ATOM   88   O  O   . PHE A 1 13  ? -5.201  -9.905  -3.121  1.00 11.19 ? 13  PHE A O   1 
ATOM   89   C  CB  . PHE A 1 13  ? -6.955  -7.267  -3.250  1.00 10.51 ? 13  PHE A CB  1 
ATOM   90   C  CG  . PHE A 1 13  ? -5.958  -7.012  -2.163  1.00 10.54 ? 13  PHE A CG  1 
ATOM   91   C  CD1 . PHE A 1 13  ? -6.240  -7.417  -0.916  1.00 11.45 ? 13  PHE A CD1 1 
ATOM   92   C  CD2 . PHE A 1 13  ? -4.733  -6.463  -2.422  1.00 11.29 ? 13  PHE A CD2 1 
ATOM   93   C  CE1 . PHE A 1 13  ? -5.323  -7.224  0.149   1.00 15.54 ? 13  PHE A CE1 1 
ATOM   94   C  CE2 . PHE A 1 13  ? -3.797  -6.314  -1.347  1.00 14.30 ? 13  PHE A CE2 1 
ATOM   95   C  CZ  . PHE A 1 13  ? -4.116  -6.665  -0.102  1.00 14.72 ? 13  PHE A CZ  1 
ATOM   96   N  N   . ASP A 1 14  ? -7.294  -10.400 -3.775  1.00 11.93 ? 14  ASP A N   1 
ATOM   97   C  CA  . ASP A 1 14  ? -7.265  -11.743 -3.184  1.00 14.72 ? 14  ASP A CA  1 
ATOM   98   C  C   . ASP A 1 14  ? -6.156  -12.600 -3.791  1.00 11.61 ? 14  ASP A C   1 
ATOM   99   O  O   . ASP A 1 14  ? -5.589  -13.469 -3.121  1.00 12.54 ? 14  ASP A O   1 
ATOM   100  C  CB  . ASP A 1 14  ? -8.624  -12.428 -3.383  1.00 12.48 ? 14  ASP A CB  1 
ATOM   101  C  CG  . ASP A 1 14  ? -8.798  -13.584 -2.435  1.00 12.13 ? 14  ASP A CG  1 
ATOM   102  O  OD1 . ASP A 1 14  ? -9.019  -14.730 -2.768  1.00 15.98 ? 14  ASP A OD1 1 
ATOM   103  O  OD2 . ASP A 1 14  ? -8.636  -13.331 -1.276  1.00 16.23 ? 14  ASP A OD2 1 
ATOM   104  N  N   . LYS A 1 15  ? -5.861  -12.345 -5.050  1.00 13.21 ? 15  LYS A N   1 
ATOM   105  C  CA  . LYS A 1 15  ? -4.752  -13.033 -5.726  1.00 13.54 ? 15  LYS A CA  1 
ATOM   106  C  C   . LYS A 1 15  ? -3.336  -12.768 -5.211  1.00 13.70 ? 15  LYS A C   1 
ATOM   107  O  O   . LYS A 1 15  ? -2.441  -13.606 -5.364  1.00 13.50 ? 15  LYS A O   1 
ATOM   108  C  CB  . LYS A 1 15  ? -4.706  -12.686 -7.209  1.00 17.60 ? 15  LYS A CB  1 
ATOM   109  C  CG  . LYS A 1 15  ? -5.919  -13.113 -7.990  1.00 18.31 ? 15  LYS A CG  1 
ATOM   110  C  CD  . LYS A 1 15  ? -6.062  -12.294 -9.269  0.00 0.00  ? 15  LYS A CD  1 
ATOM   111  C  CE  . LYS A 1 15  ? -6.389  -13.176 -10.459 0.00 0.00  ? 15  LYS A CE  1 
ATOM   112  N  NZ  . LYS A 1 15  ? -6.019  -12.508 -11.725 0.00 0.00  ? 15  LYS A NZ  1 
ATOM   113  N  N   . VAL A 1 16  ? -3.155  -11.606 -4.607  1.00 12.28 ? 16  VAL A N   1 
ATOM   114  C  CA  . VAL A 1 16  ? -1.808  -11.140 -4.242  1.00 14.30 ? 16  VAL A CA  1 
ATOM   115  C  C   . VAL A 1 16  ? -1.573  -10.902 -2.752  1.00 11.53 ? 16  VAL A C   1 
ATOM   116  O  O   . VAL A 1 16  ? -0.452  -10.602 -2.325  1.00 12.51 ? 16  VAL A O   1 
ATOM   117  C  CB  . VAL A 1 16  ? -1.501  -9.842  -4.973  1.00 15.46 ? 16  VAL A CB  1 
ATOM   118  C  CG1 . VAL A 1 16  ? -1.573  -9.930  -6.517  1.00 14.35 ? 16  VAL A CG1 1 
ATOM   119  C  CG2 . VAL A 1 16  ? -2.295  -8.688  -4.428  1.00 12.56 ? 16  VAL A CG2 1 
ATOM   120  N  N   . LYS A 1 17  ? -2.632  -11.040 -1.981  1.00 14.10 ? 17  LYS A N   1 
ATOM   121  C  CA  . LYS A 1 17  ? -2.578  -10.708 -0.551  1.00 13.35 ? 17  LYS A CA  1 
ATOM   122  C  C   . LYS A 1 17  ? -1.708  -11.635 0.299   1.00 15.87 ? 17  LYS A C   1 
ATOM   123  O  O   . LYS A 1 17  ? -1.321  -11.288 1.421   1.00 13.82 ? 17  LYS A O   1 
ATOM   124  C  CB  . LYS A 1 17  ? -3.967  -10.729 0.078   1.00 19.29 ? 17  LYS A CB  1 
ATOM   125  C  CG  . LYS A 1 17  ? -4.577  -12.111 0.223   1.00 16.51 ? 17  LYS A CG  1 
ATOM   126  C  CD  . LYS A 1 17  ? -5.801  -12.078 1.136   1.00 33.63 ? 17  LYS A CD  1 
ATOM   127  C  CE  . LYS A 1 17  ? -6.223  -13.477 1.557   1.00 37.99 ? 17  LYS A CE  1 
ATOM   128  N  NZ  . LYS A 1 17  ? -6.328  -14.373 0.384   1.00 24.94 ? 17  LYS A NZ  1 
ATOM   129  N  N   . GLY A 1 18  ? -1.411  -12.799 -0.247  1.00 14.02 ? 18  GLY A N   1 
ATOM   130  C  CA  . GLY A 1 18  ? -0.411  -13.689 0.356   1.00 14.42 ? 18  GLY A CA  1 
ATOM   131  C  C   . GLY A 1 18  ? 1.065   -13.368 0.119   1.00 13.68 ? 18  GLY A C   1 
ATOM   132  O  O   . GLY A 1 18  ? 1.952   -14.113 0.551   1.00 14.29 ? 18  GLY A O   1 
ATOM   133  N  N   . ASP A 1 19  ? 1.308   -12.267 -0.567  1.00 12.84 ? 19  ASP A N   1 
ATOM   134  C  CA  . ASP A 1 19  ? 2.683   -11.822 -0.831  1.00 13.78 ? 19  ASP A CA  1 
ATOM   135  C  C   . ASP A 1 19  ? 2.954   -10.409 -0.322  1.00 10.04 ? 19  ASP A C   1 
ATOM   136  O  O   . ASP A 1 19  ? 3.362   -9.529  -1.087  1.00 10.20 ? 19  ASP A O   1 
ATOM   137  C  CB  . ASP A 1 19  ? 2.971   -11.889 -2.344  1.00 11.51 ? 19  ASP A CB  1 
ATOM   138  C  CG  . ASP A 1 19  ? 4.418   -11.618 -2.636  1.00 9.89  ? 19  ASP A CG  1 
ATOM   139  O  OD1 . ASP A 1 19  ? 5.330   -11.816 -1.859  1.00 11.83 ? 19  ASP A OD1 1 
ATOM   140  O  OD2 . ASP A 1 19  ? 4.653   -11.237 -3.746  1.00 10.88 ? 19  ASP A OD2 1 
ATOM   141  N  N   . PRO A 1 20  ? 2.722   -10.207 0.962   1.00 12.36 ? 20  PRO A N   1 
ATOM   142  C  CA  . PRO A 1 20  ? 3.156   -8.956  1.630   1.00 12.91 ? 20  PRO A CA  1 
ATOM   143  C  C   . PRO A 1 20  ? 4.586   -8.480  1.373   1.00 9.36  ? 20  PRO A C   1 
ATOM   144  O  O   . PRO A 1 20  ? 4.828   -7.284  1.178   1.00 10.19 ? 20  PRO A O   1 
ATOM   145  C  CB  . PRO A 1 20  ? 2.710   -9.145  3.044   1.00 12.00 ? 20  PRO A CB  1 
ATOM   146  C  CG  . PRO A 1 20  ? 2.613   -10.635 3.314   1.00 14.56 ? 20  PRO A CG  1 
ATOM   147  C  CD  . PRO A 1 20  ? 2.419   -11.251 1.932   1.00 12.76 ? 20  PRO A CD  1 
ATOM   148  N  N   . VAL A 1 21  ? 5.513   -9.422  1.379   1.00 10.69 ? 21  VAL A N   1 
ATOM   149  C  CA  . VAL A 1 21  ? 6.989   -9.065  1.255   1.00 14.23 ? 21  VAL A CA  1 
ATOM   150  C  C   . VAL A 1 21  ? 7.214   -8.455  -0.124  1.00 9.31  ? 21  VAL A C   1 
ATOM   151  O  O   . VAL A 1 21  ? 7.897   -7.434  -0.261  1.00 10.75 ? 21  VAL A O   1 
ATOM   152  C  CB  . VAL A 1 21  ? 7.781   -10.337 1.428   1.00 10.91 ? 21  VAL A CB  1 
ATOM   153  C  CG1 . VAL A 1 21  ? 9.155   -10.308 0.723   1.00 14.48 ? 21  VAL A CG1 1 
ATOM   154  C  CG2 . VAL A 1 21  ? 7.886   -10.730 2.875   1.00 13.67 ? 21  VAL A CG2 1 
ATOM   155  N  N   . GLY A 1 22  ? 6.639   -9.088  -1.124  1.00 11.34 ? 22  GLY A N   1 
ATOM   156  C  CA  . GLY A 1 22  ? 6.751   -8.588  -2.500  1.00 12.64 ? 22  GLY A CA  1 
ATOM   157  C  C   . GLY A 1 22  ? 6.186   -7.185  -2.716  1.00 10.99 ? 22  GLY A C   1 
ATOM   158  O  O   . GLY A 1 22  ? 6.694   -6.419  -3.542  1.00 11.36 ? 22  GLY A O   1 
ATOM   159  N  N   . ILE A 1 23  ? 5.148   -6.871  -1.970  1.00 12.83 ? 23  ILE A N   1 
ATOM   160  C  CA  . ILE A 1 23  ? 4.399   -5.628  -2.202  1.00 10.63 ? 23  ILE A CA  1 
ATOM   161  C  C   . ILE A 1 23  ? 5.215   -4.521  -1.534  1.00 10.70 ? 23  ILE A C   1 
ATOM   162  O  O   . ILE A 1 23  ? 5.437   -3.457  -2.125  1.00 10.44 ? 23  ILE A O   1 
ATOM   163  C  CB  . ILE A 1 23  ? 2.979   -5.692  -1.585  1.00 12.05 ? 23  ILE A CB  1 
ATOM   164  C  CG1 . ILE A 1 23  ? 1.999   -6.568  -2.416  1.00 13.31 ? 23  ILE A CG1 1 
ATOM   165  C  CG2 . ILE A 1 23  ? 2.619   -4.211  -1.466  1.00 12.54 ? 23  ILE A CG2 1 
ATOM   166  C  CD1 . ILE A 1 23  ? 0.750   -7.028  -1.628  1.00 10.71 ? 23  ILE A CD1 1 
ATOM   167  N  N   . LEU A 1 24  ? 5.653   -4.785  -0.314  1.00 12.55 ? 24  LEU A N   1 
ATOM   168  C  CA  . LEU A 1 24  ? 6.517   -3.840  0.408   1.00 13.42 ? 24  LEU A CA  1 
ATOM   169  C  C   . LEU A 1 24  ? 7.861   -3.582  -0.274  1.00 10.57 ? 24  LEU A C   1 
ATOM   170  O  O   . LEU A 1 24  ? 8.366   -2.452  -0.276  1.00 10.33 ? 24  LEU A O   1 
ATOM   171  C  CB  . LEU A 1 24  ? 6.795   -4.353  1.831   1.00 11.09 ? 24  LEU A CB  1 
ATOM   172  C  CG  . LEU A 1 24  ? 7.491   -3.429  2.792   1.00 13.01 ? 24  LEU A CG  1 
ATOM   173  C  CD1 . LEU A 1 24  ? 6.692   -2.171  2.952   1.00 14.75 ? 24  LEU A CD1 1 
ATOM   174  C  CD2 . LEU A 1 24  ? 7.669   -4.102  4.123   1.00 15.32 ? 24  LEU A CD2 1 
ATOM   175  N  N   . TYR A 1 25  ? 8.422   -4.633  -0.843  1.00 12.11 ? 25  TYR A N   1 
ATOM   176  C  CA  . TYR A 1 25  ? 9.608   -4.489  -1.703  1.00 11.85 ? 25  TYR A CA  1 
ATOM   177  C  C   . TYR A 1 25  ? 9.408   -3.530  -2.876  1.00 11.75 ? 25  TYR A C   1 
ATOM   178  O  O   . TYR A 1 25  ? 10.254  -2.667  -3.143  1.00 10.06 ? 25  TYR A O   1 
ATOM   179  C  CB  . TYR A 1 25  ? 10.005  -5.876  -2.238  1.00 9.97  ? 25  TYR A CB  1 
ATOM   180  C  CG  . TYR A 1 25  ? 11.077  -5.861  -3.333  1.00 12.93 ? 25  TYR A CG  1 
ATOM   181  C  CD1 . TYR A 1 25  ? 12.421  -5.766  -2.935  1.00 13.30 ? 25  TYR A CD1 1 
ATOM   182  C  CD2 . TYR A 1 25  ? 10.747  -5.861  -4.662  1.00 14.62 ? 25  TYR A CD2 1 
ATOM   183  C  CE1 . TYR A 1 25  ? 13.449  -5.738  -3.967  1.00 12.39 ? 25  TYR A CE1 1 
ATOM   184  C  CE2 . TYR A 1 25  ? 11.746  -5.833  -5.681  1.00 23.31 ? 25  TYR A CE2 1 
ATOM   185  C  CZ  . TYR A 1 25  ? 13.080  -5.733  -5.265  1.00 12.43 ? 25  TYR A CZ  1 
ATOM   186  O  OH  . TYR A 1 25  ? 14.051  -5.681  -6.242  1.00 18.26 ? 25  TYR A OH  1 
ATOM   187  N  N   . ALA A 1 26  ? 8.295   -3.694  -3.558  1.00 11.28 ? 26  ALA A N   1 
ATOM   188  C  CA  . ALA A 1 26  ? 7.944   -2.789  -4.660  1.00 10.84 ? 26  ALA A CA  1 
ATOM   189  C  C   . ALA A 1 26  ? 7.800   -1.324  -4.247  1.00 11.58 ? 26  ALA A C   1 
ATOM   190  O  O   . ALA A 1 26  ? 8.196   -0.414  -4.988  1.00 12.34 ? 26  ALA A O   1 
ATOM   191  C  CB  . ALA A 1 26  ? 6.571   -3.223  -5.192  1.00 12.06 ? 26  ALA A CB  1 
ATOM   192  N  N   . VAL A 1 27  ? 7.238   -1.117  -3.072  1.00 12.24 ? 27  VAL A N   1 
ATOM   193  C  CA  . VAL A 1 27  ? 7.093   0.240   -2.533  1.00 13.51 ? 27  VAL A CA  1 
ATOM   194  C  C   . VAL A 1 27  ? 8.451   0.860   -2.196  1.00 11.89 ? 27  VAL A C   1 
ATOM   195  O  O   . VAL A 1 27  ? 8.747   1.994   -2.594  1.00 11.98 ? 27  VAL A O   1 
ATOM   196  C  CB  . VAL A 1 27  ? 6.218   0.200   -1.294  1.00 12.07 ? 27  VAL A CB  1 
ATOM   197  C  CG1 . VAL A 1 27  ? 6.311   1.445   -0.419  1.00 12.67 ? 27  VAL A CG1 1 
ATOM   198  C  CG2 . VAL A 1 27  ? 4.799   -0.188  -1.620  1.00 17.26 ? 27  VAL A CG2 1 
ATOM   199  N  N   . PHE A 1 28  ? 9.256   0.107   -1.467  1.00 12.21 ? 28  PHE A N   1 
ATOM   200  C  CA  . PHE A 1 28  ? 10.603  0.573   -1.094  1.00 12.25 ? 28  PHE A CA  1 
ATOM   201  C  C   . PHE A 1 28  ? 11.514  0.834   -2.293  1.00 11.02 ? 28  PHE A C   1 
ATOM   202  O  O   . PHE A 1 28  ? 12.351  1.743   -2.268  1.00 12.05 ? 28  PHE A O   1 
ATOM   203  C  CB  . PHE A 1 28  ? 11.252  -0.454  -0.187  1.00 12.22 ? 28  PHE A CB  1 
ATOM   204  C  CG  . PHE A 1 28  ? 10.920  -0.470  1.277   1.00 11.89 ? 28  PHE A CG  1 
ATOM   205  C  CD1 . PHE A 1 28  ? 9.996   0.362   1.726   1.00 10.88 ? 28  PHE A CD1 1 
ATOM   206  C  CD2 . PHE A 1 28  ? 11.478  -1.380  2.134   1.00 14.29 ? 28  PHE A CD2 1 
ATOM   207  C  CE1 . PHE A 1 28  ? 9.629   0.384   3.101   1.00 13.87 ? 28  PHE A CE1 1 
ATOM   208  C  CE2 . PHE A 1 28  ? 11.076  -1.393  3.494   1.00 14.54 ? 28  PHE A CE2 1 
ATOM   209  C  CZ  . PHE A 1 28  ? 10.199  -0.502  3.953   1.00 13.89 ? 28  PHE A CZ  1 
ATOM   210  N  N   . LYS A 1 29  ? 11.341  0.032   -3.324  1.00 11.56 ? 29  LYS A N   1 
ATOM   211  C  CA  . LYS A 1 29  ? 12.098  0.222   -4.568  1.00 11.86 ? 29  LYS A CA  1 
ATOM   212  C  C   . LYS A 1 29  ? 11.687  1.452   -5.374  1.00 14.08 ? 29  LYS A C   1 
ATOM   213  O  O   . LYS A 1 29  ? 12.512  2.075   -6.053  1.00 12.64 ? 29  LYS A O   1 
ATOM   214  C  CB  . LYS A 1 29  ? 11.953  -0.980  -5.496  1.00 14.40 ? 29  LYS A CB  1 
ATOM   215  C  CG  . LYS A 1 29  ? 13.219  -1.367  -6.230  1.00 22.36 ? 29  LYS A CG  1 
ATOM   216  C  CD  . LYS A 1 29  ? 12.916  -1.759  -7.674  1.00 20.47 ? 29  LYS A CD  1 
ATOM   217  C  CE  . LYS A 1 29  ? 11.829  -2.818  -7.749  0.00 0.00  ? 29  LYS A CE  1 
ATOM   218  N  NZ  . LYS A 1 29  ? 11.229  -2.863  -9.101  0.00 0.00  ? 29  LYS A NZ  1 
ATOM   219  N  N   . ALA A 1 30  ? 10.417  1.785   -5.289  1.00 11.64 ? 30  ALA A N   1 
ATOM   220  C  CA  . ALA A 1 30  ? 9.889   2.957   -6.003  1.00 12.61 ? 30  ALA A CA  1 
ATOM   221  C  C   . ALA A 1 30  ? 10.398  4.244   -5.352  1.00 14.07 ? 30  ALA A C   1 
ATOM   222  O  O   . ALA A 1 30  ? 10.601  5.249   -6.023  1.00 13.90 ? 30  ALA A O   1 
ATOM   223  C  CB  . ALA A 1 30  ? 8.358   2.982   -5.886  1.00 12.79 ? 30  ALA A CB  1 
ATOM   224  N  N   . ASP A 1 31  ? 10.593  4.186   -4.048  1.00 12.59 ? 31  ASP A N   1 
ATOM   225  C  CA  . ASP A 1 31  ? 11.083  5.337   -3.313  1.00 12.41 ? 31  ASP A CA  1 
ATOM   226  C  C   . ASP A 1 31  ? 11.899  4.964   -2.075  1.00 12.35 ? 31  ASP A C   1 
ATOM   227  O  O   . ASP A 1 31  ? 11.338  4.738   -0.997  1.00 10.77 ? 31  ASP A O   1 
ATOM   228  C  CB  . ASP A 1 31  ? 9.894   6.213   -2.900  1.00 12.56 ? 31  ASP A CB  1 
ATOM   229  C  CG  . ASP A 1 31  ? 10.353  7.480   -2.240  1.00 11.74 ? 31  ASP A CG  1 
ATOM   230  O  OD1 . ASP A 1 31  ? 11.502  7.717   -1.918  1.00 10.91 ? 31  ASP A OD1 1 
ATOM   231  O  OD2 . ASP A 1 31  ? 9.510   8.314   -2.092  1.00 11.60 ? 31  ASP A OD2 1 
ATOM   232  N  N   . PRO A 1 32  ? 13.195  4.935   -2.225  1.00 12.70 ? 32  PRO A N   1 
ATOM   233  C  CA  . PRO A 1 32  ? 14.101  4.652   -1.087  1.00 11.59 ? 32  PRO A CA  1 
ATOM   234  C  C   . PRO A 1 32  ? 14.060  5.510   0.147   1.00 10.98 ? 32  PRO A C   1 
ATOM   235  O  O   . PRO A 1 32  ? 14.556  5.125   1.211   1.00 10.32 ? 32  PRO A O   1 
ATOM   236  C  CB  . PRO A 1 32  ? 15.380  4.261   -1.740  1.00 14.79 ? 32  PRO A CB  1 
ATOM   237  C  CG  . PRO A 1 32  ? 15.381  4.791   -3.160  1.00 21.56 ? 32  PRO A CG  1 
ATOM   238  C  CD  . PRO A 1 32  ? 13.904  4.977   -3.493  1.00 12.17 ? 32  PRO A CD  1 
ATOM   239  N  N   . SER A 1 33  ? 13.461  6.680   0.002   1.00 11.70 ? 33  SER A N   1 
ATOM   240  C  CA  . SER A 1 33  ? 13.318  7.607   1.136   1.00 11.90 ? 33  SER A CA  1 
ATOM   241  C  C   . SER A 1 33  ? 12.215  7.164   2.095   1.00 11.25 ? 33  SER A C   1 
ATOM   242  O  O   . SER A 1 33  ? 12.181  7.580   3.259   1.00 12.35 ? 33  SER A O   1 
ATOM   243  C  CB  . SER A 1 33  ? 12.997  8.997   0.639   1.00 11.01 ? 33  SER A CB  1 
ATOM   244  O  OG  . SER A 1 33  ? 11.602  9.177   0.418   1.00 12.00 ? 33  SER A OG  1 
ATOM   245  N  N   . ILE A 1 34  ? 11.333  6.329   1.596   1.00 13.27 ? 34  ILE A N   1 
ATOM   246  C  CA  . ILE A 1 34  ? 10.382  5.627   2.467   1.00 12.11 ? 34  ILE A CA  1 
ATOM   247  C  C   . ILE A 1 34  ? 11.110  4.577   3.306   1.00 10.50 ? 34  ILE A C   1 
ATOM   248  O  O   . ILE A 1 34  ? 10.919  4.496   4.525   1.00 11.39 ? 34  ILE A O   1 
ATOM   249  C  CB  . ILE A 1 34  ? 9.282   4.904   1.643   1.00 14.70 ? 34  ILE A CB  1 
ATOM   250  C  CG1 . ILE A 1 34  ? 8.413   5.880   0.806   1.00 14.00 ? 34  ILE A CG1 1 
ATOM   251  C  CG2 . ILE A 1 34  ? 8.547   4.109   2.725   1.00 14.40 ? 34  ILE A CG2 1 
ATOM   252  C  CD1 . ILE A 1 34  ? 7.277   5.185   0.015   1.00 13.04 ? 34  ILE A CD1 1 
ATOM   253  N  N   . MET A 1 35  ? 11.928  3.789   2.644   1.00 11.81 ? 35  MET A N   1 
ATOM   254  C  CA  . MET A 1 35  ? 12.774  2.819   3.347   1.00 13.00 ? 35  MET A CA  1 
ATOM   255  C  C   . MET A 1 35  ? 13.689  3.418   4.414   1.00 12.18 ? 35  MET A C   1 
ATOM   256  O  O   . MET A 1 35  ? 13.903  2.816   5.475   1.00 13.69 ? 35  MET A O   1 
ATOM   257  C  CB  . MET A 1 35  ? 13.672  2.062   2.334   1.00 12.91 ? 35  MET A CB  1 
ATOM   258  C  CG  . MET A 1 35  ? 14.452  0.983   3.031   1.00 14.27 ? 35  MET A CG  1 
ATOM   259  S  SD  . MET A 1 35  ? 15.187  -0.125  1.864   1.00 14.15 ? 35  MET A SD  1 
ATOM   260  C  CE  . MET A 1 35  ? 16.805  0.577   1.793   1.00 19.53 ? 35  MET A CE  1 
ATOM   261  N  N   . ALA A 1 36  ? 14.219  4.595   4.122   1.00 12.75 ? 36  ALA A N   1 
ATOM   262  C  CA  . ALA A 1 36  ? 15.102  5.290   5.069   1.00 14.18 ? 36  ALA A CA  1 
ATOM   263  C  C   . ALA A 1 36  ? 14.491  5.809   6.372   1.00 19.02 ? 36  ALA A C   1 
ATOM   264  O  O   . ALA A 1 36  ? 15.209  6.244   7.281   1.00 17.01 ? 36  ALA A O   1 
ATOM   265  C  CB  . ALA A 1 36  ? 15.635  6.524   4.325   1.00 14.01 ? 36  ALA A CB  1 
ATOM   266  N  N   . LYS A 1 37  ? 13.180  5.760   6.448   1.00 14.91 ? 37  LYS A N   1 
ATOM   267  C  CA  . LYS A 1 37  ? 12.475  6.093   7.693   1.00 11.75 ? 37  LYS A CA  1 
ATOM   268  C  C   . LYS A 1 37  ? 12.357  4.951   8.699   1.00 14.54 ? 37  LYS A C   1 
ATOM   269  O  O   . LYS A 1 37  ? 11.970  5.159   9.855   1.00 14.59 ? 37  LYS A O   1 
ATOM   270  C  CB  . LYS A 1 37  ? 11.052  6.564   7.415   1.00 16.64 ? 37  LYS A CB  1 
ATOM   271  C  CG  . LYS A 1 37  ? 10.955  7.861   6.640   1.00 16.87 ? 37  LYS A CG  1 
ATOM   272  C  CD  . LYS A 1 37  ? 10.127  8.885   7.399   1.00 38.24 ? 37  LYS A CD  1 
ATOM   273  C  CE  . LYS A 1 37  ? 9.567   9.947   6.470   0.00 0.00  ? 37  LYS A CE  1 
ATOM   274  N  NZ  . LYS A 1 37  ? 9.678   11.289  7.080   0.00 0.00  ? 37  LYS A NZ  1 
ATOM   275  N  N   . PHE A 1 38  ? 12.694  3.762   8.248   1.00 13.19 ? 38  PHE A N   1 
ATOM   276  C  CA  . PHE A 1 38  ? 12.617  2.579   9.112   1.00 12.83 ? 38  PHE A CA  1 
ATOM   277  C  C   . PHE A 1 38  ? 14.034  2.432   9.669   1.00 14.03 ? 38  PHE A C   1 
ATOM   278  O  O   . PHE A 1 38  ? 14.982  2.159   8.921   1.00 14.67 ? 38  PHE A O   1 
ATOM   279  C  CB  . PHE A 1 38  ? 12.143  1.388   8.289   1.00 15.91 ? 38  PHE A CB  1 
ATOM   280  C  CG  . PHE A 1 38  ? 10.704  1.286   7.875   1.00 10.99 ? 38  PHE A CG  1 
ATOM   281  C  CD1 . PHE A 1 38  ? 10.240  2.096   6.894   1.00 11.86 ? 38  PHE A CD1 1 
ATOM   282  C  CD2 . PHE A 1 38  ? 9.860   0.339   8.401   1.00 15.30 ? 38  PHE A CD2 1 
ATOM   283  C  CE1 . PHE A 1 38  ? 8.889   2.040   6.446   1.00 13.39 ? 38  PHE A CE1 1 
ATOM   284  C  CE2 . PHE A 1 38  ? 8.512   0.260   7.912   1.00 17.86 ? 38  PHE A CE2 1 
ATOM   285  C  CZ  . PHE A 1 38  ? 8.051   1.120   6.983   1.00 13.23 ? 38  PHE A CZ  1 
ATOM   286  N  N   . THR A 1 39  ? 14.157  2.617   10.975  1.00 16.41 ? 39  THR A N   1 
ATOM   287  C  CA  . THR A 1 39  ? 15.467  2.494   11.637  1.00 17.03 ? 39  THR A CA  1 
ATOM   288  C  C   . THR A 1 39  ? 16.075  1.117   11.385  1.00 16.83 ? 39  THR A C   1 
ATOM   289  O  O   . THR A 1 39  ? 17.298  0.974   11.263  1.00 20.19 ? 39  THR A O   1 
ATOM   290  C  CB  . THR A 1 39  ? 15.244  2.763   13.136  1.00 14.16 ? 39  THR A CB  1 
ATOM   291  O  OG1 . THR A 1 39  ? 14.772  1.520   13.643  1.00 24.44 ? 39  THR A OG1 1 
ATOM   292  C  CG2 . THR A 1 39  ? 14.234  3.847   13.384  1.00 34.42 ? 39  THR A CG2 1 
ATOM   293  N  N   . GLN A 1 40  ? 15.217  0.127   11.313  1.00 16.88 ? 40  GLN A N   1 
ATOM   294  C  CA  . GLN A 1 40  ? 15.666  -1.235  11.011  1.00 17.30 ? 40  GLN A CA  1 
ATOM   295  C  C   . GLN A 1 40  ? 16.181  -1.577  9.620   1.00 13.15 ? 40  GLN A C   1 
ATOM   296  O  O   . GLN A 1 40  ? 16.895  -2.572  9.432   1.00 16.49 ? 40  GLN A O   1 
ATOM   297  C  CB  . GLN A 1 40  ? 14.526  -2.179  11.288  1.00 19.07 ? 40  GLN A CB  1 
ATOM   298  C  CG  . GLN A 1 40  ? 14.888  -3.588  11.127  0.00 0.00  ? 40  GLN A CG  1 
ATOM   299  C  CD  . GLN A 1 40  ? 16.089  -4.046  11.963  0.00 0.00  ? 40  GLN A CD  1 
ATOM   300  O  OE1 . GLN A 1 40  ? 17.129  -4.432  11.355  0.00 0.00  ? 40  GLN A OE1 1 
ATOM   301  N  NE2 . GLN A 1 40  ? 15.962  -4.074  13.231  0.00 0.00  ? 40  GLN A NE2 1 
ATOM   302  N  N   . PHE A 1 41  ? 15.813  -0.752  8.662   1.00 15.71 ? 41  PHE A N   1 
ATOM   303  C  CA  . PHE A 1 41  ? 16.273  -0.946  7.280   1.00 13.87 ? 41  PHE A CA  1 
ATOM   304  C  C   . PHE A 1 41  ? 17.151  0.138   6.653   1.00 11.22 ? 41  PHE A C   1 
ATOM   305  O  O   . PHE A 1 41  ? 17.766  -0.057  5.634   1.00 12.91 ? 41  PHE A O   1 
ATOM   306  C  CB  . PHE A 1 41  ? 15.069  -1.120  6.372   1.00 15.56 ? 41  PHE A CB  1 
ATOM   307  C  CG  . PHE A 1 41  ? 14.129  -2.196  6.838   1.00 11.82 ? 41  PHE A CG  1 
ATOM   308  C  CD1 . PHE A 1 41  ? 12.793  -1.978  6.782   1.00 13.86 ? 41  PHE A CD1 1 
ATOM   309  C  CD2 . PHE A 1 41  ? 14.558  -3.403  7.261   1.00 11.99 ? 41  PHE A CD2 1 
ATOM   310  C  CE1 . PHE A 1 41  ? 11.852  -2.963  7.194   1.00 14.23 ? 41  PHE A CE1 1 
ATOM   311  C  CE2 . PHE A 1 41  ? 13.597  -4.404  7.632   1.00 15.25 ? 41  PHE A CE2 1 
ATOM   312  C  CZ  . PHE A 1 41  ? 12.295  -4.167  7.614   1.00 15.18 ? 41  PHE A CZ  1 
ATOM   313  N  N   . ALA A 1 42  ? 17.177  1.297   7.298   1.00 12.78 ? 42  ALA A N   1 
ATOM   314  C  CA  . ALA A 1 42  ? 17.902  2.454   6.751   1.00 12.92 ? 42  ALA A CA  1 
ATOM   315  C  C   . ALA A 1 42  ? 19.373  2.053   6.624   1.00 13.70 ? 42  ALA A C   1 
ATOM   316  O  O   . ALA A 1 42  ? 19.924  1.368   7.496   1.00 17.53 ? 42  ALA A O   1 
ATOM   317  C  CB  . ALA A 1 42  ? 17.869  3.630   7.736   1.00 15.32 ? 42  ALA A CB  1 
ATOM   318  N  N   . GLY A 1 43  ? 19.988  2.482   5.539   1.00 13.50 ? 43  GLY A N   1 
ATOM   319  C  CA  . GLY A 1 43  ? 21.348  2.076   5.248   1.00 13.30 ? 43  GLY A CA  1 
ATOM   320  C  C   . GLY A 1 43  ? 21.749  0.673   4.793   1.00 13.05 ? 43  GLY A C   1 
ATOM   321  O  O   . GLY A 1 43  ? 22.933  0.310   4.817   1.00 14.30 ? 43  GLY A O   1 
ATOM   322  N  N   . LYS A 1 44  ? 20.763  -0.096  4.388   1.00 13.83 ? 44  LYS A N   1 
ATOM   323  C  CA  . LYS A 1 44  ? 20.990  -1.516  4.069   1.00 17.58 ? 44  LYS A CA  1 
ATOM   324  C  C   . LYS A 1 44  ? 20.575  -1.698  2.609   1.00 10.73 ? 44  LYS A C   1 
ATOM   325  O  O   . LYS A 1 44  ? 20.007  -0.787  1.992   1.00 11.88 ? 44  LYS A O   1 
ATOM   326  C  CB  . LYS A 1 44  ? 20.182  -2.423  4.989   1.00 14.20 ? 44  LYS A CB  1 
ATOM   327  C  CG  . LYS A 1 44  ? 20.680  -2.483  6.418   1.00 20.70 ? 44  LYS A CG  1 
ATOM   328  C  CD  . LYS A 1 44  ? 20.040  -3.646  7.172   1.00 21.33 ? 44  LYS A CD  1 
ATOM   329  C  CE  . LYS A 1 44  ? 20.615  -3.785  8.569   0.00 0.00  ? 44  LYS A CE  1 
ATOM   330  N  NZ  . LYS A 1 44  ? 20.017  -4.939  9.271   0.00 0.00  ? 44  LYS A NZ  1 
ATOM   331  N  N   . ASP A 1 45  ? 20.868  -2.871  2.081   1.00 13.60 ? 45  ASP A N   1 
ATOM   332  C  CA  . ASP A 1 45  ? 20.712  -3.113  0.647   1.00 10.50 ? 45  ASP A CA  1 
ATOM   333  C  C   . ASP A 1 45  ? 19.337  -3.779  0.617   1.00 12.15 ? 45  ASP A C   1 
ATOM   334  O  O   . ASP A 1 45  ? 19.130  -4.838  1.226   1.00 10.77 ? 45  ASP A O   1 
ATOM   335  C  CB  . ASP A 1 45  ? 21.873  -3.981  0.123   1.00 11.70 ? 45  ASP A CB  1 
ATOM   336  C  CG  . ASP A 1 45  ? 21.456  -4.799  -1.072  1.00 9.26  ? 45  ASP A CG  1 
ATOM   337  O  OD1 . ASP A 1 45  ? 21.645  -5.995  -1.198  1.00 12.50 ? 45  ASP A OD1 1 
ATOM   338  O  OD2 . ASP A 1 45  ? 20.839  -4.206  -1.917  1.00 11.41 ? 45  ASP A OD2 1 
ATOM   339  N  N   . LEU A 1 46  ? 18.423  -3.150  -0.090  1.00 12.15 ? 46  LEU A N   1 
ATOM   340  C  CA  . LEU A 1 46  ? 17.050  -3.656  -0.160  1.00 11.97 ? 46  LEU A CA  1 
ATOM   341  C  C   . LEU A 1 46  ? 16.982  -5.110  -0.625  1.00 9.59  ? 46  LEU A C   1 
ATOM   342  O  O   . LEU A 1 46  ? 16.166  -5.898  -0.125  1.00 10.47 ? 46  LEU A O   1 
ATOM   343  C  CB  . LEU A 1 46  ? 16.210  -2.792  -1.121  1.00 11.16 ? 46  LEU A CB  1 
ATOM   344  C  CG  . LEU A 1 46  ? 14.829  -3.288  -1.502  1.00 11.05 ? 46  LEU A CG  1 
ATOM   345  C  CD1 . LEU A 1 46  ? 13.954  -3.338  -0.272  1.00 13.32 ? 46  LEU A CD1 1 
ATOM   346  C  CD2 . LEU A 1 46  ? 14.201  -2.386  -2.538  1.00 16.41 ? 46  LEU A CD2 1 
ATOM   347  N  N   . GLU A 1 47  ? 17.838  -5.441  -1.574  1.00 11.39 ? 47  GLU A N   1 
ATOM   348  C  CA  . GLU A 1 47  ? 17.881  -6.807  -2.110  1.00 14.07 ? 47  GLU A CA  1 
ATOM   349  C  C   . GLU A 1 47  ? 18.317  -7.846  -1.080  1.00 12.86 ? 47  GLU A C   1 
ATOM   350  O  O   . GLU A 1 47  ? 17.896  -9.010  -1.135  1.00 17.39 ? 47  GLU A O   1 
ATOM   351  C  CB  . GLU A 1 47  ? 18.858  -6.933  -3.310  1.00 15.04 ? 47  GLU A CB  1 
ATOM   352  C  CG  . GLU A 1 47  ? 18.501  -6.132  -4.578  1.00 18.26 ? 47  GLU A CG  1 
ATOM   353  C  CD  . GLU A 1 47  ? 17.016  -6.308  -5.086  1.00 13.06 ? 47  GLU A CD  1 
ATOM   354  O  OE1 . GLU A 1 47  ? 16.361  -5.381  -5.459  1.00 18.27 ? 47  GLU A OE1 1 
ATOM   355  O  OE2 . GLU A 1 47  ? 16.729  -7.504  -5.018  1.00 20.65 ? 47  GLU A OE2 1 
ATOM   356  N  N   . SER A 1 48  ? 19.158  -7.410  -0.154  1.00 13.85 ? 48  SER A N   1 
ATOM   357  C  CA  . SER A 1 48  ? 19.513  -8.246  1.002   1.00 13.37 ? 48  SER A CA  1 
ATOM   358  C  C   . SER A 1 48  ? 18.608  -8.449  2.216   1.00 15.28 ? 48  SER A C   1 
ATOM   359  O  O   . SER A 1 48  ? 18.650  -9.497  2.869   1.00 18.33 ? 48  SER A O   1 
ATOM   360  C  CB  . SER A 1 48  ? 20.788  -7.754  1.644   1.00 15.05 ? 48  SER A CB  1 
ATOM   361  O  OG  . SER A 1 48  ? 21.896  -7.851  0.759   1.00 20.29 ? 48  SER A OG  1 
ATOM   362  N  N   . ILE A 1 49  ? 17.807  -7.441  2.498   1.00 13.59 ? 49  ILE A N   1 
ATOM   363  C  CA  . ILE A 1 49  ? 16.848  -7.531  3.605   1.00 14.46 ? 49  ILE A CA  1 
ATOM   364  C  C   . ILE A 1 49  ? 15.473  -8.073  3.220   1.00 11.77 ? 49  ILE A C   1 
ATOM   365  O  O   . ILE A 1 49  ? 14.690  -8.483  4.084   1.00 11.89 ? 49  ILE A O   1 
ATOM   366  C  CB  . ILE A 1 49  ? 16.571  -6.146  4.242   1.00 10.78 ? 49  ILE A CB  1 
ATOM   367  C  CG1 . ILE A 1 49  ? 15.915  -5.149  3.251   1.00 15.69 ? 49  ILE A CG1 1 
ATOM   368  C  CG2 . ILE A 1 49  ? 17.954  -5.761  4.770   1.00 17.60 ? 49  ILE A CG2 1 
ATOM   369  C  CD1 . ILE A 1 49  ? 15.594  -3.774  3.875   1.00 12.62 ? 49  ILE A CD1 1 
ATOM   370  N  N   . LYS A 1 50  ? 15.206  -8.067  1.932   1.00 13.26 ? 50  LYS A N   1 
ATOM   371  C  CA  . LYS A 1 50  ? 13.911  -8.530  1.434   1.00 13.49 ? 50  LYS A CA  1 
ATOM   372  C  C   . LYS A 1 50  ? 13.458  -9.920  1.860   1.00 20.82 ? 50  LYS A C   1 
ATOM   373  O  O   . LYS A 1 50  ? 12.261  -10.157 2.086   1.00 16.79 ? 50  LYS A O   1 
ATOM   374  C  CB  . LYS A 1 50  ? 13.868  -8.543  -0.090  1.00 14.55 ? 50  LYS A CB  1 
ATOM   375  C  CG  . LYS A 1 50  ? 12.603  -9.128  -0.687  1.00 17.90 ? 50  LYS A CG  1 
ATOM   376  C  CD  . LYS A 1 50  ? 12.824  -9.557  -2.135  1.00 28.46 ? 50  LYS A CD  1 
ATOM   377  C  CE  . LYS A 1 50  ? 11.516  -9.953  -2.809  1.00 36.99 ? 50  LYS A CE  1 
ATOM   378  N  NZ  . LYS A 1 50  ? 11.750  -10.384 -4.204  0.00 0.00  ? 50  LYS A NZ  1 
ATOM   379  N  N   . GLY A 1 51  ? 14.417  -10.821 1.962   1.00 17.22 ? 51  GLY A N   1 
ATOM   380  C  CA  . GLY A 1 51  ? 14.175  -12.113 2.615   1.00 17.22 ? 51  GLY A CA  1 
ATOM   381  C  C   . GLY A 1 51  ? 14.441  -12.448 4.083   1.00 13.04 ? 51  GLY A C   1 
ATOM   382  O  O   . GLY A 1 51  ? 14.581  -13.623 4.451   1.00 18.45 ? 51  GLY A O   1 
ATOM   383  N  N   . THR A 1 52  ? 14.508  -11.411 4.901   1.00 14.56 ? 52  THR A N   1 
ATOM   384  C  CA  . THR A 1 52  ? 14.800  -11.592 6.332   1.00 13.12 ? 52  THR A CA  1 
ATOM   385  C  C   . THR A 1 52  ? 13.511  -11.502 7.147   1.00 13.26 ? 52  THR A C   1 
ATOM   386  O  O   . THR A 1 52  ? 12.486  -10.998 6.661   1.00 11.90 ? 52  THR A O   1 
ATOM   387  C  CB  . THR A 1 52  ? 15.823  -10.510 6.729   1.00 13.32 ? 52  THR A CB  1 
ATOM   388  O  OG1 . THR A 1 52  ? 15.102  -9.288  6.599   1.00 12.84 ? 52  THR A OG1 1 
ATOM   389  C  CG2 . THR A 1 52  ? 17.031  -10.506 5.833   1.00 15.18 ? 52  THR A CG2 1 
ATOM   390  N  N   . ALA A 1 53  ? 13.581  -11.992 8.372   1.00 12.75 ? 53  ALA A N   1 
ATOM   391  C  CA  . ALA A 1 53  ? 12.408  -11.984 9.252   1.00 10.30 ? 53  ALA A CA  1 
ATOM   392  C  C   . ALA A 1 53  ? 11.774  -10.677 9.728   1.00 13.63 ? 53  ALA A C   1 
ATOM   393  O  O   . ALA A 1 53  ? 10.544  -10.577 9.854   1.00 12.92 ? 53  ALA A O   1 
ATOM   394  C  CB  . ALA A 1 53  ? 12.886  -12.711 10.520  1.00 11.68 ? 53  ALA A CB  1 
ATOM   395  N  N   . PRO A 1 54  ? 12.623  -9.694  9.983   1.00 14.49 ? 54  PRO A N   1 
ATOM   396  C  CA  . PRO A 1 54  ? 12.146  -8.318  10.193  1.00 12.15 ? 54  PRO A CA  1 
ATOM   397  C  C   . PRO A 1 54  ? 11.364  -7.645  9.066   1.00 9.05  ? 54  PRO A C   1 
ATOM   398  O  O   . PRO A 1 54  ? 10.424  -6.921  9.289   1.00 10.57 ? 54  PRO A O   1 
ATOM   399  C  CB  . PRO A 1 54  ? 13.330  -7.598  10.740  1.00 16.27 ? 54  PRO A CB  1 
ATOM   400  C  CG  . PRO A 1 54  ? 14.410  -8.607  11.073  1.00 18.20 ? 54  PRO A CG  1 
ATOM   401  C  CD  . PRO A 1 54  ? 14.044  -9.835  10.246  1.00 18.96 ? 54  PRO A CD  1 
ATOM   402  N  N   . PHE A 1 55  ? 11.784  -7.920  7.847   1.00 11.17 ? 55  PHE A N   1 
ATOM   403  C  CA  . PHE A 1 55  ? 11.086  -7.385  6.672   1.00 10.48 ? 55  PHE A CA  1 
ATOM   404  C  C   . PHE A 1 55  ? 9.685   -7.979  6.570   1.00 8.20  ? 55  PHE A C   1 
ATOM   405  O  O   . PHE A 1 55  ? 8.711   -7.264  6.291   1.00 9.59  ? 55  PHE A O   1 
ATOM   406  C  CB  . PHE A 1 55  ? 11.894  -7.687  5.426   1.00 10.24 ? 55  PHE A CB  1 
ATOM   407  C  CG  . PHE A 1 55  ? 11.521  -6.910  4.199   1.00 9.68  ? 55  PHE A CG  1 
ATOM   408  C  CD1 . PHE A 1 55  ? 12.154  -5.748  3.944   1.00 13.70 ? 55  PHE A CD1 1 
ATOM   409  C  CD2 . PHE A 1 55  ? 10.610  -7.383  3.285   1.00 10.97 ? 55  PHE A CD2 1 
ATOM   410  C  CE1 . PHE A 1 55  ? 11.857  -4.970  2.789   1.00 9.64  ? 55  PHE A CE1 1 
ATOM   411  C  CE2 . PHE A 1 55  ? 10.351  -6.615  2.103   1.00 9.16  ? 55  PHE A CE2 1 
ATOM   412  C  CZ  . PHE A 1 55  ? 10.944  -5.428  1.897   1.00 9.27  ? 55  PHE A CZ  1 
ATOM   413  N  N   . GLU A 1 56  ? 9.605   -9.276  6.794   1.00 10.27 ? 56  GLU A N   1 
ATOM   414  C  CA  . GLU A 1 56  ? 8.317   -9.973  6.712   1.00 14.33 ? 56  GLU A CA  1 
ATOM   415  C  C   . GLU A 1 56  ? 7.354   -9.525  7.810   1.00 9.34  ? 56  GLU A C   1 
ATOM   416  O  O   . GLU A 1 56  ? 6.143   -9.388  7.575   1.00 9.29  ? 56  GLU A O   1 
ATOM   417  C  CB  . GLU A 1 56  ? 8.483   -11.514 6.842   1.00 13.88 ? 56  GLU A CB  1 
ATOM   418  C  CG  . GLU A 1 56  ? 7.199   -12.332 7.093   1.00 14.51 ? 56  GLU A CG  1 
ATOM   419  C  CD  . GLU A 1 56  ? 6.972   -13.534 6.101   1.00 25.82 ? 56  GLU A CD  1 
ATOM   420  O  OE1 . GLU A 1 56  ? 5.928   -13.703 5.544   1.00 45.48 ? 56  GLU A OE1 1 
ATOM   421  O  OE2 . GLU A 1 56  ? 8.018   -14.179 6.040   1.00 22.04 ? 56  GLU A OE2 1 
ATOM   422  N  N   . THR A 1 57  ? 7.905   -9.307  8.990   1.00 10.98 ? 57  THR A N   1 
ATOM   423  C  CA  . THR A 1 57  ? 7.109   -8.843  10.099  1.00 10.06 ? 57  THR A CA  1 
ATOM   424  C  C   . THR A 1 57  ? 6.498   -7.470  9.825   1.00 10.06 ? 57  THR A C   1 
ATOM   425  O  O   . THR A 1 57  ? 5.290   -7.266  10.012  1.00 9.91  ? 57  THR A O   1 
ATOM   426  C  CB  . THR A 1 57  ? 8.025   -8.812  11.332  1.00 12.96 ? 57  THR A CB  1 
ATOM   427  O  OG1 . THR A 1 57  ? 8.238   -10.184 11.638  1.00 15.20 ? 57  THR A OG1 1 
ATOM   428  C  CG2 . THR A 1 57  ? 7.391   -8.106  12.495  1.00 13.77 ? 57  THR A CG2 1 
ATOM   429  N  N   . HIS A 1 58  ? 7.340   -6.551  9.390   1.00 10.85 ? 58  HIS A N   1 
ATOM   430  C  CA  . HIS A 1 58  ? 6.852   -5.246  8.919   1.00 9.77  ? 58  HIS A CA  1 
ATOM   431  C  C   . HIS A 1 58  ? 5.842   -5.310  7.775   1.00 9.07  ? 58  HIS A C   1 
ATOM   432  O  O   . HIS A 1 58  ? 4.818   -4.610  7.788   1.00 9.50  ? 58  HIS A O   1 
ATOM   433  C  CB  . HIS A 1 58  ? 8.045   -4.407  8.467   1.00 10.50 ? 58  HIS A CB  1 
ATOM   434  C  CG  . HIS A 1 58  ? 8.515   -3.683  9.702   1.00 10.20 ? 58  HIS A CG  1 
ATOM   435  N  ND1 . HIS A 1 58  ? 9.704   -4.002  10.335  1.00 18.51 ? 58  HIS A ND1 1 
ATOM   436  C  CD2 . HIS A 1 58  ? 7.952   -2.685  10.432  1.00 11.25 ? 58  HIS A CD2 1 
ATOM   437  C  CE1 . HIS A 1 58  ? 9.834   -3.228  11.394  1.00 13.84 ? 58  HIS A CE1 1 
ATOM   438  N  NE2 . HIS A 1 58  ? 8.804   -2.415  11.454  1.00 18.44 ? 58  HIS A NE2 1 
ATOM   439  N  N   . ALA A 1 59  ? 6.145   -6.142  6.808   1.00 9.72  ? 59  ALA A N   1 
ATOM   440  C  CA  . ALA A 1 59  ? 5.319   -6.219  5.598   1.00 9.96  ? 59  ALA A CA  1 
ATOM   441  C  C   . ALA A 1 59  ? 3.933   -6.735  5.981   1.00 10.38 ? 59  ALA A C   1 
ATOM   442  O  O   . ALA A 1 59  ? 2.912   -6.284  5.438   1.00 8.65  ? 59  ALA A O   1 
ATOM   443  C  CB  . ALA A 1 59  ? 5.897   -7.228  4.645   1.00 9.03  ? 59  ALA A CB  1 
ATOM   444  N  N   . ASN A 1 60  ? 3.916   -7.672  6.907   1.00 10.14 ? 60  ASN A N   1 
ATOM   445  C  CA  . ASN A 1 60  ? 2.654   -8.294  7.328   1.00 11.01 ? 60  ASN A CA  1 
ATOM   446  C  C   . ASN A 1 60  ? 1.747   -7.302  8.055   1.00 8.61  ? 60  ASN A C   1 
ATOM   447  O  O   . ASN A 1 60  ? 0.519   -7.315  7.874   1.00 9.63  ? 60  ASN A O   1 
ATOM   448  C  CB  . ASN A 1 60  ? 2.944   -9.505  8.241   1.00 10.19 ? 60  ASN A CB  1 
ATOM   449  C  CG  . ASN A 1 60  ? 3.166   -10.734 7.456   1.00 9.51  ? 60  ASN A CG  1 
ATOM   450  O  OD1 . ASN A 1 60  ? 4.106   -11.491 7.605   1.00 24.73 ? 60  ASN A OD1 1 
ATOM   451  N  ND2 . ASN A 1 60  ? 2.173   -11.047 6.534   1.00 18.97 ? 60  ASN A ND2 1 
ATOM   452  N  N   . ARG A 1 61  ? 2.365   -6.456  8.869   1.00 10.57 ? 61  ARG A N   1 
ATOM   453  C  CA  . ARG A 1 61  ? 1.633   -5.348  9.503   1.00 9.45  ? 61  ARG A CA  1 
ATOM   454  C  C   . ARG A 1 61  ? 1.053   -4.311  8.541   1.00 9.96  ? 61  ARG A C   1 
ATOM   455  O  O   . ARG A 1 61  ? -0.078  -3.833  8.724   1.00 9.57  ? 61  ARG A O   1 
ATOM   456  C  CB  . ARG A 1 61  ? 2.531   -4.568  10.480  1.00 11.12 ? 61  ARG A CB  1 
ATOM   457  C  CG  . ARG A 1 61  ? 2.874   -5.333  11.771  1.00 13.07 ? 61  ARG A CG  1 
ATOM   458  C  CD  . ARG A 1 61  ? 3.641   -4.433  12.714  1.00 11.34 ? 61  ARG A CD  1 
ATOM   459  N  NE  . ARG A 1 61  ? 4.213   -5.205  13.826  1.00 22.69 ? 61  ARG A NE  1 
ATOM   460  C  CZ  . ARG A 1 61  ? 5.478   -5.054  14.249  1.00 12.62 ? 61  ARG A CZ  1 
ATOM   461  N  NH1 . ARG A 1 61  ? 6.270   -4.109  13.726  1.00 19.08 ? 61  ARG A NH1 1 
ATOM   462  N  NH2 . ARG A 1 61  ? 5.933   -5.850  15.199  1.00 20.23 ? 61  ARG A NH2 1 
ATOM   463  N  N   . ILE A 1 62  ? 1.835   -3.976  7.536   1.00 11.61 ? 62  ILE A N   1 
ATOM   464  C  CA  . ILE A 1 62  ? 1.569   -2.761  6.742   1.00 10.35 ? 62  ILE A CA  1 
ATOM   465  C  C   . ILE A 1 62  ? 0.517   -3.185  5.722   1.00 10.09 ? 62  ILE A C   1 
ATOM   466  O  O   . ILE A 1 62  ? -0.521  -2.524  5.562   1.00 8.66  ? 62  ILE A O   1 
ATOM   467  C  CB  . ILE A 1 62  ? 2.848   -2.259  6.036   1.00 10.85 ? 62  ILE A CB  1 
ATOM   468  C  CG1 . ILE A 1 62  ? 3.829   -1.550  7.002   1.00 10.03 ? 62  ILE A CG1 1 
ATOM   469  C  CG2 . ILE A 1 62  ? 2.259   -1.401  4.912   1.00 10.49 ? 62  ILE A CG2 1 
ATOM   470  C  CD1 . ILE A 1 62  ? 5.270   -1.444  6.453   1.00 10.38 ? 62  ILE A CD1 1 
ATOM   471  N  N   . VAL A 1 63  ? 0.798   -4.278  5.048   1.00 10.52 ? 63  VAL A N   1 
ATOM   472  C  CA  . VAL A 1 63  ? -0.144  -4.809  4.055   1.00 9.22  ? 63  VAL A CA  1 
ATOM   473  C  C   . VAL A 1 63  ? -1.375  -5.449  4.696   1.00 10.44 ? 63  VAL A C   1 
ATOM   474  O  O   . VAL A 1 63  ? -2.464  -5.471  4.101   1.00 9.61  ? 63  VAL A O   1 
ATOM   475  C  CB  . VAL A 1 63  ? 0.560   -5.835  3.177   1.00 11.80 ? 63  VAL A CB  1 
ATOM   476  C  CG1 . VAL A 1 63  ? -0.370  -6.615  2.208   1.00 10.99 ? 63  VAL A CG1 1 
ATOM   477  C  CG2 . VAL A 1 63  ? 1.757   -5.256  2.477   1.00 10.70 ? 63  VAL A CG2 1 
ATOM   478  N  N   . GLY A 1 64  ? -1.184  -5.959  5.899   1.00 10.74 ? 64  GLY A N   1 
ATOM   479  C  CA  . GLY A 1 64  ? -2.324  -6.320  6.754   1.00 13.12 ? 64  GLY A CA  1 
ATOM   480  C  C   . GLY A 1 64  ? -3.390  -5.258  7.036   1.00 8.93  ? 64  GLY A C   1 
ATOM   481  O  O   . GLY A 1 64  ? -4.597  -5.551  7.022   1.00 9.36  ? 64  GLY A O   1 
ATOM   482  N  N   . PHE A 1 65  ? -2.930  -4.042  7.289   1.00 10.19 ? 65  PHE A N   1 
ATOM   483  C  CA  . PHE A 1 65  ? -3.848  -2.908  7.469   1.00 11.49 ? 65  PHE A CA  1 
ATOM   484  C  C   . PHE A 1 65  ? -4.488  -2.454  6.159   1.00 9.76  ? 65  PHE A C   1 
ATOM   485  O  O   . PHE A 1 65  ? -5.674  -2.099  6.116   1.00 9.29  ? 65  PHE A O   1 
ATOM   486  C  CB  . PHE A 1 65  ? -3.100  -1.754  8.100   1.00 11.08 ? 65  PHE A CB  1 
ATOM   487  C  CG  . PHE A 1 65  ? -3.990  -0.725  8.729   1.00 10.28 ? 65  PHE A CG  1 
ATOM   488  C  CD1 . PHE A 1 65  ? -4.120  0.482   8.135   1.00 12.46 ? 65  PHE A CD1 1 
ATOM   489  C  CD2 . PHE A 1 65  ? -4.741  -0.999  9.841   1.00 11.40 ? 65  PHE A CD2 1 
ATOM   490  C  CE1 . PHE A 1 65  ? -4.961  1.497   8.678   1.00 15.72 ? 65  PHE A CE1 1 
ATOM   491  C  CE2 . PHE A 1 65  ? -5.620  0.017   10.355  1.00 13.87 ? 65  PHE A CE2 1 
ATOM   492  C  CZ  . PHE A 1 65  ? -5.686  1.235   9.791   1.00 13.19 ? 65  PHE A CZ  1 
ATOM   493  N  N   . PHE A 1 66  ? -3.690  -2.469  5.110   1.00 11.64 ? 66  PHE A N   1 
ATOM   494  C  CA  . PHE A 1 66  ? -4.199  -2.136  3.775   1.00 12.12 ? 66  PHE A CA  1 
ATOM   495  C  C   . PHE A 1 66  ? -5.289  -3.146  3.421   1.00 9.51  ? 66  PHE A C   1 
ATOM   496  O  O   . PHE A 1 66  ? -6.335  -2.786  2.862   1.00 10.68 ? 66  PHE A O   1 
ATOM   497  C  CB  . PHE A 1 66  ? -3.054  -2.163  2.782   1.00 12.80 ? 66  PHE A CB  1 
ATOM   498  C  CG  . PHE A 1 66  ? -3.399  -1.724  1.386   1.00 11.26 ? 66  PHE A CG  1 
ATOM   499  C  CD1 . PHE A 1 66  ? -3.592  -0.409  1.138   1.00 17.52 ? 66  PHE A CD1 1 
ATOM   500  C  CD2 . PHE A 1 66  ? -3.448  -2.608  0.333   1.00 13.08 ? 66  PHE A CD2 1 
ATOM   501  C  CE1 . PHE A 1 66  ? -3.905  0.076   -0.165  1.00 13.85 ? 66  PHE A CE1 1 
ATOM   502  C  CE2 . PHE A 1 66  ? -3.722  -2.105  -0.985  1.00 16.83 ? 66  PHE A CE2 1 
ATOM   503  C  CZ  . PHE A 1 66  ? -3.974  -0.799  -1.199  1.00 14.33 ? 66  PHE A CZ  1 
ATOM   504  N  N   . SER A 1 67  ? -5.026  -4.391  3.750   1.00 11.45 ? 67  SER A N   1 
ATOM   505  C  CA  . SER A 1 67  ? -6.031  -5.447  3.564   1.00 10.35 ? 67  SER A CA  1 
ATOM   506  C  C   . SER A 1 67  ? -7.352  -5.231  4.307   1.00 11.87 ? 67  SER A C   1 
ATOM   507  O  O   . SER A 1 67  ? -8.433  -5.531  3.776   1.00 10.90 ? 67  SER A O   1 
ATOM   508  C  CB  . SER A 1 67  ? -5.487  -6.783  4.014   1.00 12.08 ? 67  SER A CB  1 
ATOM   509  O  OG  . SER A 1 67  ? -6.347  -7.859  3.642   1.00 15.21 ? 67  SER A OG  1 
ATOM   510  N  N   . LYS A 1 68  ? -7.245  -4.720  5.525   1.00 10.49 ? 68  LYS A N   1 
ATOM   511  C  CA  . LYS A 1 68  ? -8.439  -4.324  6.286   1.00 9.75  ? 68  LYS A CA  1 
ATOM   512  C  C   . LYS A 1 68  ? -9.245  -3.317  5.469   1.00 9.90  ? 68  LYS A C   1 
ATOM   513  O  O   . LYS A 1 68  ? -10.484 -3.366  5.438   1.00 9.56  ? 68  LYS A O   1 
ATOM   514  C  CB  . LYS A 1 68  ? -8.065  -3.712  7.628   1.00 11.30 ? 68  LYS A CB  1 
ATOM   515  C  CG  . LYS A 1 68  ? -9.249  -3.303  8.482   1.00 9.72  ? 68  LYS A CG  1 
ATOM   516  C  CD  . LYS A 1 68  ? -8.876  -3.293  9.958   1.00 15.35 ? 68  LYS A CD  1 
ATOM   517  C  CE  . LYS A 1 68  ? -9.679  -2.260  10.727  1.00 14.59 ? 68  LYS A CE  1 
ATOM   518  N  NZ  . LYS A 1 68  ? -11.039 -2.122  10.158  1.00 13.42 ? 68  LYS A NZ  1 
ATOM   519  N  N   . ILE A 1 69  ? -8.531  -2.416  4.819   1.00 11.49 ? 69  ILE A N   1 
ATOM   520  C  CA  . ILE A 1 69  ? -9.171  -1.240  4.213   1.00 12.89 ? 69  ILE A CA  1 
ATOM   521  C  C   . ILE A 1 69  ? -9.889  -1.727  2.957   1.00 12.08 ? 69  ILE A C   1 
ATOM   522  O  O   . ILE A 1 69  ? -11.034 -1.336  2.686   1.00 11.51 ? 69  ILE A O   1 
ATOM   523  C  CB  . ILE A 1 69  ? -8.133  -0.159  3.830   1.00 10.93 ? 69  ILE A CB  1 
ATOM   524  C  CG1 . ILE A 1 69  ? -7.690  0.701   5.040   1.00 15.73 ? 69  ILE A CG1 1 
ATOM   525  C  CG2 . ILE A 1 69  ? -8.855  0.577   2.699   1.00 21.19 ? 69  ILE A CG2 1 
ATOM   526  C  CD1 . ILE A 1 69  ? -6.444  1.563   4.761   1.00 21.76 ? 69  ILE A CD1 1 
ATOM   527  N  N   . ILE A 1 70  ? -9.206  -2.572  2.212   1.00 10.99 ? 70  ILE A N   1 
ATOM   528  C  CA  . ILE A 1 70  ? -9.784  -3.123  0.983   1.00 9.09  ? 70  ILE A CA  1 
ATOM   529  C  C   . ILE A 1 70  ? -10.999 -3.983  1.288   1.00 11.69 ? 70  ILE A C   1 
ATOM   530  O  O   . ILE A 1 70  ? -11.987 -3.971  0.539   1.00 11.19 ? 70  ILE A O   1 
ATOM   531  C  CB  . ILE A 1 70  ? -8.770  -4.015  0.220   1.00 11.78 ? 70  ILE A CB  1 
ATOM   532  C  CG1 . ILE A 1 70  ? -7.575  -3.211  -0.358  1.00 11.33 ? 70  ILE A CG1 1 
ATOM   533  C  CG2 . ILE A 1 70  ? -9.671  -4.715  -0.803  1.00 14.60 ? 70  ILE A CG2 1 
ATOM   534  C  CD1 . ILE A 1 70  ? -7.985  -1.863  -0.995  1.00 19.80 ? 70  ILE A CD1 1 
ATOM   535  N  N   . GLY A 1 71  ? -10.926 -4.719  2.376   1.00 13.81 ? 71  GLY A N   1 
ATOM   536  C  CA  . GLY A 1 71  ? -12.051 -5.544  2.821   1.00 10.90 ? 71  GLY A CA  1 
ATOM   537  C  C   . GLY A 1 71  ? -13.328 -4.840  3.248   1.00 12.50 ? 71  GLY A C   1 
ATOM   538  O  O   . GLY A 1 71  ? -14.419 -5.420  3.167   1.00 15.00 ? 71  GLY A O   1 
ATOM   539  N  N   . GLU A 1 72  ? -13.203 -3.604  3.686   1.00 11.19 ? 72  GLU A N   1 
ATOM   540  C  CA  . GLU A 1 72  ? -14.347 -2.827  4.159   1.00 11.51 ? 72  GLU A CA  1 
ATOM   541  C  C   . GLU A 1 72  ? -14.896 -1.678  3.311   1.00 11.32 ? 72  GLU A C   1 
ATOM   542  O  O   . GLU A 1 72  ? -15.713 -0.875  3.780   1.00 11.89 ? 72  GLU A O   1 
ATOM   543  C  CB  . GLU A 1 72  ? -14.089 -2.147  5.520   1.00 12.38 ? 72  GLU A CB  1 
ATOM   544  C  CG  . GLU A 1 72  ? -13.125 -0.948  5.510   1.00 10.92 ? 72  GLU A CG  1 
ATOM   545  C  CD  . GLU A 1 72  ? -12.337 -0.734  6.845   1.00 15.74 ? 72  GLU A CD  1 
ATOM   546  O  OE1 . GLU A 1 72  ? -12.613 -1.329  7.839   1.00 12.98 ? 72  GLU A OE1 1 
ATOM   547  O  OE2 . GLU A 1 72  ? -11.460 0.099   6.630   1.00 13.32 ? 72  GLU A OE2 1 
ATOM   548  N  N   . LEU A 1 73  ? -14.438 -1.616  2.080   1.00 14.11 ? 73  LEU A N   1 
ATOM   549  C  CA  . LEU A 1 73  ? -14.859 -0.539  1.172   1.00 11.07 ? 73  LEU A CA  1 
ATOM   550  C  C   . LEU A 1 73  ? -16.384 -0.633  1.136   1.00 11.67 ? 73  LEU A C   1 
ATOM   551  O  O   . LEU A 1 73  ? -16.960 -1.735  1.120   1.00 10.77 ? 73  LEU A O   1 
ATOM   552  C  CB  . LEU A 1 73  ? -14.212 -0.739  -0.216  1.00 10.37 ? 73  LEU A CB  1 
ATOM   553  C  CG  . LEU A 1 73  ? -12.700 -0.689  -0.313  1.00 11.70 ? 73  LEU A CG  1 
ATOM   554  C  CD1 . LEU A 1 73  ? -12.264 -1.330  -1.600  1.00 11.35 ? 73  LEU A CD1 1 
ATOM   555  C  CD2 . LEU A 1 73  ? -12.224 0.734   -0.249  1.00 11.72 ? 73  LEU A CD2 1 
ATOM   556  N  N   . PRO A 1 74  ? -17.012 0.526   1.110   1.00 14.05 ? 74  PRO A N   1 
ATOM   557  C  CA  . PRO A 1 74  ? -16.246 1.790   1.175   1.00 11.69 ? 74  PRO A CA  1 
ATOM   558  C  C   . PRO A 1 74  ? -16.113 2.572   2.484   1.00 13.18 ? 74  PRO A C   1 
ATOM   559  O  O   . PRO A 1 74  ? -15.863 3.784   2.474   1.00 14.00 ? 74  PRO A O   1 
ATOM   560  C  CB  . PRO A 1 74  ? -17.080 2.744   0.373   1.00 14.95 ? 74  PRO A CB  1 
ATOM   561  C  CG  . PRO A 1 74  ? -18.524 2.284   0.468   1.00 18.32 ? 74  PRO A CG  1 
ATOM   562  C  CD  . PRO A 1 74  ? -18.421 0.844   0.962   1.00 12.64 ? 74  PRO A CD  1 
ATOM   563  N  N   . ASN A 1 75  ? -16.281 1.869   3.588   1.00 13.55 ? 75  ASN A N   1 
ATOM   564  C  CA  . ASN A 1 75  ? -16.457 2.529   4.892   1.00 12.30 ? 75  ASN A CA  1 
ATOM   565  C  C   . ASN A 1 75  ? -15.075 2.575   5.484   1.00 10.31 ? 75  ASN A C   1 
ATOM   566  O  O   . ASN A 1 75  ? -14.761 1.839   6.430   1.00 13.42 ? 75  ASN A O   1 
ATOM   567  C  CB  . ASN A 1 75  ? -17.467 1.732   5.744   1.00 15.30 ? 75  ASN A CB  1 
ATOM   568  C  CG  . ASN A 1 75  ? -17.396 2.136   7.189   1.00 13.76 ? 75  ASN A CG  1 
ATOM   569  O  OD1 . ASN A 1 75  ? -17.352 1.360   8.125   1.00 17.56 ? 75  ASN A OD1 1 
ATOM   570  N  ND2 . ASN A 1 75  ? -17.307 3.498   7.424   1.00 17.36 ? 75  ASN A ND2 1 
ATOM   571  N  N   . ILE A 1 76  ? -14.246 3.443   4.927   1.00 13.37 ? 76  ILE A N   1 
ATOM   572  C  CA  . ILE A 1 76  ? -12.844 3.512   5.330   1.00 13.24 ? 76  ILE A CA  1 
ATOM   573  C  C   . ILE A 1 76  ? -12.339 4.670   6.194   1.00 9.73  ? 76  ILE A C   1 
ATOM   574  O  O   . ILE A 1 76  ? -11.174 4.684   6.614   1.00 10.63 ? 76  ILE A O   1 
ATOM   575  C  CB  . ILE A 1 76  ? -11.903 3.579   4.104   1.00 11.50 ? 76  ILE A CB  1 
ATOM   576  C  CG1 . ILE A 1 76  ? -12.048 4.895   3.300   1.00 12.91 ? 76  ILE A CG1 1 
ATOM   577  C  CG2 . ILE A 1 76  ? -12.265 2.289   3.363   1.00 11.45 ? 76  ILE A CG2 1 
ATOM   578  C  CD1 . ILE A 1 76  ? -11.134 4.970   2.055   1.00 16.14 ? 76  ILE A CD1 1 
ATOM   579  N  N   . GLU A 1 77  ? -13.218 5.626   6.446   1.00 10.91 ? 77  GLU A N   1 
ATOM   580  C  CA  . GLU A 1 77  ? -12.824 6.856   7.150   1.00 13.10 ? 77  GLU A CA  1 
ATOM   581  C  C   . GLU A 1 77  ? -12.111 6.698   8.494   1.00 9.75  ? 77  GLU A C   1 
ATOM   582  O  O   . GLU A 1 77  ? -11.134 7.398   8.782   1.00 10.59 ? 77  GLU A O   1 
ATOM   583  C  CB  . GLU A 1 77  ? -14.051 7.755   7.466   1.00 15.57 ? 77  GLU A CB  1 
ATOM   584  C  CG  . GLU A 1 77  ? -13.759 9.131   8.089   1.00 16.32 ? 77  GLU A CG  1 
ATOM   585  C  CD  . GLU A 1 77  ? -14.486 10.339  7.393   1.00 30.18 ? 77  GLU A CD  1 
ATOM   586  O  OE1 . GLU A 1 77  ? -15.667 10.359  7.239   0.00 0.00  ? 77  GLU A OE1 1 
ATOM   587  O  OE2 . GLU A 1 77  ? -13.631 11.167  7.085   1.00 24.00 ? 77  GLU A OE2 1 
ATOM   588  N  N   . ALA A 1 78  ? -12.609 5.782   9.302   1.00 12.35 ? 78  ALA A N   1 
ATOM   589  C  CA  . ALA A 1 78  ? -12.103 5.619   10.674  1.00 13.98 ? 78  ALA A CA  1 
ATOM   590  C  C   . ALA A 1 78  ? -10.667 5.094   10.605  1.00 9.38  ? 78  ALA A C   1 
ATOM   591  O  O   . ALA A 1 78  ? -9.803  5.505   11.386  1.00 11.07 ? 78  ALA A O   1 
ATOM   592  C  CB  . ALA A 1 78  ? -12.918 4.545   11.408  1.00 12.50 ? 78  ALA A CB  1 
ATOM   593  N  N   . ASP A 1 79  ? -10.440 4.195   9.674   1.00 12.07 ? 79  ASP A N   1 
ATOM   594  C  CA  . ASP A 1 79  ? -9.103  3.608   9.500   1.00 10.35 ? 79  ASP A CA  1 
ATOM   595  C  C   . ASP A 1 79  ? -8.083  4.568   8.892   1.00 10.48 ? 79  ASP A C   1 
ATOM   596  O  O   . ASP A 1 79  ? -6.895  4.535   9.237   1.00 9.97  ? 79  ASP A O   1 
ATOM   597  C  CB  . ASP A 1 79  ? -9.201  2.351   8.606   1.00 10.28 ? 79  ASP A CB  1 
ATOM   598  C  CG  . ASP A 1 79  ? -9.694  1.160   9.381   1.00 11.03 ? 79  ASP A CG  1 
ATOM   599  O  OD1 . ASP A 1 79  ? -9.655  1.056   10.590  1.00 12.71 ? 79  ASP A OD1 1 
ATOM   600  O  OD2 . ASP A 1 79  ? -10.212 0.289   8.726   1.00 11.65 ? 79  ASP A OD2 1 
ATOM   601  N  N   . VAL A 1 80  ? -8.558  5.411   7.996   1.00 12.40 ? 80  VAL A N   1 
ATOM   602  C  CA  . VAL A 1 80  ? -7.729  6.501   7.463   1.00 10.11 ? 80  VAL A CA  1 
ATOM   603  C  C   . VAL A 1 80  ? -7.330  7.475   8.575   1.00 9.76  ? 80  VAL A C   1 
ATOM   604  O  O   . VAL A 1 80  ? -6.192  7.954   8.621   1.00 10.17 ? 80  VAL A O   1 
ATOM   605  C  CB  . VAL A 1 80  ? -8.486  7.231   6.362   1.00 11.73 ? 80  VAL A CB  1 
ATOM   606  C  CG1 . VAL A 1 80  ? -7.881  8.589   5.946   1.00 12.71 ? 80  VAL A CG1 1 
ATOM   607  C  CG2 . VAL A 1 80  ? -8.763  6.341   5.175   1.00 14.80 ? 80  VAL A CG2 1 
ATOM   608  N  N   . ASN A 1 81  ? -8.275  7.754   9.456   1.00 10.69 ? 81  ASN A N   1 
ATOM   609  C  CA  . ASN A 1 81  ? -7.989  8.581   10.641  1.00 12.81 ? 81  ASN A CA  1 
ATOM   610  C  C   . ASN A 1 81  ? -6.884  7.998   11.523  1.00 10.96 ? 81  ASN A C   1 
ATOM   611  O  O   . ASN A 1 81  ? -5.974  8.715   11.959  1.00 9.79  ? 81  ASN A O   1 
ATOM   612  C  CB  . ASN A 1 81  ? -9.275  8.744   11.477  1.00 11.76 ? 81  ASN A CB  1 
ATOM   613  C  CG  . ASN A 1 81  ? -10.147 9.845   10.933  1.00 11.45 ? 81  ASN A CG  1 
ATOM   614  O  OD1 . ASN A 1 81  ? -9.823  10.616  10.047  1.00 11.15 ? 81  ASN A OD1 1 
ATOM   615  N  ND2 . ASN A 1 81  ? -11.432 9.906   11.457  1.00 13.33 ? 81  ASN A ND2 1 
ATOM   616  N  N   . THR A 1 82  ? -6.980  6.710   11.776  1.00 12.04 ? 82  THR A N   1 
ATOM   617  C  CA  . THR A 1 82  ? -5.915  6.000   12.503  1.00 10.48 ? 82  THR A CA  1 
ATOM   618  C  C   . THR A 1 82  ? -4.561  6.020   11.795  1.00 10.55 ? 82  THR A C   1 
ATOM   619  O  O   . THR A 1 82  ? -3.516  6.227   12.423  1.00 11.05 ? 82  THR A O   1 
ATOM   620  C  CB  . THR A 1 82  ? -6.396  4.552   12.708  1.00 12.01 ? 82  THR A CB  1 
ATOM   621  O  OG1 . THR A 1 82  ? -7.536  4.682   13.547  1.00 10.94 ? 82  THR A OG1 1 
ATOM   622  C  CG2 . THR A 1 82  ? -5.357  3.685   13.359  1.00 15.04 ? 82  THR A CG2 1 
ATOM   623  N  N   . PHE A 1 83  ? -4.598  5.805   10.497  1.00 11.09 ? 83  PHE A N   1 
ATOM   624  C  CA  . PHE A 1 83  ? -3.393  5.949   9.673   1.00 11.97 ? 83  PHE A CA  1 
ATOM   625  C  C   . PHE A 1 83  ? -2.734  7.323   9.798   1.00 13.94 ? 83  PHE A C   1 
ATOM   626  O  O   . PHE A 1 83  ? -1.514  7.426   9.973   1.00 10.48 ? 83  PHE A O   1 
ATOM   627  C  CB  . PHE A 1 83  ? -3.748  5.690   8.219   1.00 9.94  ? 83  PHE A CB  1 
ATOM   628  C  CG  . PHE A 1 83  ? -2.622  6.110   7.325   1.00 10.49 ? 83  PHE A CG  1 
ATOM   629  C  CD1 . PHE A 1 83  ? -1.577  5.270   7.134   1.00 10.32 ? 83  PHE A CD1 1 
ATOM   630  C  CD2 . PHE A 1 83  ? -2.656  7.286   6.624   1.00 11.04 ? 83  PHE A CD2 1 
ATOM   631  C  CE1 . PHE A 1 83  ? -0.484  5.604   6.288   1.00 10.03 ? 83  PHE A CE1 1 
ATOM   632  C  CE2 . PHE A 1 83  ? -1.569  7.598   5.739   1.00 12.67 ? 83  PHE A CE2 1 
ATOM   633  C  CZ  . PHE A 1 83  ? -0.505  6.780   5.617   1.00 11.44 ? 83  PHE A CZ  1 
ATOM   634  N  N   . VAL A 1 84  ? -3.549  8.359   9.703   1.00 11.10 ? 84  VAL A N   1 
ATOM   635  C  CA  . VAL A 1 84  ? -3.040  9.736   9.794   1.00 12.53 ? 84  VAL A CA  1 
ATOM   636  C  C   . VAL A 1 84  ? -2.432  9.988   11.178  1.00 11.04 ? 84  VAL A C   1 
ATOM   637  O  O   . VAL A 1 84  ? -1.377  10.620  11.301  1.00 11.18 ? 84  VAL A O   1 
ATOM   638  C  CB  . VAL A 1 84  ? -4.169  10.718  9.520   1.00 10.87 ? 84  VAL A CB  1 
ATOM   639  C  CG1 . VAL A 1 84  ? -3.894  12.172  9.968   1.00 13.27 ? 84  VAL A CG1 1 
ATOM   640  C  CG2 . VAL A 1 84  ? -4.652  10.642  8.094   1.00 12.58 ? 84  VAL A CG2 1 
ATOM   641  N  N   . ALA A 1 85  ? -3.107  9.492   12.198  1.00 12.13 ? 85  ALA A N   1 
ATOM   642  C  CA  . ALA A 1 85  ? -2.612  9.628   13.577  1.00 14.29 ? 85  ALA A CA  1 
ATOM   643  C  C   . ALA A 1 85  ? -1.224  9.046   13.851  1.00 11.14 ? 85  ALA A C   1 
ATOM   644  O  O   . ALA A 1 85  ? -0.439  9.608   14.624  1.00 12.60 ? 85  ALA A O   1 
ATOM   645  C  CB  . ALA A 1 85  ? -3.586  8.851   14.474  1.00 13.62 ? 85  ALA A CB  1 
ATOM   646  N  N   . SER A 1 86  ? -0.942  7.930   13.216  1.00 12.11 ? 86  SER A N   1 
ATOM   647  C  CA  . SER A 1 86  ? 0.343   7.249   13.420  1.00 13.37 ? 86  SER A CA  1 
ATOM   648  C  C   . SER A 1 86  ? 1.423   7.725   12.448  1.00 15.03 ? 86  SER A C   1 
ATOM   649  O  O   . SER A 1 86  ? 2.618   7.698   12.765  1.00 14.90 ? 86  SER A O   1 
ATOM   650  C  CB  . SER A 1 86  ? 0.179   5.753   13.248  1.00 12.46 ? 86  SER A CB  1 
ATOM   651  O  OG  . SER A 1 86  ? -0.271  5.409   11.942  1.00 14.10 ? 86  SER A OG  1 
ATOM   652  N  N   . HIS A 1 87  ? 0.987   8.155   11.282  1.00 12.99 ? 87  HIS A N   1 
ATOM   653  C  CA  . HIS A 1 87  ? 1.919   8.632   10.255  1.00 12.60 ? 87  HIS A CA  1 
ATOM   654  C  C   . HIS A 1 87  ? 2.223   10.117  10.045  1.00 11.40 ? 87  HIS A C   1 
ATOM   655  O  O   . HIS A 1 87  ? 3.304   10.482  9.567   1.00 11.84 ? 87  HIS A O   1 
ATOM   656  C  CB  . HIS A 1 87  ? 1.441   8.140   8.886   1.00 13.53 ? 87  HIS A CB  1 
ATOM   657  C  CG  . HIS A 1 87  ? 1.784   6.678   8.721   1.00 14.76 ? 87  HIS A CG  1 
ATOM   658  N  ND1 . HIS A 1 87  ? 1.160   5.681   9.459   1.00 12.22 ? 87  HIS A ND1 1 
ATOM   659  C  CD2 . HIS A 1 87  ? 2.694   6.046   7.935   1.00 11.56 ? 87  HIS A CD2 1 
ATOM   660  C  CE1 . HIS A 1 87  ? 1.682   4.519   9.124   1.00 11.62 ? 87  HIS A CE1 1 
ATOM   661  N  NE2 . HIS A 1 87  ? 2.587   4.716   8.194   1.00 10.97 ? 87  HIS A NE2 1 
ATOM   662  N  N   . LYS A 1 88  ? 1.265   10.953  10.408  1.00 14.13 ? 88  LYS A N   1 
ATOM   663  C  CA  . LYS A 1 88  ? 1.470   12.408  10.369  1.00 19.16 ? 88  LYS A CA  1 
ATOM   664  C  C   . LYS A 1 88  ? 2.673   12.918  11.167  1.00 21.26 ? 88  LYS A C   1 
ATOM   665  O  O   . LYS A 1 88  ? 3.426   13.780  10.696  1.00 18.85 ? 88  LYS A O   1 
ATOM   666  C  CB  . LYS A 1 88  ? 0.253   13.154  10.903  1.00 21.39 ? 88  LYS A CB  1 
ATOM   667  C  CG  . LYS A 1 88  ? 0.277   14.646  10.661  1.00 24.30 ? 88  LYS A CG  1 
ATOM   668  C  CD  . LYS A 1 88  ? -1.133  15.228  10.714  1.00 24.95 ? 88  LYS A CD  1 
ATOM   669  C  CE  . LYS A 1 88  ? -1.145  16.596  11.375  0.00 0.00  ? 88  LYS A CE  1 
ATOM   670  N  NZ  . LYS A 1 88  ? -2.528  17.106  11.507  0.00 0.00  ? 88  LYS A NZ  1 
ATOM   671  N  N   . PRO A 1 89  ? 2.838   12.380  12.363  1.00 16.14 ? 89  PRO A N   1 
ATOM   672  C  CA  . PRO A 1 89  ? 4.040   12.658  13.165  1.00 18.32 ? 89  PRO A CA  1 
ATOM   673  C  C   . PRO A 1 89  ? 5.393   12.094  12.731  1.00 18.43 ? 89  PRO A C   1 
ATOM   674  O  O   . PRO A 1 89  ? 6.447   12.528  13.208  1.00 21.67 ? 89  PRO A O   1 
ATOM   675  C  CB  . PRO A 1 89  ? 3.715   12.091  14.510  1.00 22.16 ? 89  PRO A CB  1 
ATOM   676  C  CG  . PRO A 1 89  ? 2.217   11.864  14.623  1.00 21.81 ? 89  PRO A CG  1 
ATOM   677  C  CD  . PRO A 1 89  ? 1.720   11.924  13.182  1.00 17.63 ? 89  PRO A CD  1 
ATOM   678  N  N   . ARG A 1 90  ? 5.345   11.135  11.834  1.00 15.50 ? 90  ARG A N   1 
ATOM   679  C  CA  . ARG A 1 90  ? 6.564   10.665  11.164  1.00 16.21 ? 90  ARG A CA  1 
ATOM   680  C  C   . ARG A 1 90  ? 6.984   11.477  9.939   1.00 11.13 ? 90  ARG A C   1 
ATOM   681  O  O   . ARG A 1 90  ? 7.959   11.134  9.255   1.00 14.21 ? 90  ARG A O   1 
ATOM   682  C  CB  . ARG A 1 90  ? 6.412   9.203   10.683  1.00 16.55 ? 90  ARG A CB  1 
ATOM   683  C  CG  . ARG A 1 90  ? 5.887   8.231   11.754  1.00 15.49 ? 90  ARG A CG  1 
ATOM   684  C  CD  . ARG A 1 90  ? 5.831   6.818   11.197  1.00 10.84 ? 90  ARG A CD  1 
ATOM   685  N  NE  . ARG A 1 90  ? 5.794   5.821   12.277  1.00 13.91 ? 90  ARG A NE  1 
ATOM   686  C  CZ  . ARG A 1 90  ? 4.789   4.928   12.430  1.00 13.39 ? 90  ARG A CZ  1 
ATOM   687  N  NH1 . ARG A 1 90  ? 3.911   4.697   11.441  1.00 13.39 ? 90  ARG A NH1 1 
ATOM   688  N  NH2 . ARG A 1 90  ? 4.687   4.278   13.573  1.00 15.89 ? 90  ARG A NH2 1 
ATOM   689  N  N   . GLY A 1 91  ? 6.245   12.541  9.680   1.00 13.75 ? 91  GLY A N   1 
ATOM   690  C  CA  . GLY A 1 91  ? 6.542   13.408  8.530   1.00 12.98 ? 91  GLY A CA  1 
ATOM   691  C  C   . GLY A 1 91  ? 6.393   12.891  7.102   1.00 15.40 ? 91  GLY A C   1 
ATOM   692  O  O   . GLY A 1 91  ? 7.072   13.363  6.180   1.00 13.33 ? 91  GLY A O   1 
ATOM   693  N  N   . VAL A 1 92  ? 5.507   11.934  6.943   1.00 13.84 ? 92  VAL A N   1 
ATOM   694  C  CA  . VAL A 1 92  ? 5.250   11.374  5.617   1.00 11.39 ? 92  VAL A CA  1 
ATOM   695  C  C   . VAL A 1 92  ? 4.756   12.507  4.719   1.00 11.33 ? 92  VAL A C   1 
ATOM   696  O  O   . VAL A 1 92  ? 3.857   13.270  5.095   1.00 12.29 ? 92  VAL A O   1 
ATOM   697  C  CB  . VAL A 1 92  ? 4.233   10.235  5.727   1.00 12.49 ? 92  VAL A CB  1 
ATOM   698  C  CG1 . VAL A 1 92  ? 3.707   9.690   4.372   1.00 13.92 ? 92  VAL A CG1 1 
ATOM   699  C  CG2 . VAL A 1 92  ? 4.701   9.133   6.637   1.00 13.45 ? 92  VAL A CG2 1 
ATOM   700  N  N   . THR A 1 93  ? 5.352   12.603  3.547   1.00 13.50 ? 93  THR A N   1 
ATOM   701  C  CA  . THR A 1 93  ? 4.911   13.590  2.553   1.00 10.42 ? 93  THR A CA  1 
ATOM   702  C  C   . THR A 1 93  ? 3.981   13.078  1.457   1.00 11.25 ? 93  THR A C   1 
ATOM   703  O  O   . THR A 1 93  ? 3.839   11.862  1.261   1.00 10.94 ? 93  THR A O   1 
ATOM   704  C  CB  . THR A 1 93  ? 6.171   14.165  1.926   1.00 12.96 ? 93  THR A CB  1 
ATOM   705  O  OG1 . THR A 1 93  ? 6.642   13.140  1.060   1.00 12.09 ? 93  THR A OG1 1 
ATOM   706  C  CG2 . THR A 1 93  ? 7.222   14.529  2.930   1.00 13.66 ? 93  THR A CG2 1 
ATOM   707  N  N   . HIS A 1 94  ? 3.361   13.991  0.780   1.00 12.88 ? 94  HIS A N   1 
ATOM   708  C  CA  . HIS A 1 94  ? 2.468   13.636  -0.338  1.00 14.90 ? 94  HIS A CA  1 
ATOM   709  C  C   . HIS A 1 94  ? 3.235   12.930  -1.454  1.00 13.09 ? 94  HIS A C   1 
ATOM   710  O  O   . HIS A 1 94  ? 2.714   12.004  -2.095  1.00 12.58 ? 94  HIS A O   1 
ATOM   711  C  CB  . HIS A 1 94  ? 1.803   14.899  -0.862  1.00 13.43 ? 94  HIS A CB  1 
ATOM   712  C  CG  . HIS A 1 94  ? 0.569   15.381  -0.147  1.00 16.52 ? 94  HIS A CG  1 
ATOM   713  N  ND1 . HIS A 1 94  ? -0.427  16.096  -0.791  1.00 18.39 ? 94  HIS A ND1 1 
ATOM   714  C  CD2 . HIS A 1 94  ? 0.182   15.279  1.149   1.00 13.50 ? 94  HIS A CD2 1 
ATOM   715  C  CE1 . HIS A 1 94  ? -1.357  16.408  0.088   1.00 22.59 ? 94  HIS A CE1 1 
ATOM   716  N  NE2 . HIS A 1 94  ? -1.019  15.902  1.252   1.00 15.47 ? 94  HIS A NE2 1 
ATOM   717  N  N   . ASP A 1 95  ? 4.461   13.385  -1.673  1.00 12.26 ? 95  ASP A N   1 
ATOM   718  C  CA  . ASP A 1 95  ? 5.340   12.731  -2.648  1.00 12.87 ? 95  ASP A CA  1 
ATOM   719  C  C   . ASP A 1 95  ? 5.553   11.252  -2.335  1.00 10.99 ? 95  ASP A C   1 
ATOM   720  O  O   . ASP A 1 95  ? 5.464   10.394  -3.228  1.00 10.64 ? 95  ASP A O   1 
ATOM   721  C  CB  . ASP A 1 95  ? 6.704   13.446  -2.689  1.00 17.67 ? 95  ASP A CB  1 
ATOM   722  C  CG  . ASP A 1 95  ? 6.600   14.772  -3.392  1.00 20.32 ? 95  ASP A CG  1 
ATOM   723  O  OD1 . ASP A 1 95  ? 7.274   15.748  -3.131  0.00 0.00  ? 95  ASP A OD1 1 
ATOM   724  O  OD2 . ASP A 1 95  ? 5.702   14.819  -4.450  1.00 18.42 ? 95  ASP A OD2 1 
ATOM   725  N  N   . GLN A 1 96  ? 5.834   10.991  -1.088  1.00 13.19 ? 96  GLN A N   1 
ATOM   726  C  CA  . GLN A 1 96  ? 6.051   9.615   -0.659  1.00 11.65 ? 96  GLN A CA  1 
ATOM   727  C  C   . GLN A 1 96  ? 4.789   8.765   -0.779  1.00 12.51 ? 96  GLN A C   1 
ATOM   728  O  O   . GLN A 1 96  ? 4.843   7.604   -1.211  1.00 10.42 ? 96  GLN A O   1 
ATOM   729  C  CB  . GLN A 1 96  ? 6.535   9.635   0.761   1.00 10.48 ? 96  GLN A CB  1 
ATOM   730  C  CG  . GLN A 1 96  ? 7.953   9.976   0.881   1.00 11.81 ? 96  GLN A CG  1 
ATOM   731  C  CD  . GLN A 1 96  ? 8.447   10.197  2.313   1.00 12.99 ? 96  GLN A CD  1 
ATOM   732  O  OE1 . GLN A 1 96  ? 9.668   9.985   2.566   1.00 14.19 ? 96  GLN A OE1 1 
ATOM   733  N  NE2 . GLN A 1 96  ? 7.587   10.521  3.199   1.00 12.20 ? 96  GLN A NE2 1 
ATOM   734  N  N   . LEU A 1 97  ? 3.672   9.355   -0.391  1.00 11.93 ? 97  LEU A N   1 
ATOM   735  C  CA  . LEU A 1 97  ? 2.377   8.683   -0.541  1.00 10.04 ? 97  LEU A CA  1 
ATOM   736  C  C   . LEU A 1 97  ? 2.066   8.299   -1.983  1.00 9.83  ? 97  LEU A C   1 
ATOM   737  O  O   . LEU A 1 97  ? 1.586   7.189   -2.256  1.00 9.81  ? 97  LEU A O   1 
ATOM   738  C  CB  . LEU A 1 97  ? 1.241   9.587   -0.027  1.00 11.50 ? 97  LEU A CB  1 
ATOM   739  C  CG  . LEU A 1 97  ? 0.542   9.184   1.253   1.00 26.02 ? 97  LEU A CG  1 
ATOM   740  C  CD1 . LEU A 1 97  ? 1.298   8.049   1.902   1.00 19.96 ? 97  LEU A CD1 1 
ATOM   741  C  CD2 . LEU A 1 97  ? 0.455   10.353  2.196   1.00 12.87 ? 97  LEU A CD2 1 
ATOM   742  N  N   . ASN A 1 98  ? 2.344   9.222   -2.886  1.00 12.33 ? 98  ASN A N   1 
ATOM   743  C  CA  . ASN A 1 98  ? 2.195   8.927   -4.303  1.00 13.10 ? 98  ASN A CA  1 
ATOM   744  C  C   . ASN A 1 98  ? 3.139   7.897   -4.912  1.00 14.35 ? 98  ASN A C   1 
ATOM   745  O  O   . ASN A 1 98  ? 2.780   7.195   -5.870  1.00 10.65 ? 98  ASN A O   1 
ATOM   746  C  CB  . ASN A 1 98  ? 2.382   10.217  -5.109  1.00 12.27 ? 98  ASN A CB  1 
ATOM   747  C  CG  . ASN A 1 98  ? 1.135   11.057  -5.087  1.00 16.76 ? 98  ASN A CG  1 
ATOM   748  O  OD1 . ASN A 1 98  ? 1.105   12.257  -5.263  1.00 23.44 ? 98  ASN A OD1 1 
ATOM   749  N  ND2 . ASN A 1 98  ? -0.060  10.359  -4.914  1.00 17.66 ? 98  ASN A ND2 1 
ATOM   750  N  N   . ASN A 1 99  ? 4.329   7.822   -4.348  1.00 13.32 ? 99  ASN A N   1 
ATOM   751  C  CA  . ASN A 1 99  ? 5.266   6.748   -4.702  1.00 12.73 ? 99  ASN A CA  1 
ATOM   752  C  C   . ASN A 1 99  ? 4.882   5.380   -4.145  1.00 12.60 ? 99  ASN A C   1 
ATOM   753  O  O   . ASN A 1 99  ? 5.143   4.346   -4.770  1.00 11.01 ? 99  ASN A O   1 
ATOM   754  C  CB  . ASN A 1 99  ? 6.681   7.095   -4.209  1.00 11.09 ? 99  ASN A CB  1 
ATOM   755  C  CG  . ASN A 1 99  ? 7.239   8.251   -4.930  1.00 15.12 ? 99  ASN A CG  1 
ATOM   756  O  OD1 . ASN A 1 99  ? 8.094   8.991   -4.498  1.00 12.88 ? 99  ASN A OD1 1 
ATOM   757  N  ND2 . ASN A 1 99  ? 6.760   8.424   -6.222  1.00 16.25 ? 99  ASN A ND2 1 
ATOM   758  N  N   . PHE A 1 100 ? 4.265   5.399   -2.976  1.00 13.87 ? 100 PHE A N   1 
ATOM   759  C  CA  . PHE A 1 100 ? 3.643   4.175   -2.435  1.00 10.83 ? 100 PHE A CA  1 
ATOM   760  C  C   . PHE A 1 100 ? 2.597   3.657   -3.419  1.00 9.36  ? 100 PHE A C   1 
ATOM   761  O  O   . PHE A 1 100 ? 2.553   2.459   -3.725  1.00 9.67  ? 100 PHE A O   1 
ATOM   762  C  CB  . PHE A 1 100 ? 3.013   4.493   -1.092  1.00 11.33 ? 100 PHE A CB  1 
ATOM   763  C  CG  . PHE A 1 100 ? 2.483   3.307   -0.340  1.00 12.16 ? 100 PHE A CG  1 
ATOM   764  C  CD1 . PHE A 1 100 ? 1.325   2.727   -0.746  1.00 12.00 ? 100 PHE A CD1 1 
ATOM   765  C  CD2 . PHE A 1 100 ? 3.175   2.735   0.694   1.00 15.30 ? 100 PHE A CD2 1 
ATOM   766  C  CE1 . PHE A 1 100 ? 0.779   1.591   -0.084  1.00 13.99 ? 100 PHE A CE1 1 
ATOM   767  C  CE2 . PHE A 1 100 ? 2.639   1.564   1.329   1.00 14.20 ? 100 PHE A CE2 1 
ATOM   768  C  CZ  . PHE A 1 100 ? 1.455   1.043   0.956   1.00 15.72 ? 100 PHE A CZ  1 
ATOM   769  N  N   . ARG A 1 101 ? 1.774   4.570   -3.898  1.00 11.12 ? 101 ARG A N   1 
ATOM   770  C  CA  . ARG A 1 101 ? 0.717   4.203   -4.847  1.00 10.37 ? 101 ARG A CA  1 
ATOM   771  C  C   . ARG A 1 101 ? 1.324   3.655   -6.131  1.00 11.67 ? 101 ARG A C   1 
ATOM   772  O  O   . ARG A 1 101 ? 0.894   2.607   -6.641  1.00 9.79  ? 101 ARG A O   1 
ATOM   773  C  CB  . ARG A 1 101 ? -0.174  5.409   -5.197  1.00 10.34 ? 101 ARG A CB  1 
ATOM   774  C  CG  . ARG A 1 101 ? -1.001  5.237   -6.488  1.00 12.76 ? 101 ARG A CG  1 
ATOM   775  C  CD  . ARG A 1 101 ? -2.066  6.311   -6.574  1.00 10.43 ? 101 ARG A CD  1 
ATOM   776  N  NE  . ARG A 1 101 ? -3.160  5.906   -7.473  1.00 11.54 ? 101 ARG A NE  1 
ATOM   777  C  CZ  . ARG A 1 101 ? -4.265  6.647   -7.674  1.00 10.30 ? 101 ARG A CZ  1 
ATOM   778  N  NH1 . ARG A 1 101 ? -4.576  7.654   -6.848  1.00 12.54 ? 101 ARG A NH1 1 
ATOM   779  N  NH2 . ARG A 1 101 ? -5.038  6.365   -8.697  1.00 12.42 ? 101 ARG A NH2 1 
ATOM   780  N  N   . ALA A 1 102 ? 2.315   4.369   -6.639  1.00 11.40 ? 102 ALA A N   1 
ATOM   781  C  CA  . ALA A 1 102 ? 2.995   3.957   -7.842  1.00 11.75 ? 102 ALA A CA  1 
ATOM   782  C  C   . ALA A 1 102 ? 3.674   2.593   -7.710  1.00 10.49 ? 102 ALA A C   1 
ATOM   783  O  O   . ALA A 1 102 ? 3.628   1.768   -8.633  1.00 11.49 ? 102 ALA A O   1 
ATOM   784  C  CB  . ALA A 1 102 ? 4.115   4.947   -8.117  1.00 11.81 ? 102 ALA A CB  1 
ATOM   785  N  N   . GLY A 1 103 ? 4.297   2.376   -6.563  1.00 12.99 ? 103 GLY A N   1 
ATOM   786  C  CA  . GLY A 1 103 ? 4.933   1.077   -6.280  1.00 11.53 ? 103 GLY A CA  1 
ATOM   787  C  C   . GLY A 1 103 ? 3.921   -0.067  -6.223  1.00 9.57  ? 103 GLY A C   1 
ATOM   788  O  O   . GLY A 1 103 ? 4.153   -1.149  -6.780  1.00 10.02 ? 103 GLY A O   1 
ATOM   789  N  N   . PHE A 1 104 ? 2.819   0.189   -5.549  1.00 10.85 ? 104 PHE A N   1 
ATOM   790  C  CA  . PHE A 1 104 ? 1.760   -0.823  -5.425  1.00 12.37 ? 104 PHE A CA  1 
ATOM   791  C  C   . PHE A 1 104 ? 1.223   -1.206  -6.802  1.00 11.57 ? 104 PHE A C   1 
ATOM   792  O  O   . PHE A 1 104 ? 1.031   -2.393  -7.104  1.00 10.84 ? 104 PHE A O   1 
ATOM   793  C  CB  . PHE A 1 104 ? 0.653   -0.287  -4.549  1.00 11.07 ? 104 PHE A CB  1 
ATOM   794  C  CG  . PHE A 1 104 ? -0.504  -1.244  -4.465  1.00 14.04 ? 104 PHE A CG  1 
ATOM   795  C  CD1 . PHE A 1 104 ? -1.667  -0.937  -5.080  1.00 12.06 ? 104 PHE A CD1 1 
ATOM   796  C  CD2 . PHE A 1 104 ? -0.386  -2.469  -3.868  1.00 13.07 ? 104 PHE A CD2 1 
ATOM   797  C  CE1 . PHE A 1 104 ? -2.790  -1.808  -5.054  1.00 12.88 ? 104 PHE A CE1 1 
ATOM   798  C  CE2 . PHE A 1 104 ? -1.513  -3.361  -3.882  1.00 14.37 ? 104 PHE A CE2 1 
ATOM   799  C  CZ  . PHE A 1 104 ? -2.689  -2.997  -4.429  1.00 14.45 ? 104 PHE A CZ  1 
ATOM   800  N  N   . VAL A 1 105 ? 0.988   -0.196  -7.618  1.00 11.79 ? 105 VAL A N   1 
ATOM   801  C  CA  . VAL A 1 105 ? 0.361   -0.416  -8.928  1.00 12.87 ? 105 VAL A CA  1 
ATOM   802  C  C   . VAL A 1 105 ? 1.347   -1.119  -9.860  1.00 12.91 ? 105 VAL A C   1 
ATOM   803  O  O   . VAL A 1 105 ? 0.957   -1.980  -10.663 1.00 11.49 ? 105 VAL A O   1 
ATOM   804  C  CB  . VAL A 1 105 ? -0.088  0.915   -9.514  1.00 14.39 ? 105 VAL A CB  1 
ATOM   805  C  CG1 . VAL A 1 105 ? -0.327  0.907   -11.046 1.00 16.49 ? 105 VAL A CG1 1 
ATOM   806  C  CG2 . VAL A 1 105 ? -1.252  1.504   -8.761  1.00 14.40 ? 105 VAL A CG2 1 
ATOM   807  N  N   . SER A 1 106 ? 2.610   -0.742  -9.743  1.00 13.43 ? 106 SER A N   1 
ATOM   808  C  CA  . SER A 1 106 ? 3.682   -1.459  -10.444 1.00 15.14 ? 106 SER A CA  1 
ATOM   809  C  C   . SER A 1 106 ? 3.754   -2.938  -10.067 1.00 14.63 ? 106 SER A C   1 
ATOM   810  O  O   . SER A 1 106 ? 3.895   -3.811  -10.937 1.00 11.67 ? 106 SER A O   1 
ATOM   811  C  CB  . SER A 1 106 ? 5.028   -0.833  -10.149 1.00 15.47 ? 106 SER A CB  1 
ATOM   812  O  OG  A SER A 1 106 ? 6.053   -1.351  -10.991 0.50 14.68 ? 106 SER A OG  1 
ATOM   813  O  OG  B SER A 1 106 ? 5.301   0.271   -11.006 0.50 15.92 ? 106 SER A OG  1 
ATOM   814  N  N   . TYR A 1 107 ? 3.655   -3.199  -8.776  1.00 14.14 ? 107 TYR A N   1 
ATOM   815  C  CA  . TYR A 1 107 ? 3.497   -4.578  -8.297  1.00 10.98 ? 107 TYR A CA  1 
ATOM   816  C  C   . TYR A 1 107 ? 2.323   -5.339  -8.911  1.00 12.13 ? 107 TYR A C   1 
ATOM   817  O  O   . TYR A 1 107 ? 2.483   -6.466  -9.405  1.00 11.67 ? 107 TYR A O   1 
ATOM   818  C  CB  . TYR A 1 107 ? 3.335   -4.561  -6.766  1.00 12.29 ? 107 TYR A CB  1 
ATOM   819  C  CG  . TYR A 1 107 ? 3.210   -6.033  -6.350  1.00 13.49 ? 107 TYR A CG  1 
ATOM   820  C  CD1 . TYR A 1 107 ? 1.921   -6.601  -6.304  1.00 11.97 ? 107 TYR A CD1 1 
ATOM   821  C  CD2 . TYR A 1 107 ? 4.297   -6.764  -5.959  1.00 10.96 ? 107 TYR A CD2 1 
ATOM   822  C  CE1 . TYR A 1 107 ? 1.791   -7.995  -5.900  1.00 13.43 ? 107 TYR A CE1 1 
ATOM   823  C  CE2 . TYR A 1 107 ? 4.180   -8.130  -5.559  1.00 11.68 ? 107 TYR A CE2 1 
ATOM   824  C  CZ  . TYR A 1 107 ? 2.891   -8.675  -5.516  1.00 12.72 ? 107 TYR A CZ  1 
ATOM   825  O  OH  . TYR A 1 107 ? 2.764   -9.986  -5.109  1.00 12.97 ? 107 TYR A OH  1 
ATOM   826  N  N   . MET A 1 108 ? 1.164   -4.715  -8.872  1.00 11.73 ? 108 MET A N   1 
ATOM   827  C  CA  . MET A 1 108 ? -0.042  -5.330  -9.445  1.00 13.79 ? 108 MET A CA  1 
ATOM   828  C  C   . MET A 1 108 ? 0.024   -5.603  -10.947 1.00 11.87 ? 108 MET A C   1 
ATOM   829  O  O   . MET A 1 108 ? -0.481  -6.630  -11.430 1.00 12.17 ? 108 MET A O   1 
ATOM   830  C  CB  . MET A 1 108 ? -1.274  -4.424  -9.192  1.00 12.52 ? 108 MET A CB  1 
ATOM   831  C  CG  . MET A 1 108 ? -1.571  -4.310  -7.712  1.00 14.30 ? 108 MET A CG  1 
ATOM   832  S  SD  . MET A 1 108 ? -1.977  -5.897  -6.996  1.00 10.58 ? 108 MET A SD  1 
ATOM   833  C  CE  . MET A 1 108 ? -3.428  -6.272  -7.943  1.00 15.57 ? 108 MET A CE  1 
ATOM   834  N  N   . LYS A 1 109 ? 0.639   -4.684  -11.665 1.00 12.63 ? 109 LYS A N   1 
ATOM   835  C  CA  . LYS A 1 109 ? 0.819   -4.851  -13.115 1.00 13.31 ? 109 LYS A CA  1 
ATOM   836  C  C   . LYS A 1 109 ? 1.811   -5.945  -13.510 1.00 18.67 ? 109 LYS A C   1 
ATOM   837  O  O   . LYS A 1 109 ? 1.632   -6.626  -14.530 1.00 15.64 ? 109 LYS A O   1 
ATOM   838  C  CB  . LYS A 1 109 ? 1.303   -3.561  -13.767 1.00 12.95 ? 109 LYS A CB  1 
ATOM   839  C  CG  . LYS A 1 109 ? 0.198   -2.589  -14.144 1.00 15.24 ? 109 LYS A CG  1 
ATOM   840  C  CD  . LYS A 1 109 ? 0.774   -1.329  -14.785 1.00 23.03 ? 109 LYS A CD  1 
ATOM   841  C  CE  . LYS A 1 109 ? -0.255  -0.625  -15.653 0.00 0.00  ? 109 LYS A CE  1 
ATOM   842  N  NZ  . LYS A 1 109 ? 0.022   0.812   -15.730 0.00 0.00  ? 109 LYS A NZ  1 
ATOM   843  N  N   . ALA A 1 110 ? 2.842   -6.097  -12.697 1.00 14.83 ? 110 ALA A N   1 
ATOM   844  C  CA  . ALA A 1 110 ? 3.807   -7.189  -12.896 1.00 14.50 ? 110 ALA A CA  1 
ATOM   845  C  C   . ALA A 1 110 ? 3.485   -8.600  -12.405 1.00 15.97 ? 110 ALA A C   1 
ATOM   846  O  O   . ALA A 1 110 ? 4.129   -9.579  -12.809 1.00 13.47 ? 110 ALA A O   1 
ATOM   847  C  CB  . ALA A 1 110 ? 5.063   -6.745  -12.127 1.00 14.47 ? 110 ALA A CB  1 
ATOM   848  N  N   . HIS A 1 111 ? 2.494   -8.684  -11.543 1.00 14.29 ? 111 HIS A N   1 
ATOM   849  C  CA  . HIS A 1 111 ? 2.048   -9.983  -11.030 1.00 12.46 ? 111 HIS A CA  1 
ATOM   850  C  C   . HIS A 1 111 ? 0.660   -10.512 -11.388 1.00 14.58 ? 111 HIS A C   1 
ATOM   851  O  O   . HIS A 1 111 ? 0.371   -11.708 -11.218 1.00 15.48 ? 111 HIS A O   1 
ATOM   852  C  CB  . HIS A 1 111 ? 2.104   -9.963  -9.504  1.00 13.01 ? 111 HIS A CB  1 
ATOM   853  C  CG  . HIS A 1 111 ? 3.514   -9.703  -9.040  1.00 16.07 ? 111 HIS A CG  1 
ATOM   854  N  ND1 . HIS A 1 111 ? 4.317   -10.707 -8.527  1.00 16.79 ? 111 HIS A ND1 1 
ATOM   855  C  CD2 . HIS A 1 111 ? 4.247   -8.563  -8.983  1.00 12.49 ? 111 HIS A CD2 1 
ATOM   856  C  CE1 . HIS A 1 111 ? 5.476   -10.181 -8.178  1.00 12.52 ? 111 HIS A CE1 1 
ATOM   857  N  NE2 . HIS A 1 111 ? 5.460   -8.900  -8.469  1.00 16.11 ? 111 HIS A NE2 1 
ATOM   858  N  N   . THR A 1 112 ? -0.176  -9.619  -11.879 1.00 16.50 ? 112 THR A N   1 
ATOM   859  C  CA  . THR A 1 112 ? -1.485  -10.023 -12.408 1.00 14.31 ? 112 THR A CA  1 
ATOM   860  C  C   . THR A 1 112 ? -1.796  -9.447  -13.790 1.00 13.70 ? 112 THR A C   1 
ATOM   861  O  O   . THR A 1 112 ? -1.073  -8.578  -14.295 1.00 16.82 ? 112 THR A O   1 
ATOM   862  C  CB  . THR A 1 112 ? -2.549  -9.584  -11.381 1.00 13.59 ? 112 THR A CB  1 
ATOM   863  O  OG1 . THR A 1 112 ? -2.664  -8.179  -11.583 1.00 13.38 ? 112 THR A OG1 1 
ATOM   864  C  CG2 . THR A 1 112 ? -2.142  -9.882  -9.964  1.00 15.29 ? 112 THR A CG2 1 
ATOM   865  N  N   . ASP A 1 113 ? -2.864  -9.941  -14.378 1.00 21.82 ? 113 ASP A N   1 
ATOM   866  C  CA  . ASP A 1 113 ? -3.384  -9.338  -15.608 1.00 26.93 ? 113 ASP A CA  1 
ATOM   867  C  C   . ASP A 1 113 ? -4.259  -8.154  -15.193 1.00 15.20 ? 113 ASP A C   1 
ATOM   868  O  O   . ASP A 1 113 ? -5.461  -8.303  -14.959 1.00 17.07 ? 113 ASP A O   1 
ATOM   869  C  CB  . ASP A 1 113 ? -4.166  -10.396 -16.406 1.00 39.96 ? 113 ASP A CB  1 
ATOM   870  C  CG  . ASP A 1 113 ? -4.635  -9.847  -17.729 1.00 22.87 ? 113 ASP A CG  1 
ATOM   871  O  OD1 . ASP A 1 113 ? -4.709  -8.663  -18.006 1.00 29.43 ? 113 ASP A OD1 1 
ATOM   872  O  OD2 . ASP A 1 113 ? -4.893  -10.669 -18.566 1.00 31.53 ? 113 ASP A OD2 1 
ATOM   873  N  N   . PHE A 1 114 ? -3.636  -6.994  -15.102 1.00 21.40 ? 114 PHE A N   1 
ATOM   874  C  CA  . PHE A 1 114 ? -4.224  -5.877  -14.351 1.00 12.46 ? 114 PHE A CA  1 
ATOM   875  C  C   . PHE A 1 114 ? -5.245  -5.098  -15.180 1.00 13.89 ? 114 PHE A C   1 
ATOM   876  O  O   . PHE A 1 114 ? -5.919  -4.196  -14.665 1.00 11.82 ? 114 PHE A O   1 
ATOM   877  C  CB  . PHE A 1 114 ? -3.127  -4.950  -13.889 1.00 12.90 ? 114 PHE A CB  1 
ATOM   878  C  CG  . PHE A 1 114 ? -3.442  -3.775  -13.009 1.00 13.37 ? 114 PHE A CG  1 
ATOM   879  C  CD1 . PHE A 1 114 ? -3.861  -3.989  -11.741 1.00 14.36 ? 114 PHE A CD1 1 
ATOM   880  C  CD2 . PHE A 1 114 ? -3.240  -2.487  -13.426 1.00 11.89 ? 114 PHE A CD2 1 
ATOM   881  C  CE1 . PHE A 1 114 ? -4.156  -2.914  -10.853 1.00 14.33 ? 114 PHE A CE1 1 
ATOM   882  C  CE2 . PHE A 1 114 ? -3.498  -1.411  -12.507 1.00 18.70 ? 114 PHE A CE2 1 
ATOM   883  C  CZ  . PHE A 1 114 ? -3.975  -1.643  -11.271 1.00 13.68 ? 114 PHE A CZ  1 
ATOM   884  N  N   . ALA A 1 115 ? -5.331  -5.455  -16.446 1.00 17.70 ? 115 ALA A N   1 
ATOM   885  C  CA  . ALA A 1 115 ? -6.003  -4.589  -17.425 1.00 20.18 ? 115 ALA A CA  1 
ATOM   886  C  C   . ALA A 1 115 ? -7.482  -4.516  -17.042 1.00 16.19 ? 115 ALA A C   1 
ATOM   887  O  O   . ALA A 1 115 ? -8.082  -3.432  -17.023 1.00 15.13 ? 115 ALA A O   1 
ATOM   888  N  N   . GLY A 1 116 ? -8.047  -5.671  -16.745 1.00 15.71 ? 116 GLY A N   1 
ATOM   889  C  CA  . GLY A 1 116 ? -9.433  -5.730  -16.258 1.00 13.15 ? 116 GLY A CA  1 
ATOM   890  C  C   . GLY A 1 116 ? -9.896  -5.143  -14.923 1.00 13.46 ? 116 GLY A C   1 
ATOM   891  O  O   . GLY A 1 116 ? -11.096 -4.916  -14.710 1.00 12.28 ? 116 GLY A O   1 
ATOM   892  N  N   . ALA A 1 117 ? -8.939  -4.907  -14.045 1.00 12.08 ? 117 ALA A N   1 
ATOM   893  C  CA  . ALA A 1 117 ? -9.237  -4.276  -12.754 1.00 10.85 ? 117 ALA A CA  1 
ATOM   894  C  C   . ALA A 1 117 ? -8.757  -2.831  -12.612 1.00 9.81  ? 117 ALA A C   1 
ATOM   895  O  O   . ALA A 1 117 ? -8.920  -2.207  -11.553 1.00 9.98  ? 117 ALA A O   1 
ATOM   896  C  CB  . ALA A 1 117 ? -8.499  -5.081  -11.673 1.00 11.40 ? 117 ALA A CB  1 
ATOM   897  N  N   . GLU A 1 118 ? -8.173  -2.323  -13.680 1.00 10.63 ? 118 GLU A N   1 
ATOM   898  C  CA  . GLU A 1 118 ? -7.483  -1.028  -13.618 1.00 10.63 ? 118 GLU A CA  1 
ATOM   899  C  C   . GLU A 1 118 ? -8.323  0.193   -13.242 1.00 12.19 ? 118 GLU A C   1 
ATOM   900  O  O   . GLU A 1 118 ? -7.919  1.008   -12.401 1.00 9.59  ? 118 GLU A O   1 
ATOM   901  C  CB  . GLU A 1 118 ? -6.832  -0.653  -14.978 1.00 13.64 ? 118 GLU A CB  1 
ATOM   902  C  CG  . GLU A 1 118 ? -5.831  0.512   -14.967 1.00 16.58 ? 118 GLU A CG  1 
ATOM   903  C  CD  . GLU A 1 118 ? -5.070  0.738   -16.315 1.00 30.55 ? 118 GLU A CD  1 
ATOM   904  O  OE1 . GLU A 1 118 ? -5.622  1.155   -17.287 1.00 43.26 ? 118 GLU A OE1 1 
ATOM   905  O  OE2 . GLU A 1 118 ? -3.901  0.425   -16.146 1.00 42.01 ? 118 GLU A OE2 1 
ATOM   906  N  N   . ALA A 1 119 ? -9.478  0.302   -13.872 1.00 10.38 ? 119 ALA A N   1 
ATOM   907  C  CA  . ALA A 1 119 ? -10.416 1.387   -13.547 1.00 9.02  ? 119 ALA A CA  1 
ATOM   908  C  C   . ALA A 1 119 ? -10.987 1.325   -12.144 1.00 9.16  ? 119 ALA A C   1 
ATOM   909  O  O   . ALA A 1 119 ? -11.109 2.356   -11.469 1.00 9.09  ? 119 ALA A O   1 
ATOM   910  C  CB  . ALA A 1 119 ? -11.611 1.256   -14.505 1.00 11.00 ? 119 ALA A CB  1 
ATOM   911  N  N   . ALA A 1 120 ? -11.335 0.127   -11.717 1.00 9.91  ? 120 ALA A N   1 
ATOM   912  C  CA  . ALA A 1 120 ? -11.827 -0.074  -10.345 1.00 10.17 ? 120 ALA A CA  1 
ATOM   913  C  C   . ALA A 1 120 ? -10.769 0.258   -9.290  1.00 8.47  ? 120 ALA A C   1 
ATOM   914  O  O   . ALA A 1 120 ? -11.069 0.871   -8.259  1.00 8.48  ? 120 ALA A O   1 
ATOM   915  C  CB  . ALA A 1 120 ? -12.161 -1.562  -10.164 1.00 9.92  ? 120 ALA A CB  1 
ATOM   916  N  N   . TRP A 1 121 ? -9.548  -0.153  -9.565  1.00 9.48  ? 121 TRP A N   1 
ATOM   917  C  CA  . TRP A 1 121 ? -8.417  0.220   -8.710  1.00 10.73 ? 121 TRP A CA  1 
ATOM   918  C  C   . TRP A 1 121 ? -8.153  1.727   -8.703  1.00 8.27  ? 121 TRP A C   1 
ATOM   919  O  O   . TRP A 1 121 ? -7.896  2.317   -7.655  1.00 8.69  ? 121 TRP A O   1 
ATOM   920  C  CB  . TRP A 1 121 ? -7.179  -0.523  -9.172  1.00 9.51  ? 121 TRP A CB  1 
ATOM   921  C  CG  . TRP A 1 121 ? -6.963  -1.918  -8.482  1.00 10.62 ? 121 TRP A CG  1 
ATOM   922  C  CD1 . TRP A 1 121 ? -6.856  -3.134  -9.031  1.00 9.30  ? 121 TRP A CD1 1 
ATOM   923  C  CD2 . TRP A 1 121 ? -6.760  -2.125  -7.118  1.00 8.82  ? 121 TRP A CD2 1 
ATOM   924  N  NE1 . TRP A 1 121 ? -6.678  -4.131  -7.996  1.00 10.54 ? 121 TRP A NE1 1 
ATOM   925  C  CE2 . TRP A 1 121 ? -6.576  -3.515  -6.884  1.00 10.14 ? 121 TRP A CE2 1 
ATOM   926  C  CE3 . TRP A 1 121 ? -6.719  -1.267  -6.060  1.00 11.74 ? 121 TRP A CE3 1 
ATOM   927  C  CZ2 . TRP A 1 121 ? -6.343  -4.103  -5.638  1.00 11.90 ? 121 TRP A CZ2 1 
ATOM   928  C  CZ3 . TRP A 1 121 ? -6.497  -1.870  -4.805  1.00 11.63 ? 121 TRP A CZ3 1 
ATOM   929  C  CH2 . TRP A 1 121 ? -6.275  -3.228  -4.619  1.00 9.92  ? 121 TRP A CH2 1 
ATOM   930  N  N   . GLY A 1 122 ? -8.232  2.324   -9.875  1.00 10.54 ? 122 GLY A N   1 
ATOM   931  C  CA  . GLY A 1 122 ? -8.187  3.788   -9.986  1.00 10.39 ? 122 GLY A CA  1 
ATOM   932  C  C   . GLY A 1 122 ? -9.197  4.483   -9.071  1.00 9.48  ? 122 GLY A C   1 
ATOM   933  O  O   . GLY A 1 122 ? -8.843  5.379   -8.293  1.00 8.82  ? 122 GLY A O   1 
ATOM   934  N  N   . ALA A 1 123 ? -10.425 4.065   -9.167  1.00 10.69 ? 123 ALA A N   1 
ATOM   935  C  CA  . ALA A 1 123 ? -11.485 4.615   -8.308  1.00 12.45 ? 123 ALA A CA  1 
ATOM   936  C  C   . ALA A 1 123 ? -11.215 4.432   -6.814  1.00 9.38  ? 123 ALA A C   1 
ATOM   937  O  O   . ALA A 1 123 ? -11.382 5.366   -6.018  1.00 10.29 ? 123 ALA A O   1 
ATOM   938  C  CB  . ALA A 1 123 ? -12.780 3.842   -8.608  1.00 10.08 ? 123 ALA A CB  1 
ATOM   939  N  N   . THR A 1 124 ? -10.806 3.234   -6.453  1.00 11.26 ? 124 THR A N   1 
ATOM   940  C  CA  . THR A 1 124 ? -10.478 2.937   -5.060  1.00 10.18 ? 124 THR A CA  1 
ATOM   941  C  C   . THR A 1 124 ? -9.352  3.795   -4.506  1.00 9.64  ? 124 THR A C   1 
ATOM   942  O  O   . THR A 1 124 ? -9.449  4.338   -3.398  1.00 9.50  ? 124 THR A O   1 
ATOM   943  C  CB  . THR A 1 124 ? -10.112 1.440   -4.986  1.00 12.52 ? 124 THR A CB  1 
ATOM   944  O  OG1 . THR A 1 124 ? -11.312 0.772   -5.330  1.00 10.12 ? 124 THR A OG1 1 
ATOM   945  C  CG2 . THR A 1 124 ? -9.670  1.021   -3.620  1.00 10.96 ? 124 THR A CG2 1 
ATOM   946  N  N   . LEU A 1 125 ? -8.291  3.906   -5.281  1.00 11.21 ? 125 LEU A N   1 
ATOM   947  C  CA  . LEU A 1 125 ? -7.067  4.560   -4.799  1.00 9.91  ? 125 LEU A CA  1 
ATOM   948  C  C   . LEU A 1 125 ? -7.216  6.083   -4.820  1.00 10.22 ? 125 LEU A C   1 
ATOM   949  O  O   . LEU A 1 125 ? -6.672  6.789   -3.959  1.00 9.77  ? 125 LEU A O   1 
ATOM   950  C  CB  . LEU A 1 125 ? -5.868  4.144   -5.675  1.00 10.53 ? 125 LEU A CB  1 
ATOM   951  C  CG  . LEU A 1 125 ? -5.358  2.721   -5.553  1.00 11.37 ? 125 LEU A CG  1 
ATOM   952  C  CD1 . LEU A 1 125 ? -4.297  2.474   -6.600  1.00 12.22 ? 125 LEU A CD1 1 
ATOM   953  C  CD2 . LEU A 1 125 ? -4.794  2.477   -4.178  1.00 11.89 ? 125 LEU A CD2 1 
ATOM   954  N  N   . ASP A 1 126 ? -7.948  6.570   -5.798  1.00 11.34 ? 126 ASP A N   1 
ATOM   955  C  CA  . ASP A 1 126 ? -8.343  7.991   -5.827  1.00 11.20 ? 126 ASP A CA  1 
ATOM   956  C  C   . ASP A 1 126 ? -9.221  8.409   -4.644  1.00 9.83  ? 126 ASP A C   1 
ATOM   957  O  O   . ASP A 1 126 ? -9.056  9.499   -4.080  1.00 10.05 ? 126 ASP A O   1 
ATOM   958  C  CB  . ASP A 1 126 ? -9.086  8.287   -7.132  1.00 11.66 ? 126 ASP A CB  1 
ATOM   959  C  CG  . ASP A 1 126 ? -8.132  8.479   -8.260  1.00 9.84  ? 126 ASP A CG  1 
ATOM   960  O  OD1 . ASP A 1 126 ? -6.924  8.543   -8.147  1.00 10.33 ? 126 ASP A OD1 1 
ATOM   961  O  OD2 . ASP A 1 126 ? -8.630  8.520   -9.353  1.00 10.08 ? 126 ASP A OD2 1 
ATOM   962  N  N   . THR A 1 127 ? -10.141 7.539   -4.285  1.00 10.98 ? 127 THR A N   1 
ATOM   963  C  CA  . THR A 1 127 ? -10.916 7.721   -3.047  1.00 12.48 ? 127 THR A CA  1 
ATOM   964  C  C   . THR A 1 127 ? -10.070 7.676   -1.772  1.00 10.55 ? 127 THR A C   1 
ATOM   965  O  O   . THR A 1 127 ? -10.176 8.554   -0.908  1.00 11.09 ? 127 THR A O   1 
ATOM   966  C  CB  . THR A 1 127 ? -11.984 6.622   -3.020  1.00 11.70 ? 127 THR A CB  1 
ATOM   967  O  OG1 . THR A 1 127 ? -12.809 6.941   -4.116  1.00 14.22 ? 127 THR A OG1 1 
ATOM   968  C  CG2 . THR A 1 127 ? -12.772 6.617   -1.741  1.00 14.92 ? 127 THR A CG2 1 
ATOM   969  N  N   . PHE A 1 128 ? -9.241  6.656   -1.676  1.00 12.22 ? 128 PHE A N   1 
ATOM   970  C  CA  . PHE A 1 128 ? -8.378  6.483   -0.492  1.00 11.04 ? 128 PHE A CA  1 
ATOM   971  C  C   . PHE A 1 128 ? -7.365  7.610   -0.281  1.00 9.88  ? 128 PHE A C   1 
ATOM   972  O  O   . PHE A 1 128 ? -7.282  8.197   0.803   1.00 10.50 ? 128 PHE A O   1 
ATOM   973  C  CB  . PHE A 1 128 ? -7.638  5.165   -0.605  1.00 13.07 ? 128 PHE A CB  1 
ATOM   974  C  CG  . PHE A 1 128 ? -6.667  4.710   0.441   1.00 12.29 ? 128 PHE A CG  1 
ATOM   975  C  CD1 . PHE A 1 128 ? -7.050  4.716   1.738   1.00 14.55 ? 128 PHE A CD1 1 
ATOM   976  C  CD2 . PHE A 1 128 ? -5.433  4.210   0.115   1.00 14.63 ? 128 PHE A CD2 1 
ATOM   977  C  CE1 . PHE A 1 128 ? -6.178  4.284   2.779   1.00 12.35 ? 128 PHE A CE1 1 
ATOM   978  C  CE2 . PHE A 1 128 ? -4.577  3.736   1.169   1.00 17.21 ? 128 PHE A CE2 1 
ATOM   979  C  CZ  . PHE A 1 128 ? -4.948  3.812   2.461   1.00 13.37 ? 128 PHE A CZ  1 
ATOM   980  N  N   . PHE A 1 129 ? -6.609  7.897   -1.323  1.00 12.42 ? 129 PHE A N   1 
ATOM   981  C  CA  . PHE A 1 129 ? -5.559  8.926   -1.246  1.00 12.78 ? 129 PHE A CA  1 
ATOM   982  C  C   . PHE A 1 129 ? -6.199  10.315  -1.208  1.00 12.52 ? 129 PHE A C   1 
ATOM   983  O  O   . PHE A 1 129 ? -5.680  11.240  -0.568  1.00 11.93 ? 129 PHE A O   1 
ATOM   984  C  CB  . PHE A 1 129 ? -4.628  8.780   -2.433  1.00 11.26 ? 129 PHE A CB  1 
ATOM   985  C  CG  . PHE A 1 129 ? -3.626  7.694   -2.155  1.00 12.22 ? 129 PHE A CG  1 
ATOM   986  C  CD1 . PHE A 1 129 ? -3.679  6.545   -2.875  1.00 12.83 ? 129 PHE A CD1 1 
ATOM   987  C  CD2 . PHE A 1 129 ? -2.612  7.861   -1.252  1.00 14.72 ? 129 PHE A CD2 1 
ATOM   988  C  CE1 . PHE A 1 129 ? -2.747  5.487   -2.668  1.00 13.60 ? 129 PHE A CE1 1 
ATOM   989  C  CE2 . PHE A 1 129 ? -1.651  6.806   -1.083  1.00 13.44 ? 129 PHE A CE2 1 
ATOM   990  C  CZ  . PHE A 1 129 ? -1.755  5.648   -1.757  1.00 15.70 ? 129 PHE A CZ  1 
ATOM   991  N  N   . GLY A 1 130 ? -7.317  10.447  -1.889  1.00 12.28 ? 130 GLY A N   1 
ATOM   992  C  CA  . GLY A 1 130 ? -8.196  11.607  -1.693  1.00 14.34 ? 130 GLY A CA  1 
ATOM   993  C  C   . GLY A 1 130 ? -8.569  11.971  -0.252  1.00 14.17 ? 130 GLY A C   1 
ATOM   994  O  O   . GLY A 1 130 ? -8.541  13.146  0.135   1.00 12.10 ? 130 GLY A O   1 
ATOM   995  N  N   . MET A 1 131 ? -8.913  10.958  0.519   1.00 12.69 ? 131 MET A N   1 
ATOM   996  C  CA  . MET A 1 131 ? -9.162  11.148  1.955   1.00 12.70 ? 131 MET A CA  1 
ATOM   997  C  C   . MET A 1 131 ? -7.926  11.468  2.802   1.00 11.03 ? 131 MET A C   1 
ATOM   998  O  O   . MET A 1 131 ? -7.964  12.341  3.678   1.00 12.44 ? 131 MET A O   1 
ATOM   999  C  CB  . MET A 1 131 ? -9.816  9.875   2.555   1.00 11.62 ? 131 MET A CB  1 
ATOM   1000 C  CG  A MET A 1 131 ? -10.807 10.233  3.635   0.50 13.00 ? 131 MET A CG  1 
ATOM   1001 C  CG  B MET A 1 131 ? -11.294 9.838   2.251   0.50 14.92 ? 131 MET A CG  1 
ATOM   1002 S  SD  A MET A 1 131 ? -11.734 8.802   4.181   0.50 14.82 ? 131 MET A SD  1 
ATOM   1003 S  SD  B MET A 1 131 ? -12.065 8.356   2.895   0.50 20.32 ? 131 MET A SD  1 
ATOM   1004 C  CE  A MET A 1 131 ? -12.040 8.040   2.609   0.50 30.85 ? 131 MET A CE  1 
ATOM   1005 C  CE  B MET A 1 131 ? -11.283 8.294   4.486   0.50 29.16 ? 131 MET A CE  1 
ATOM   1006 N  N   . ILE A 1 132 ? -6.849  10.758  2.530   1.00 11.79 ? 132 ILE A N   1 
ATOM   1007 C  CA  . ILE A 1 132 ? -5.590  10.970  3.268   1.00 12.20 ? 132 ILE A CA  1 
ATOM   1008 C  C   . ILE A 1 132 ? -5.116  12.407  3.035   1.00 11.97 ? 132 ILE A C   1 
ATOM   1009 O  O   . ILE A 1 132 ? -4.713  13.104  3.975   1.00 9.72  ? 132 ILE A O   1 
ATOM   1010 C  CB  . ILE A 1 132 ? -4.486  9.992   2.793   1.00 12.39 ? 132 ILE A CB  1 
ATOM   1011 C  CG1 . ILE A 1 132 ? -4.766  8.516   3.194   1.00 11.63 ? 132 ILE A CG1 1 
ATOM   1012 C  CG2 . ILE A 1 132 ? -3.234  10.632  3.388   1.00 15.27 ? 132 ILE A CG2 1 
ATOM   1013 C  CD1 . ILE A 1 132 ? -3.831  7.492   2.510   1.00 16.29 ? 132 ILE A CD1 1 
ATOM   1014 N  N   . PHE A 1 133 ? -5.170  12.831  1.790   1.00 12.86 ? 133 PHE A N   1 
ATOM   1015 C  CA  . PHE A 1 133 ? -4.625  14.146  1.410   1.00 11.85 ? 133 PHE A CA  1 
ATOM   1016 C  C   . PHE A 1 133 ? -5.468  15.310  1.936   1.00 11.87 ? 133 PHE A C   1 
ATOM   1017 O  O   . PHE A 1 133 ? -5.003  16.431  2.035   1.00 14.85 ? 133 PHE A O   1 
ATOM   1018 C  CB  . PHE A 1 133 ? -4.536  14.202  -0.087  1.00 12.64 ? 133 PHE A CB  1 
ATOM   1019 C  CG  . PHE A 1 133 ? -3.382  13.550  -0.791  1.00 16.64 ? 133 PHE A CG  1 
ATOM   1020 C  CD1 . PHE A 1 133 ? -2.711  12.568  -0.200  1.00 16.74 ? 133 PHE A CD1 1 
ATOM   1021 C  CD2 . PHE A 1 133 ? -3.036  13.879  -2.074  1.00 24.35 ? 133 PHE A CD2 1 
ATOM   1022 C  CE1 . PHE A 1 133 ? -1.615  11.903  -0.822  1.00 14.79 ? 133 PHE A CE1 1 
ATOM   1023 C  CE2 . PHE A 1 133 ? -1.959  13.174  -2.708  1.00 20.51 ? 133 PHE A CE2 1 
ATOM   1024 C  CZ  . PHE A 1 133 ? -1.259  12.230  -2.059  1.00 13.88 ? 133 PHE A CZ  1 
ATOM   1025 N  N   . SER A 1 134 ? -6.703  15.006  2.286   1.00 12.47 ? 134 SER A N   1 
ATOM   1026 C  CA  . SER A 1 134 ? -7.572  16.000  2.938   1.00 14.28 ? 134 SER A CA  1 
ATOM   1027 C  C   . SER A 1 134 ? -7.271  16.167  4.430   1.00 16.54 ? 134 SER A C   1 
ATOM   1028 O  O   . SER A 1 134 ? -7.730  17.124  5.067   1.00 15.54 ? 134 SER A O   1 
ATOM   1029 C  CB  . SER A 1 134 ? -9.028  15.600  2.783   1.00 13.48 ? 134 SER A CB  1 
ATOM   1030 O  OG  . SER A 1 134 ? -9.448  14.707  3.808   1.00 11.90 ? 134 SER A OG  1 
ATOM   1031 N  N   . LYS A 1 135 ? -6.504  15.235  4.965   1.00 14.62 ? 135 LYS A N   1 
ATOM   1032 C  CA  . LYS A 1 135 ? -6.259  15.195  6.419   1.00 13.06 ? 135 LYS A CA  1 
ATOM   1033 C  C   . LYS A 1 135 ? -4.800  15.419  6.821   1.00 13.67 ? 135 LYS A C   1 
ATOM   1034 O  O   . LYS A 1 135 ? -4.503  15.768  7.973   1.00 16.52 ? 135 LYS A O   1 
ATOM   1035 C  CB  . LYS A 1 135 ? -6.685  13.851  7.007   1.00 14.64 ? 135 LYS A CB  1 
ATOM   1036 C  CG  . LYS A 1 135 ? -8.157  13.517  6.836   1.00 13.36 ? 135 LYS A CG  1 
ATOM   1037 C  CD  . LYS A 1 135 ? -8.443  12.070  7.235   1.00 14.38 ? 135 LYS A CD  1 
ATOM   1038 C  CE  . LYS A 1 135 ? -9.810  11.612  6.747   1.00 15.48 ? 135 LYS A CE  1 
ATOM   1039 N  NZ  . LYS A 1 135 ? -10.868 11.992  7.707   1.00 14.73 ? 135 LYS A NZ  1 
ATOM   1040 N  N   . MET A 1 136 ? -3.910  15.217  5.870   1.00 15.35 ? 136 MET A N   1 
ATOM   1041 C  CA  . MET A 1 136 ? -2.479  15.459  6.108   1.00 16.70 ? 136 MET A CA  1 
ATOM   1042 C  C   . MET A 1 136 ? -1.644  15.752  4.859   1.00 16.31 ? 136 MET A C   1 
ATOM   1043 O  O   . MET A 1 136 ? -0.447  16.063  4.952   1.00 18.06 ? 136 MET A O   1 
ATOM   1044 C  CB  . MET A 1 136 ? -1.841  14.229  6.805   1.00 14.04 ? 136 MET A CB  1 
ATOM   1045 C  CG  . MET A 1 136 ? -1.666  13.081  5.831   1.00 18.29 ? 136 MET A CG  1 
ATOM   1046 S  SD  . MET A 1 136 ? -1.084  11.601  6.651   1.00 15.49 ? 136 MET A SD  1 
ATOM   1047 C  CE  . MET A 1 136 ? 0.595   11.613  6.092   1.00 21.00 ? 136 MET A CE  1 
ATOM   1048 O  OXT . MET A 1 136 ? -2.286  15.649  3.712   1.00 14.87 ? 136 MET A OXT 1 
HETATM 1049 C  CHA . HEM B 2 .   ? 4.530   1.498   10.012  1.00 13.80 ? 137 HEM A CHA 1 
HETATM 1050 C  CHB . HEM B 2 .   ? 6.531   4.892   7.195   1.00 12.05 ? 137 HEM A CHB 1 
HETATM 1051 C  CHC . HEM B 2 .   ? 2.800   4.544   4.151   1.00 15.38 ? 137 HEM A CHC 1 
HETATM 1052 C  CHD . HEM B 2 .   ? 0.636   1.435   7.158   1.00 13.85 ? 137 HEM A CHD 1 
HETATM 1053 C  C1A . HEM B 2 .   ? 5.407   2.450   9.509   1.00 15.79 ? 137 HEM A C1A 1 
HETATM 1054 C  C2A . HEM B 2 .   ? 6.579   2.962   10.200  1.00 16.22 ? 137 HEM A C2A 1 
HETATM 1055 C  C3A . HEM B 2 .   ? 7.132   3.896   9.420   1.00 14.92 ? 137 HEM A C3A 1 
HETATM 1056 C  C4A . HEM B 2 .   ? 6.319   3.996   8.219   1.00 14.74 ? 137 HEM A C4A 1 
HETATM 1057 C  CMA . HEM B 2 .   ? 8.378   4.697   9.745   1.00 16.50 ? 137 HEM A CMA 1 
HETATM 1058 C  CAA . HEM B 2 .   ? 7.096   2.527   11.555  1.00 18.47 ? 137 HEM A CAA 1 
HETATM 1059 C  CBA . HEM B 2 .   ? 7.957   1.318   11.360  1.00 18.26 ? 137 HEM A CBA 1 
HETATM 1060 C  CGA . HEM B 2 .   ? 8.392   0.817   12.736  1.00 27.82 ? 137 HEM A CGA 1 
HETATM 1061 O  O1A . HEM B 2 .   ? 8.262   -0.311  13.034  1.00 23.45 ? 137 HEM A O1A 1 
HETATM 1062 O  O2A . HEM B 2 .   ? 8.881   1.587   13.543  1.00 27.10 ? 137 HEM A O2A 1 
HETATM 1063 C  C1B . HEM B 2 .   ? 5.697   5.084   6.116   1.00 16.05 ? 137 HEM A C1B 1 
HETATM 1064 C  C2B . HEM B 2 .   ? 5.928   6.031   5.035   1.00 11.97 ? 137 HEM A C2B 1 
HETATM 1065 C  C3B . HEM B 2 .   ? 4.898   5.935   4.194   1.00 12.38 ? 137 HEM A C3B 1 
HETATM 1066 C  C4B . HEM B 2 .   ? 3.992   4.925   4.724   1.00 13.51 ? 137 HEM A C4B 1 
HETATM 1067 C  CMB . HEM B 2 .   ? 7.114   6.963   4.874   1.00 16.24 ? 137 HEM A CMB 1 
HETATM 1068 C  CAB . HEM B 2 .   ? 4.720   6.740   2.921   1.00 14.40 ? 137 HEM A CAB 1 
HETATM 1069 C  CBB . HEM B 2 .   ? 4.244   6.161   1.822   1.00 15.44 ? 137 HEM A CBB 1 
HETATM 1070 C  C1C . HEM B 2 .   ? 1.878   3.685   4.712   1.00 13.25 ? 137 HEM A C1C 1 
HETATM 1071 C  C2C . HEM B 2 .   ? 0.604   3.311   4.114   1.00 13.20 ? 137 HEM A C2C 1 
HETATM 1072 C  C3C . HEM B 2 .   ? 0.006   2.452   4.945   1.00 12.66 ? 137 HEM A C3C 1 
HETATM 1073 C  C4C . HEM B 2 .   ? 0.888   2.264   6.086   1.00 12.45 ? 137 HEM A C4C 1 
HETATM 1074 C  CMC . HEM B 2 .   ? 0.043   3.796   2.794   1.00 15.90 ? 137 HEM A CMC 1 
HETATM 1075 C  CAC . HEM B 2 .   ? -1.345  1.802   4.724   1.00 17.34 ? 137 HEM A CAC 1 
HETATM 1076 C  CBC . HEM B 2 .   ? -1.445  0.480   4.597   0.00 0.00  ? 137 HEM A CBC 1 
HETATM 1077 C  C1D . HEM B 2 .   ? 1.510   1.171   8.187   1.00 16.61 ? 137 HEM A C1D 1 
HETATM 1078 C  C2D . HEM B 2 .   ? 1.246   0.275   9.302   1.00 16.00 ? 137 HEM A C2D 1 
HETATM 1079 C  C3D . HEM B 2 .   ? 2.322   0.293   10.089  1.00 17.43 ? 137 HEM A C3D 1 
HETATM 1080 C  C4D . HEM B 2 .   ? 3.289   1.201   9.492   1.00 11.97 ? 137 HEM A C4D 1 
HETATM 1081 C  CMD . HEM B 2 .   ? -0.012  -0.538  9.542   1.00 13.62 ? 137 HEM A CMD 1 
HETATM 1082 C  CAD . HEM B 2 .   ? 2.486   -0.497  11.373  1.00 15.12 ? 137 HEM A CAD 1 
HETATM 1083 C  CBD . HEM B 2 .   ? 1.801   0.258   12.459  1.00 14.43 ? 137 HEM A CBD 1 
HETATM 1084 C  CGD . HEM B 2 .   ? 2.596   1.534   12.722  1.00 14.53 ? 137 HEM A CGD 1 
HETATM 1085 O  O1D . HEM B 2 .   ? 3.602   1.501   13.327  1.00 15.93 ? 137 HEM A O1D 1 
HETATM 1086 O  O2D . HEM B 2 .   ? 2.191   2.606   12.302  1.00 14.81 ? 137 HEM A O2D 1 
HETATM 1087 N  NA  . HEM B 2 .   ? 5.267   3.100   8.296   1.00 15.51 ? 137 HEM A NA  1 
HETATM 1088 N  NB  . HEM B 2 .   ? 4.504   4.417   5.903   1.00 13.61 ? 137 HEM A NB  1 
HETATM 1089 N  NC  . HEM B 2 .   ? 2.029   3.030   5.919   1.00 16.08 ? 137 HEM A NC  1 
HETATM 1090 N  ND  . HEM B 2 .   ? 2.769   1.728   8.325   1.00 13.75 ? 137 HEM A ND  1 
HETATM 1091 FE FE  . HEM B 2 .   ? 3.602   3.173   7.156   1.00 8.23  ? 137 HEM A FE  1 
HETATM 1092 C  C   . CMO C 3 .   ? 4.730   1.629   5.703   1.00 11.24 ? 138 CMO A C   1 
HETATM 1093 O  O   . CMO C 3 .   ? 5.153   1.155   4.745   1.00 21.35 ? 138 CMO A O   1 
HETATM 1094 O  O   . HOH D 4 .   ? 5.718   -2.220  10.918  0.74 22.26 ? 139 HOH A O   1 
HETATM 1095 O  O   . HOH D 4 .   ? 5.824   -0.914  13.002  0.64 18.40 ? 140 HOH A O   1 
HETATM 1096 O  O   . HOH D 4 .   ? 5.191   -12.687 1.854   0.77 15.41 ? 141 HOH A O   1 
HETATM 1097 O  O   . HOH D 4 .   ? 8.233   5.754   14.032  0.72 18.03 ? 142 HOH A O   1 
HETATM 1098 O  O   . HOH D 4 .   ? 2.788   -8.533  -16.138 0.53 18.24 ? 143 HOH A O   1 
HETATM 1099 O  O   . HOH D 4 .   ? -15.595 -7.857  2.251   0.62 16.55 ? 144 HOH A O   1 
HETATM 1100 O  O   . HOH D 4 .   ? -20.128 5.369   -7.809  0.72 19.88 ? 145 HOH A O   1 
HETATM 1101 O  O   . HOH D 4 .   ? -10.849 -8.648  -10.674 0.90 11.16 ? 146 HOH A O   1 
HETATM 1102 O  O   . HOH D 4 .   ? -15.388 -3.623  -12.557 0.58 14.27 ? 147 HOH A O   1 
HETATM 1103 O  O   . HOH D 4 .   ? -17.269 -7.795  -0.423  0.76 10.55 ? 148 HOH A O   1 
HETATM 1104 O  O   . HOH D 4 .   ? -9.549  -9.287  -1.281  0.76 11.92 ? 149 HOH A O   1 
HETATM 1105 O  O   . HOH D 4 .   ? -10.935 -7.946  0.433   0.83 13.29 ? 150 HOH A O   1 
HETATM 1106 O  O   . HOH D 4 .   ? -12.033 -1.137  12.835  0.74 17.77 ? 151 HOH A O   1 
HETATM 1107 O  O   . HOH D 4 .   ? -9.137  -11.567 0.168   0.68 20.44 ? 152 HOH A O   1 
HETATM 1108 O  O   . HOH D 4 .   ? -2.283  -14.489 -2.568  0.71 16.67 ? 153 HOH A O   1 
HETATM 1109 O  O   . HOH D 4 .   ? -3.690  -15.526 0.549   0.55 15.76 ? 154 HOH A O   1 
HETATM 1110 O  O   . HOH D 4 .   ? 8.011   -12.116 -2.335  0.68 13.18 ? 155 HOH A O   1 
HETATM 1111 O  O   . HOH D 4 .   ? 7.307   -5.967  -8.537  0.58 13.36 ? 156 HOH A O   1 
HETATM 1112 O  O   . HOH D 4 .   ? 7.899   -7.261  -5.897  0.77 11.47 ? 157 HOH A O   1 
HETATM 1113 O  O   . HOH D 4 .   ? 8.512   -0.456  -7.606  0.85 14.76 ? 158 HOH A O   1 
HETATM 1114 O  O   . HOH D 4 .   ? 11.149  2.595   -9.831  0.73 18.67 ? 159 HOH A O   1 
HETATM 1115 O  O   . HOH D 4 .   ? 15.202  0.984   -1.455  0.48 18.05 ? 160 HOH A O   1 
HETATM 1116 O  O   . HOH D 4 .   ? 9.998   11.255  -2.105  0.73 10.22 ? 161 HOH A O   1 
HETATM 1117 O  O   . HOH D 4 .   ? 13.264  9.716   4.324   0.68 15.05 ? 162 HOH A O   1 
HETATM 1118 O  O   . HOH D 4 .   ? 15.708  5.939   10.092  0.76 24.97 ? 163 HOH A O   1 
HETATM 1119 O  O   . HOH D 4 .   ? 10.159  7.612   11.290  0.62 24.38 ? 164 HOH A O   1 
HETATM 1120 O  O   . HOH D 4 .   ? 19.528  2.971   11.618  0.62 16.08 ? 165 HOH A O   1 
HETATM 1121 O  O   . HOH D 4 .   ? 19.405  0.116   9.812   0.64 15.15 ? 166 HOH A O   1 
HETATM 1122 O  O   . HOH D 4 .   ? 12.291  -0.445  11.506  0.77 12.76 ? 167 HOH A O   1 
HETATM 1123 O  O   . HOH D 4 .   ? -19.066 7.779   -6.249  0.70 17.40 ? 168 HOH A O   1 
HETATM 1124 O  O   . HOH D 4 .   ? 18.382  4.152   3.717   0.72 15.90 ? 169 HOH A O   1 
HETATM 1125 O  O   . HOH D 4 .   ? 22.306  -8.253  -3.480  0.56 11.93 ? 170 HOH A O   1 
HETATM 1126 O  O   . HOH D 4 .   ? 19.269  -2.386  -3.403  0.78 9.63  ? 171 HOH A O   1 
HETATM 1127 O  O   . HOH D 4 .   ? 21.869  -5.099  -4.756  0.74 20.04 ? 172 HOH A O   1 
HETATM 1128 O  O   . HOH D 4 .   ? 17.371  -2.535  -5.201  0.77 14.40 ? 173 HOH A O   1 
HETATM 1129 O  O   . HOH D 4 .   ? 22.911  -4.623  3.631   0.74 12.80 ? 174 HOH A O   1 
HETATM 1130 O  O   . HOH D 4 .   ? 24.330  -7.155  2.703   0.51 32.82 ? 175 HOH A O   1 
HETATM 1131 O  O   . HOH D 4 .   ? 17.017  -11.880 0.013   0.61 21.20 ? 176 HOH A O   1 
HETATM 1132 O  O   . HOH D 4 .   ? 11.015  -11.583 4.251   0.66 12.65 ? 177 HOH A O   1 
HETATM 1133 O  O   . HOH D 4 .   ? 15.762  -13.504 9.062   0.67 13.10 ? 178 HOH A O   1 
HETATM 1134 O  O   . HOH D 4 .   ? 3.618   -8.832  11.728  0.80 11.55 ? 179 HOH A O   1 
HETATM 1135 O  O   . HOH D 4 .   ? 1.063   -8.644  12.823  0.75 13.90 ? 180 HOH A O   1 
HETATM 1136 O  O   . HOH D 4 .   ? -1.452  -8.022  10.051  0.80 15.80 ? 181 HOH A O   1 
HETATM 1137 O  O   . HOH D 4 .   ? -1.019  -9.487  6.167   0.68 17.63 ? 182 HOH A O   1 
HETATM 1138 O  O   . HOH D 4 .   ? -5.600  -8.020  7.911   0.81 12.00 ? 183 HOH A O   1 
HETATM 1139 O  O   . HOH D 4 .   ? -7.568  -8.607  6.461   0.73 14.93 ? 184 HOH A O   1 
HETATM 1140 O  O   . HOH D 4 .   ? -8.013  -10.330 2.416   0.64 16.71 ? 185 HOH A O   1 
HETATM 1141 O  O   . HOH D 4 .   ? -9.260  -7.835  2.581   0.66 16.98 ? 186 HOH A O   1 
HETATM 1142 O  O   . HOH D 4 .   ? -11.985 -5.455  6.673   0.88 11.96 ? 187 HOH A O   1 
HETATM 1143 O  O   . HOH D 4 .   ? -14.758 -5.974  6.900   0.56 22.72 ? 188 HOH A O   1 
HETATM 1144 O  O   . HOH D 4 .   ? -12.943 -3.928  9.084   0.73 13.09 ? 189 HOH A O   1 
HETATM 1145 O  O   . HOH D 4 .   ? -16.862 -4.564  1.099   0.67 11.90 ? 190 HOH A O   1 
HETATM 1146 O  O   . HOH D 4 .   ? -15.414 4.411   9.019   0.66 12.40 ? 191 HOH A O   1 
HETATM 1147 O  O   . HOH D 4 .   ? -12.941 2.320   8.712   0.78 12.95 ? 192 HOH A O   1 
HETATM 1148 O  O   . HOH D 4 .   ? -15.750 6.419   4.956   0.75 16.85 ? 193 HOH A O   1 
HETATM 1149 O  O   . HOH D 4 .   ? -10.067 5.873   14.204  0.72 17.82 ? 194 HOH A O   1 
HETATM 1150 O  O   . HOH D 4 .   ? -6.539  11.291  12.735  0.75 11.19 ? 195 HOH A O   1 
HETATM 1151 O  O   . HOH D 4 .   ? -7.350  13.098  10.825  0.75 12.57 ? 196 HOH A O   1 
HETATM 1152 O  O   . HOH D 4 .   ? -12.169 7.955   13.771  0.81 16.73 ? 197 HOH A O   1 
HETATM 1153 O  O   . HOH D 4 .   ? -1.028  11.695  16.157  0.66 13.70 ? 198 HOH A O   1 
HETATM 1154 O  O   . HOH D 4 .   ? -0.371  2.823   11.456  0.75 12.19 ? 199 HOH A O   1 
HETATM 1155 O  O   . HOH D 4 .   ? 3.676   7.306   15.216  0.75 20.16 ? 200 HOH A O   1 
HETATM 1156 O  O   . HOH D 4 .   ? 1.521   6.308   16.866  0.67 33.80 ? 201 HOH A O   1 
HETATM 1157 O  O   . HOH D 4 .   ? 8.767   15.809  6.224   0.57 19.13 ? 202 HOH A O   1 
HETATM 1158 O  O   . HOH D 4 .   ? 3.216   14.585  7.693   0.54 14.52 ? 203 HOH A O   1 
HETATM 1159 O  O   . HOH D 4 .   ? 9.184   13.336  -0.061  0.73 11.73 ? 204 HOH A O   1 
HETATM 1160 O  O   . HOH D 4 .   ? 3.414   16.855  1.824   0.76 12.15 ? 205 HOH A O   1 
HETATM 1161 O  O   . HOH D 4 .   ? -0.311  16.032  -3.146  0.65 18.03 ? 206 HOH A O   1 
HETATM 1162 O  O   . HOH D 4 .   ? 5.073   16.515  -0.913  0.64 17.39 ? 207 HOH A O   1 
HETATM 1163 O  O   . HOH D 4 .   ? -2.890  9.704   -5.598  0.86 10.38 ? 208 HOH A O   1 
HETATM 1164 O  O   . HOH D 4 .   ? 1.225   7.872   -8.158  0.67 14.57 ? 209 HOH A O   1 
HETATM 1165 O  O   . HOH D 4 .   ? -0.939  9.613   -8.900  0.67 17.43 ? 210 HOH A O   1 
HETATM 1166 O  O   . HOH D 4 .   ? -4.320  4.080   -10.595 0.65 19.38 ? 211 HOH A O   1 
HETATM 1167 O  O   . HOH D 4 .   ? -2.042  5.086   -10.272 0.73 14.83 ? 212 HOH A O   1 
HETATM 1168 O  O   . HOH D 4 .   ? -2.468  7.601   -11.270 0.68 20.93 ? 213 HOH A O   1 
HETATM 1169 O  O   . HOH D 4 .   ? 3.278   2.517   -11.285 0.73 15.49 ? 214 HOH A O   1 
HETATM 1170 O  O   . HOH D 4 .   ? 4.955   -3.257  -13.639 0.69 11.75 ? 215 HOH A O   1 
HETATM 1171 O  O   . HOH D 4 .   ? 1.462   -12.288 -6.099  0.58 11.21 ? 216 HOH A O   1 
HETATM 1172 O  O   . HOH D 4 .   ? -5.399  -7.769  -10.982 0.75 11.63 ? 217 HOH A O   1 
HETATM 1173 O  O   . HOH D 4 .   ? -0.497  -6.009  -16.509 0.74 21.75 ? 218 HOH A O   1 
HETATM 1174 O  O   . HOH D 4 .   ? -7.740  -8.850  -16.952 0.74 25.22 ? 219 HOH A O   1 
HETATM 1175 O  O   . HOH D 4 .   ? -5.482  -13.567 -17.912 0.66 21.61 ? 220 HOH A O   1 
HETATM 1176 O  O   . HOH D 4 .   ? -3.872  -12.372 -13.265 0.62 12.57 ? 221 HOH A O   1 
HETATM 1177 O  O   . HOH D 4 .   ? -10.350 -1.627  -16.168 0.65 13.02 ? 222 HOH A O   1 
HETATM 1178 O  O   . HOH D 4 .   ? -5.257  2.173   -11.751 0.68 16.94 ? 223 HOH A O   1 
HETATM 1179 O  O   . HOH D 4 .   ? -14.395 -1.155  -13.914 0.54 16.20 ? 224 HOH A O   1 
HETATM 1180 O  O   . HOH D 4 .   ? -12.030 -2.134  -13.596 0.74 10.14 ? 225 HOH A O   1 
HETATM 1181 O  O   . HOH D 4 .   ? -5.447  10.259  -9.589  0.83 11.27 ? 226 HOH A O   1 
HETATM 1182 O  O   . HOH D 4 .   ? 15.262  2.039   -5.773  0.97 11.93 ? 227 HOH A O   1 
HETATM 1183 O  O   . HOH D 4 .   ? -10.708 11.721  -4.925  0.75 12.84 ? 228 HOH A O   1 
HETATM 1184 O  O   . HOH D 4 .   ? -12.191 9.606   -5.918  0.48 23.47 ? 229 HOH A O   1 
HETATM 1185 O  O   . HOH D 4 .   ? -12.080 10.734  -1.119  0.85 15.35 ? 230 HOH A O   1 
HETATM 1186 O  O   . HOH D 4 .   ? -3.540  18.778  3.817   0.74 18.64 ? 231 HOH A O   1 
HETATM 1187 O  O   . HOH D 4 .   ? -5.623  15.442  10.679  0.73 15.90 ? 232 HOH A O   1 
# 
